data_1MQM
#
_entry.id   1MQM
#
_cell.length_a   146.923
_cell.length_b   147.285
_cell.length_c   250.628
_cell.angle_alpha   90.00
_cell.angle_beta   90.00
_cell.angle_gamma   90.00
#
_symmetry.space_group_name_H-M   'C 2 2 21'
#
loop_
_entity.id
_entity.type
_entity.pdbx_description
1 polymer 'Hemagglutinin HA1 chain'
2 polymer 'Hemagglutinin HA2 chain'
3 branched 2-acetamido-2-deoxy-beta-D-glucopyranose-(1-4)-2-acetamido-2-deoxy-beta-D-glucopyranose
4 branched alpha-D-mannopyranose-(1-3)-beta-D-mannopyranose-(1-4)-2-acetamido-2-deoxy-beta-D-glucopyranose-(1-4)-2-acetamido-2-deoxy-beta-D-glucopyranose
5 branched 'N-acetyl-alpha-neuraminic acid-(2-3)-beta-D-galactopyranose-(1-3)-2-acetamido-2-deoxy-beta-D-glucopyranose'
6 branched 'N-acetyl-alpha-neuraminic acid-(2-3)-beta-D-galactopyranose'
7 non-polymer 2-acetamido-2-deoxy-beta-D-glucopyranose
8 water water
#
loop_
_entity_poly.entity_id
_entity_poly.type
_entity_poly.pdbx_seq_one_letter_code
_entity_poly.pdbx_strand_id
1 'polypeptide(L)'
;QDLPGNDNSTATLCLGHHAVPNGTIVKTITDDQIEVTNATELVQSSSTGKICNNPHRILDGRACTLIDALLGDPHCDVFQ
NETWDLFVERSNAFSNCYPYDIPDYASLRSLVASSGTLEFITEGFTWTGVTQNGGSSACKRGPANGFFSRLNWLTKSESA
YPVLNVTMPNNDNFDKLYIWGVHHPSTNQEQTNLYVQASGRVTVSTRRSQQTIIPNIGSRPWVRGQPGRISIYWTIVKPG
DVLVINSNGNLIAPRGYFKMRTGKSSIMRSDAPIDTCISECITPNGSIPNDKPFQNVNKITYGACPKYVKQNTLKLATGM
RNVPEKQTR
;
A,D,G
2 'polypeptide(L)'
;GLFGAIAGFIENGWEGMIDGWYGFRHQNSEGTGQAADLKSTQAAIDQINRKLNRVIEKTNEKFHQIEKEFSEVEGRIQDL
EKYVEDTKIDLWSYNAELLVALENQHTIDLADSEMNKLFEKTRRQLRENAEDMGNGCFKIYHKCDNACIESIRNGTYDHD
IYRDEALNNRFQIKGVELKSGYKDWILWISFAISCLLLCVVLLGFIMWACQRGNIRCNICI
;
B,E,H
#
loop_
_chem_comp.id
_chem_comp.type
_chem_comp.name
_chem_comp.formula
BMA D-saccharide, beta linking beta-D-mannopyranose 'C6 H12 O6'
GAL D-saccharide, beta linking beta-D-galactopyranose 'C6 H12 O6'
MAN D-saccharide, alpha linking alpha-D-mannopyranose 'C6 H12 O6'
NAG D-saccharide, beta linking 2-acetamido-2-deoxy-beta-D-glucopyranose 'C8 H15 N O6'
SIA D-saccharide, alpha linking 'N-acetyl-alpha-neuraminic acid' 'C11 H19 N O9'
#
# COMPACT_ATOMS: atom_id res chain seq x y z
N SER A 9 -27.05 57.65 -26.64
CA SER A 9 -27.93 57.80 -25.44
C SER A 9 -27.59 56.79 -24.34
N THR A 10 -27.56 55.50 -24.71
CA THR A 10 -27.23 54.42 -23.78
C THR A 10 -26.02 53.66 -24.31
N ALA A 11 -25.37 52.91 -23.44
CA ALA A 11 -24.19 52.11 -23.82
C ALA A 11 -24.40 50.67 -23.37
N THR A 12 -23.57 49.78 -23.88
CA THR A 12 -23.68 48.37 -23.52
C THR A 12 -22.30 47.82 -23.23
N LEU A 13 -22.12 47.27 -22.04
CA LEU A 13 -20.83 46.71 -21.66
C LEU A 13 -20.99 45.23 -21.35
N CYS A 14 -20.29 44.38 -22.10
CA CYS A 14 -20.37 42.94 -21.92
C CYS A 14 -19.10 42.33 -21.31
N LEU A 15 -19.29 41.48 -20.31
CA LEU A 15 -18.18 40.79 -19.67
C LEU A 15 -18.06 39.37 -20.24
N GLY A 16 -16.82 38.94 -20.48
CA GLY A 16 -16.62 37.62 -21.03
C GLY A 16 -15.30 37.02 -20.65
N HIS A 17 -15.03 35.87 -21.25
CA HIS A 17 -13.79 35.12 -21.04
C HIS A 17 -13.40 34.57 -22.39
N HIS A 18 -12.16 34.17 -22.53
CA HIS A 18 -11.69 33.65 -23.81
C HIS A 18 -12.02 32.16 -24.03
N ALA A 19 -11.71 31.70 -25.24
CA ALA A 19 -11.90 30.33 -25.67
C ALA A 19 -10.78 30.13 -26.67
N VAL A 20 -10.46 28.89 -27.01
CA VAL A 20 -9.41 28.63 -27.98
C VAL A 20 -9.95 27.79 -29.13
N PRO A 21 -9.25 27.79 -30.28
CA PRO A 21 -9.65 27.03 -31.48
C PRO A 21 -9.82 25.55 -31.12
N ASN A 22 -8.69 24.93 -30.77
CA ASN A 22 -8.63 23.54 -30.37
C ASN A 22 -8.25 23.46 -28.88
N GLY A 23 -9.19 23.00 -28.06
CA GLY A 23 -8.94 22.89 -26.64
C GLY A 23 -8.25 21.58 -26.26
N THR A 24 -8.46 21.15 -25.02
CA THR A 24 -7.90 19.91 -24.48
C THR A 24 -8.88 19.16 -23.58
N ILE A 25 -9.07 17.87 -23.84
CA ILE A 25 -9.99 17.09 -23.02
C ILE A 25 -9.36 16.69 -21.71
N VAL A 26 -10.14 16.82 -20.65
CA VAL A 26 -9.68 16.52 -19.32
C VAL A 26 -10.80 15.79 -18.57
N LYS A 27 -10.43 15.16 -17.46
CA LYS A 27 -11.37 14.41 -16.62
C LYS A 27 -11.60 15.11 -15.28
N THR A 28 -12.85 15.15 -14.83
CA THR A 28 -13.17 15.78 -13.56
C THR A 28 -13.94 14.81 -12.68
N ILE A 29 -14.73 15.34 -11.76
CA ILE A 29 -15.51 14.49 -10.88
C ILE A 29 -16.87 14.23 -11.51
N THR A 30 -17.28 15.14 -12.36
CA THR A 30 -18.57 15.01 -13.02
C THR A 30 -18.47 14.75 -14.52
N ASP A 31 -17.26 14.52 -15.01
CA ASP A 31 -17.04 14.25 -16.44
C ASP A 31 -15.81 13.40 -16.64
N ASP A 32 -15.88 12.41 -17.51
CA ASP A 32 -14.68 11.64 -17.79
C ASP A 32 -14.12 12.30 -19.03
N GLN A 33 -14.90 13.21 -19.60
CA GLN A 33 -14.51 13.95 -20.80
C GLN A 33 -15.06 15.35 -20.81
N ILE A 34 -14.22 16.34 -20.65
CA ILE A 34 -14.68 17.72 -20.72
C ILE A 34 -13.50 18.53 -21.25
N GLU A 35 -13.78 19.49 -22.13
CA GLU A 35 -12.74 20.30 -22.77
C GLU A 35 -12.39 21.59 -22.09
N VAL A 36 -11.10 21.79 -21.86
CA VAL A 36 -10.61 23.02 -21.22
C VAL A 36 -9.64 23.69 -22.18
N THR A 37 -9.44 25.00 -22.03
CA THR A 37 -8.54 25.73 -22.91
C THR A 37 -7.08 25.24 -22.86
N ASN A 38 -6.64 24.75 -21.71
CA ASN A 38 -5.26 24.29 -21.62
C ASN A 38 -5.07 23.28 -20.49
N ALA A 39 -4.07 22.41 -20.65
CA ALA A 39 -3.75 21.39 -19.65
C ALA A 39 -2.29 20.98 -19.82
N THR A 40 -1.78 20.21 -18.85
CA THR A 40 -0.41 19.73 -18.86
C THR A 40 -0.37 18.23 -18.51
N GLU A 41 0.61 17.51 -19.07
CA GLU A 41 0.72 16.07 -18.84
C GLU A 41 1.39 15.74 -17.51
N LEU A 42 0.80 14.84 -16.74
CA LEU A 42 1.39 14.47 -15.47
C LEU A 42 2.12 13.11 -15.52
N VAL A 43 1.93 12.39 -16.62
CA VAL A 43 2.54 11.07 -16.76
C VAL A 43 3.69 11.02 -17.78
N GLN A 44 4.90 10.90 -17.26
CA GLN A 44 6.06 10.78 -18.10
C GLN A 44 5.87 9.42 -18.78
N SER A 45 5.73 9.40 -20.10
CA SER A 45 5.53 8.12 -20.79
C SER A 45 6.61 7.76 -21.81
N SER A 46 7.60 8.62 -21.99
CA SER A 46 8.65 8.33 -22.97
C SER A 46 10.06 8.40 -22.42
N SER A 47 10.93 7.57 -23.00
CA SER A 47 12.33 7.48 -22.62
C SER A 47 13.23 7.76 -23.82
N THR A 48 14.41 8.27 -23.55
CA THR A 48 15.37 8.57 -24.61
C THR A 48 15.85 7.23 -25.16
N GLY A 49 15.81 6.21 -24.30
CA GLY A 49 16.25 4.88 -24.69
C GLY A 49 17.67 4.61 -24.23
N LYS A 50 18.25 5.55 -23.50
CA LYS A 50 19.63 5.40 -23.02
C LYS A 50 19.74 5.76 -21.54
N ILE A 51 20.76 5.23 -20.91
CA ILE A 51 21.00 5.46 -19.49
C ILE A 51 22.09 6.49 -19.34
N CYS A 52 21.73 7.68 -18.86
CA CYS A 52 22.72 8.73 -18.67
C CYS A 52 23.83 8.30 -17.75
N ASN A 53 25.06 8.41 -18.23
CA ASN A 53 26.19 8.03 -17.41
C ASN A 53 26.18 8.78 -16.10
N ASN A 54 25.29 9.78 -15.89
CA ASN A 54 25.33 10.40 -14.59
C ASN A 54 24.44 11.45 -14.00
N PRO A 55 24.67 11.61 -12.71
CA PRO A 55 24.92 11.79 -11.22
C PRO A 55 25.48 10.45 -10.71
N HIS A 56 24.80 9.36 -11.01
CA HIS A 56 25.11 8.00 -10.55
C HIS A 56 26.26 7.31 -11.22
N ARG A 57 27.17 6.85 -10.38
CA ARG A 57 28.31 6.09 -10.86
C ARG A 57 27.73 4.82 -11.47
N ILE A 58 27.76 4.73 -12.78
CA ILE A 58 27.23 3.55 -13.44
C ILE A 58 28.35 2.62 -13.90
N LEU A 59 28.08 1.31 -13.84
CA LEU A 59 29.03 0.28 -14.22
C LEU A 59 28.35 -0.79 -15.06
N ASP A 60 28.78 -0.90 -16.32
CA ASP A 60 28.21 -1.87 -17.25
C ASP A 60 28.82 -3.26 -17.05
N GLY A 61 28.00 -4.23 -16.69
CA GLY A 61 28.50 -5.59 -16.48
C GLY A 61 29.10 -6.12 -17.76
N ARG A 62 28.58 -5.62 -18.87
CA ARG A 62 29.04 -6.00 -20.20
C ARG A 62 28.82 -7.46 -20.55
N ALA A 63 29.30 -8.36 -19.71
CA ALA A 63 29.12 -9.77 -19.99
C ALA A 63 29.31 -10.50 -18.69
N CYS A 64 29.42 -9.72 -17.63
CA CYS A 64 29.59 -10.29 -16.32
C CYS A 64 28.46 -9.95 -15.38
N THR A 65 27.97 -11.00 -14.73
CA THR A 65 26.92 -10.89 -13.76
C THR A 65 27.65 -10.34 -12.55
N LEU A 66 26.97 -9.61 -11.68
CA LEU A 66 27.63 -9.07 -10.49
C LEU A 66 28.29 -10.21 -9.71
N ILE A 67 27.62 -11.37 -9.66
CA ILE A 67 28.14 -12.55 -8.95
C ILE A 67 29.47 -13.04 -9.56
N ASP A 68 29.46 -13.33 -10.86
CA ASP A 68 30.66 -13.81 -11.54
C ASP A 68 31.82 -12.86 -11.30
N ALA A 69 31.52 -11.58 -11.23
CA ALA A 69 32.53 -10.55 -10.97
C ALA A 69 33.01 -10.70 -9.53
N LEU A 70 32.07 -10.96 -8.62
CA LEU A 70 32.39 -11.14 -7.22
C LEU A 70 33.27 -12.37 -7.02
N LEU A 71 32.90 -13.47 -7.67
CA LEU A 71 33.61 -14.74 -7.56
C LEU A 71 34.99 -14.66 -8.21
N GLY A 72 35.04 -13.96 -9.34
CA GLY A 72 36.29 -13.80 -10.05
C GLY A 72 36.39 -14.64 -11.29
N ASP A 73 35.28 -14.80 -12.02
CA ASP A 73 35.29 -15.57 -13.27
C ASP A 73 36.33 -14.84 -14.10
N PRO A 74 37.27 -15.59 -14.69
CA PRO A 74 38.33 -15.00 -15.52
C PRO A 74 37.97 -13.77 -16.38
N HIS A 75 37.00 -13.89 -17.29
CA HIS A 75 36.67 -12.75 -18.13
C HIS A 75 36.05 -11.60 -17.36
N CYS A 76 35.93 -11.80 -16.05
CA CYS A 76 35.33 -10.78 -15.20
C CYS A 76 36.35 -10.16 -14.24
N ASP A 77 37.61 -10.50 -14.42
CA ASP A 77 38.63 -9.95 -13.52
C ASP A 77 38.81 -8.45 -13.70
N VAL A 78 38.32 -7.93 -14.82
CA VAL A 78 38.42 -6.50 -15.10
C VAL A 78 37.58 -5.71 -14.07
N PHE A 79 36.63 -6.39 -13.44
CA PHE A 79 35.77 -5.73 -12.47
C PHE A 79 36.36 -5.75 -11.06
N GLN A 80 37.55 -6.32 -10.92
CA GLN A 80 38.17 -6.41 -9.60
C GLN A 80 38.23 -5.10 -8.87
N ASN A 81 37.55 -5.07 -7.73
CA ASN A 81 37.50 -3.88 -6.88
C ASN A 81 36.73 -2.72 -7.42
N GLU A 82 35.91 -2.98 -8.43
CA GLU A 82 35.11 -1.91 -9.01
C GLU A 82 34.07 -1.45 -7.99
N THR A 83 33.51 -0.26 -8.17
CA THR A 83 32.48 0.25 -7.27
C THR A 83 31.35 0.67 -8.18
N TRP A 84 30.22 1.06 -7.61
CA TRP A 84 29.10 1.47 -8.46
C TRP A 84 27.93 2.05 -7.68
N ASP A 85 27.24 2.99 -8.29
CA ASP A 85 26.05 3.53 -7.69
C ASP A 85 24.98 2.61 -8.21
N LEU A 86 25.15 2.21 -9.48
CA LEU A 86 24.23 1.31 -10.16
C LEU A 86 24.88 0.34 -11.13
N PHE A 87 24.89 -0.95 -10.76
CA PHE A 87 25.45 -2.00 -11.60
C PHE A 87 24.37 -2.34 -12.63
N VAL A 88 24.80 -2.54 -13.87
CA VAL A 88 23.87 -2.84 -14.95
C VAL A 88 24.16 -4.20 -15.57
N GLU A 89 23.35 -5.22 -15.26
CA GLU A 89 23.59 -6.55 -15.83
C GLU A 89 22.94 -6.73 -17.21
N ARG A 90 23.72 -7.18 -18.18
CA ARG A 90 23.22 -7.37 -19.53
C ARG A 90 22.64 -8.76 -19.74
N SER A 91 21.64 -8.87 -20.59
CA SER A 91 20.99 -10.14 -20.83
C SER A 91 21.86 -11.17 -21.54
N ASN A 92 22.94 -10.72 -22.16
CA ASN A 92 23.80 -11.64 -22.89
C ASN A 92 25.05 -12.01 -22.09
N ALA A 93 25.07 -11.64 -20.82
CA ALA A 93 26.21 -11.98 -19.97
C ALA A 93 26.22 -13.50 -19.89
N PHE A 94 27.40 -14.07 -19.66
CA PHE A 94 27.55 -15.52 -19.57
C PHE A 94 28.60 -15.87 -18.52
N SER A 95 28.59 -17.14 -18.11
CA SER A 95 29.56 -17.62 -17.13
C SER A 95 30.44 -18.62 -17.87
N ASN A 96 31.75 -18.56 -17.68
CA ASN A 96 32.59 -19.53 -18.37
C ASN A 96 33.65 -20.14 -17.49
N CYS A 97 33.40 -20.10 -16.18
CA CYS A 97 34.33 -20.68 -15.22
C CYS A 97 33.73 -22.03 -14.75
N TYR A 98 34.22 -22.55 -13.63
CA TYR A 98 33.74 -23.84 -13.10
C TYR A 98 32.25 -23.83 -12.70
N PRO A 99 31.49 -24.87 -13.10
CA PRO A 99 30.07 -24.99 -12.78
C PRO A 99 29.80 -24.74 -11.30
N TYR A 100 29.01 -23.72 -10.98
CA TYR A 100 28.69 -23.44 -9.59
C TYR A 100 27.20 -23.30 -9.34
N ASP A 101 26.85 -23.27 -8.06
CA ASP A 101 25.48 -23.18 -7.63
C ASP A 101 25.46 -22.42 -6.31
N ILE A 102 24.60 -21.41 -6.19
CA ILE A 102 24.53 -20.65 -4.94
C ILE A 102 23.17 -20.70 -4.23
N PRO A 103 23.10 -21.33 -3.05
CA PRO A 103 21.82 -21.39 -2.34
C PRO A 103 21.53 -19.97 -1.92
N ASP A 104 20.38 -19.45 -2.31
CA ASP A 104 19.97 -18.09 -2.01
C ASP A 104 20.79 -17.06 -2.81
N TYR A 105 20.99 -17.38 -4.08
CA TYR A 105 21.71 -16.55 -5.05
C TYR A 105 21.18 -15.11 -5.00
N ALA A 106 19.85 -15.01 -5.04
CA ALA A 106 19.16 -13.74 -5.01
C ALA A 106 19.66 -12.87 -3.86
N SER A 107 19.69 -13.42 -2.66
CA SER A 107 20.12 -12.66 -1.50
C SER A 107 21.55 -12.14 -1.60
N LEU A 108 22.46 -12.97 -2.09
CA LEU A 108 23.85 -12.57 -2.21
C LEU A 108 23.98 -11.45 -3.26
N ARG A 109 23.36 -11.65 -4.41
CA ARG A 109 23.40 -10.65 -5.47
C ARG A 109 22.88 -9.34 -4.92
N SER A 110 21.90 -9.43 -4.03
CA SER A 110 21.28 -8.25 -3.42
C SER A 110 22.15 -7.50 -2.43
N LEU A 111 22.68 -8.21 -1.44
CA LEU A 111 23.50 -7.54 -0.42
C LEU A 111 24.80 -6.99 -1.01
N VAL A 112 25.31 -7.61 -2.05
CA VAL A 112 26.53 -7.09 -2.66
C VAL A 112 26.15 -5.84 -3.45
N ALA A 113 25.12 -5.96 -4.27
CA ALA A 113 24.66 -4.85 -5.08
C ALA A 113 24.41 -3.64 -4.20
N SER A 114 23.79 -3.87 -3.05
CA SER A 114 23.48 -2.79 -2.13
C SER A 114 24.75 -2.20 -1.55
N SER A 115 25.77 -3.04 -1.36
CA SER A 115 27.07 -2.60 -0.80
C SER A 115 27.76 -1.66 -1.80
N GLY A 116 27.59 -1.96 -3.08
CA GLY A 116 28.17 -1.13 -4.11
C GLY A 116 29.67 -1.13 -4.27
N THR A 117 30.33 -2.20 -3.87
CA THR A 117 31.78 -2.27 -3.98
C THR A 117 32.29 -3.70 -4.04
N LEU A 118 33.41 -3.91 -4.72
CA LEU A 118 33.99 -5.24 -4.79
C LEU A 118 35.36 -5.24 -4.13
N GLU A 119 35.67 -4.17 -3.39
CA GLU A 119 36.96 -4.07 -2.72
C GLU A 119 37.30 -5.39 -2.02
N PHE A 120 38.33 -6.07 -2.53
CA PHE A 120 38.76 -7.36 -1.95
C PHE A 120 40.10 -7.22 -1.24
N ILE A 121 40.16 -7.72 -0.01
CA ILE A 121 41.37 -7.64 0.77
C ILE A 121 41.92 -9.02 1.09
N THR A 122 42.94 -9.44 0.35
CA THR A 122 43.53 -10.74 0.56
C THR A 122 44.09 -10.87 1.98
N GLU A 123 43.83 -12.01 2.61
CA GLU A 123 44.33 -12.28 3.94
C GLU A 123 45.25 -13.48 3.98
N GLY A 124 46.07 -13.52 5.02
CA GLY A 124 47.03 -14.61 5.18
C GLY A 124 46.43 -16.00 5.24
N PHE A 125 46.64 -16.76 4.18
CA PHE A 125 46.17 -18.13 4.11
C PHE A 125 46.86 -18.81 5.30
N THR A 126 46.61 -20.09 5.49
CA THR A 126 47.22 -20.85 6.57
C THR A 126 46.87 -22.31 6.26
N TRP A 127 46.93 -22.66 4.98
CA TRP A 127 46.57 -24.00 4.53
C TRP A 127 47.74 -24.98 4.60
N THR A 128 48.03 -25.47 5.80
CA THR A 128 49.15 -26.39 5.99
C THR A 128 48.75 -27.85 5.77
N GLY A 129 49.32 -28.50 4.77
CA GLY A 129 48.98 -29.89 4.54
C GLY A 129 48.21 -30.16 3.26
N VAL A 130 47.84 -29.10 2.55
CA VAL A 130 47.10 -29.28 1.31
C VAL A 130 47.70 -28.56 0.11
N THR A 131 47.26 -28.93 -1.07
CA THR A 131 47.72 -28.31 -2.30
C THR A 131 46.72 -27.19 -2.63
N GLN A 132 47.23 -25.99 -2.92
CA GLN A 132 46.34 -24.88 -3.21
C GLN A 132 46.22 -24.56 -4.69
N ASN A 133 45.43 -23.54 -4.97
CA ASN A 133 45.22 -23.07 -6.34
C ASN A 133 44.82 -24.17 -7.30
N GLY A 134 43.79 -24.93 -6.93
CA GLY A 134 43.32 -26.00 -7.80
C GLY A 134 42.68 -25.33 -9.00
N GLY A 135 42.65 -26.00 -10.14
CA GLY A 135 42.05 -25.36 -11.28
C GLY A 135 41.29 -26.33 -12.15
N SER A 136 40.63 -25.79 -13.17
CA SER A 136 39.85 -26.60 -14.09
C SER A 136 39.94 -26.08 -15.53
N SER A 137 39.76 -27.01 -16.47
CA SER A 137 39.79 -26.65 -17.89
C SER A 137 38.48 -25.92 -18.17
N ALA A 138 37.50 -26.12 -17.30
CA ALA A 138 36.21 -25.46 -17.47
C ALA A 138 36.34 -23.97 -17.11
N CYS A 139 37.46 -23.59 -16.50
CA CYS A 139 37.68 -22.21 -16.10
C CYS A 139 39.03 -21.71 -16.61
N LYS A 140 39.34 -22.06 -17.86
CA LYS A 140 40.59 -21.67 -18.51
C LYS A 140 41.01 -20.25 -18.18
N ARG A 141 42.26 -20.11 -17.74
CA ARG A 141 42.83 -18.82 -17.42
C ARG A 141 44.00 -18.66 -18.39
N GLY A 142 43.65 -18.27 -19.62
CA GLY A 142 44.64 -18.13 -20.66
C GLY A 142 44.72 -19.51 -21.28
N PRO A 143 45.90 -20.12 -21.32
CA PRO A 143 46.00 -21.45 -21.92
C PRO A 143 45.76 -22.48 -20.80
N ALA A 144 46.19 -22.09 -19.60
CA ALA A 144 46.08 -22.89 -18.39
C ALA A 144 44.67 -23.15 -17.87
N ASN A 145 44.59 -24.00 -16.84
CA ASN A 145 43.32 -24.33 -16.18
C ASN A 145 43.24 -23.40 -14.99
N GLY A 146 42.20 -22.57 -14.95
CA GLY A 146 42.06 -21.62 -13.85
C GLY A 146 40.89 -21.90 -12.94
N PHE A 147 40.58 -20.90 -12.11
CA PHE A 147 39.51 -20.98 -11.14
C PHE A 147 39.14 -19.56 -10.71
N PHE A 148 38.02 -19.41 -10.02
CA PHE A 148 37.60 -18.10 -9.56
C PHE A 148 38.78 -17.44 -8.85
N SER A 149 39.08 -16.20 -9.25
CA SER A 149 40.18 -15.43 -8.68
C SER A 149 40.12 -15.32 -7.15
N ARG A 150 38.92 -15.15 -6.60
CA ARG A 150 38.80 -14.99 -5.15
C ARG A 150 38.65 -16.29 -4.35
N LEU A 151 38.76 -17.43 -5.00
CA LEU A 151 38.62 -18.70 -4.28
C LEU A 151 39.86 -19.58 -4.41
N ASN A 152 40.12 -20.38 -3.39
CA ASN A 152 41.29 -21.26 -3.37
C ASN A 152 40.88 -22.74 -3.33
N TRP A 153 40.99 -23.44 -4.47
CA TRP A 153 40.63 -24.85 -4.51
C TRP A 153 41.68 -25.69 -3.80
N LEU A 154 41.36 -26.22 -2.63
CA LEU A 154 42.31 -27.07 -1.90
C LEU A 154 42.16 -28.57 -2.24
N THR A 155 43.29 -29.27 -2.30
CA THR A 155 43.37 -30.72 -2.57
C THR A 155 44.40 -31.37 -1.67
N LYS A 156 44.42 -32.71 -1.66
CA LYS A 156 45.34 -33.49 -0.83
C LYS A 156 46.80 -33.15 -1.12
N SER A 157 47.64 -33.33 -0.11
CA SER A 157 49.07 -33.09 -0.24
C SER A 157 49.77 -34.30 0.35
N GLU A 158 50.59 -34.96 -0.47
CA GLU A 158 51.31 -36.13 -0.01
C GLU A 158 50.36 -37.14 0.62
N SER A 159 49.48 -37.71 -0.19
CA SER A 159 48.51 -38.70 0.25
C SER A 159 47.75 -38.41 1.54
N ALA A 160 47.30 -37.17 1.73
CA ALA A 160 46.56 -36.84 2.94
C ALA A 160 45.91 -35.47 2.91
N TYR A 161 44.70 -35.39 3.45
CA TYR A 161 44.00 -34.11 3.52
C TYR A 161 43.76 -33.85 4.99
N PRO A 162 44.56 -32.94 5.56
CA PRO A 162 44.48 -32.58 6.99
C PRO A 162 43.09 -32.22 7.47
N VAL A 163 42.95 -32.13 8.79
CA VAL A 163 41.69 -31.72 9.39
C VAL A 163 41.92 -30.21 9.58
N LEU A 164 41.69 -29.47 8.49
CA LEU A 164 41.87 -28.03 8.46
C LEU A 164 41.19 -27.30 9.60
N ASN A 165 41.90 -26.31 10.15
CA ASN A 165 41.39 -25.52 11.26
C ASN A 165 42.10 -24.18 11.32
N VAL A 166 41.62 -23.23 10.52
CA VAL A 166 42.22 -21.89 10.47
C VAL A 166 41.32 -20.82 11.06
N THR A 167 41.95 -19.85 11.71
CA THR A 167 41.26 -18.73 12.34
C THR A 167 41.69 -17.40 11.73
N MET A 168 40.72 -16.52 11.52
CA MET A 168 40.97 -15.20 10.96
C MET A 168 40.15 -14.19 11.73
N PRO A 169 40.80 -13.41 12.60
CA PRO A 169 40.15 -12.38 13.43
C PRO A 169 39.75 -11.16 12.65
N ASN A 170 38.70 -10.49 13.12
CA ASN A 170 38.23 -9.26 12.51
C ASN A 170 38.64 -8.14 13.45
N ASN A 171 39.84 -7.61 13.26
CA ASN A 171 40.38 -6.55 14.11
C ASN A 171 40.12 -5.15 13.59
N ASP A 172 39.47 -5.07 12.43
CA ASP A 172 39.15 -3.78 11.83
C ASP A 172 37.88 -3.21 12.46
N ASN A 173 37.39 -2.08 11.92
CA ASN A 173 36.19 -1.43 12.45
C ASN A 173 34.98 -1.57 11.52
N PHE A 174 35.08 -2.44 10.52
CA PHE A 174 33.99 -2.65 9.57
C PHE A 174 33.69 -4.13 9.40
N ASP A 175 32.52 -4.46 8.86
CA ASP A 175 32.18 -5.86 8.68
C ASP A 175 32.90 -6.46 7.48
N LYS A 176 33.31 -7.72 7.58
CA LYS A 176 33.99 -8.39 6.47
C LYS A 176 33.05 -9.41 5.80
N LEU A 177 33.05 -9.43 4.47
CA LEU A 177 32.22 -10.38 3.75
C LEU A 177 33.06 -11.53 3.19
N TYR A 178 33.03 -12.67 3.86
CA TYR A 178 33.78 -13.81 3.39
C TYR A 178 32.88 -14.69 2.55
N ILE A 179 33.38 -15.08 1.39
CA ILE A 179 32.61 -15.96 0.54
C ILE A 179 33.47 -17.15 0.19
N TRP A 180 33.02 -18.31 0.64
CA TRP A 180 33.72 -19.56 0.41
C TRP A 180 32.78 -20.53 -0.29
N GLY A 181 33.22 -21.79 -0.38
CA GLY A 181 32.44 -22.85 -1.01
C GLY A 181 32.83 -24.28 -0.62
N VAL A 182 32.12 -25.26 -1.16
CA VAL A 182 32.41 -26.66 -0.92
C VAL A 182 32.23 -27.32 -2.28
N HIS A 183 33.06 -28.32 -2.59
CA HIS A 183 33.04 -29.02 -3.88
C HIS A 183 32.34 -30.38 -3.86
N HIS A 184 31.50 -30.60 -4.87
CA HIS A 184 30.76 -31.84 -4.99
C HIS A 184 31.34 -32.76 -6.05
N PRO A 185 32.21 -33.70 -5.65
CA PRO A 185 32.81 -34.61 -6.62
C PRO A 185 31.74 -35.33 -7.45
N SER A 186 32.15 -35.84 -8.62
CA SER A 186 31.21 -36.55 -9.49
C SER A 186 31.10 -38.04 -9.13
N THR A 187 32.13 -38.57 -8.47
CA THR A 187 32.15 -39.97 -8.05
C THR A 187 32.96 -40.19 -6.78
N ASN A 188 32.80 -41.37 -6.17
CA ASN A 188 33.55 -41.68 -4.97
C ASN A 188 35.04 -41.67 -5.24
N GLN A 189 35.42 -42.26 -6.38
CA GLN A 189 36.82 -42.33 -6.80
C GLN A 189 37.43 -40.94 -6.80
N GLU A 190 36.67 -39.98 -7.31
CA GLU A 190 37.12 -38.61 -7.36
C GLU A 190 37.30 -38.10 -5.94
N GLN A 191 36.29 -38.37 -5.11
CA GLN A 191 36.29 -37.94 -3.71
C GLN A 191 37.58 -38.33 -3.01
N THR A 192 37.79 -39.63 -2.88
CA THR A 192 38.97 -40.15 -2.20
C THR A 192 40.23 -39.72 -2.91
N ASN A 193 40.20 -39.75 -4.23
CA ASN A 193 41.34 -39.37 -5.01
C ASN A 193 41.76 -37.93 -4.75
N LEU A 194 40.78 -37.04 -4.61
CA LEU A 194 41.07 -35.63 -4.38
C LEU A 194 41.22 -35.23 -2.92
N TYR A 195 40.44 -35.83 -2.03
CA TYR A 195 40.49 -35.47 -0.61
C TYR A 195 40.81 -36.62 0.35
N VAL A 196 41.03 -37.81 -0.21
CA VAL A 196 41.37 -38.98 0.62
C VAL A 196 40.23 -39.44 1.51
N GLN A 197 39.68 -38.56 2.34
CA GLN A 197 38.56 -38.96 3.20
C GLN A 197 37.41 -39.28 2.24
N ALA A 198 36.64 -40.32 2.54
CA ALA A 198 35.52 -40.73 1.69
C ALA A 198 34.31 -39.80 1.85
N SER A 199 34.35 -38.93 2.86
CA SER A 199 33.28 -37.97 3.10
C SER A 199 33.92 -36.66 3.61
N GLY A 200 33.74 -35.59 2.84
CA GLY A 200 34.30 -34.30 3.20
C GLY A 200 33.36 -33.56 4.13
N ARG A 201 33.78 -32.37 4.59
CA ARG A 201 32.98 -31.56 5.51
C ARG A 201 33.58 -30.16 5.64
N VAL A 202 32.73 -29.13 5.55
CA VAL A 202 33.16 -27.74 5.68
C VAL A 202 32.32 -27.01 6.71
N THR A 203 32.99 -26.46 7.72
CA THR A 203 32.30 -25.75 8.78
C THR A 203 32.93 -24.36 8.99
N VAL A 204 32.18 -23.33 8.64
CA VAL A 204 32.66 -21.96 8.79
C VAL A 204 31.80 -21.30 9.87
N SER A 205 32.44 -20.83 10.91
CA SER A 205 31.71 -20.23 12.02
C SER A 205 32.32 -18.97 12.62
N THR A 206 31.56 -18.36 13.50
CA THR A 206 31.98 -17.16 14.21
C THR A 206 31.38 -17.30 15.59
N ARG A 207 31.49 -16.29 16.43
CA ARG A 207 30.94 -16.42 17.75
C ARG A 207 29.44 -16.25 17.67
N ARG A 208 28.99 -15.75 16.53
CA ARG A 208 27.59 -15.45 16.30
C ARG A 208 26.86 -16.40 15.34
N SER A 209 27.58 -17.04 14.44
CA SER A 209 26.96 -17.94 13.51
C SER A 209 27.79 -19.19 13.30
N GLN A 210 27.25 -20.11 12.52
CA GLN A 210 27.94 -21.37 12.24
C GLN A 210 27.16 -22.12 11.19
N GLN A 211 27.80 -22.37 10.06
CA GLN A 211 27.16 -23.10 8.99
C GLN A 211 28.07 -24.23 8.55
N THR A 212 27.59 -25.45 8.70
CA THR A 212 28.35 -26.64 8.31
C THR A 212 27.68 -27.31 7.11
N ILE A 213 28.43 -27.42 6.01
CA ILE A 213 27.94 -28.01 4.76
C ILE A 213 28.62 -29.34 4.50
N ILE A 214 27.86 -30.30 4.00
CA ILE A 214 28.41 -31.61 3.69
C ILE A 214 28.41 -31.83 2.18
N PRO A 215 29.54 -32.28 1.64
CA PRO A 215 29.61 -32.51 0.20
C PRO A 215 28.66 -33.63 -0.17
N ASN A 216 28.28 -33.70 -1.44
CA ASN A 216 27.39 -34.77 -1.89
C ASN A 216 27.87 -35.29 -3.25
N ILE A 217 28.26 -36.56 -3.26
CA ILE A 217 28.78 -37.21 -4.46
C ILE A 217 27.71 -37.70 -5.43
N GLY A 218 27.94 -37.48 -6.72
CA GLY A 218 27.00 -37.90 -7.73
C GLY A 218 27.30 -37.25 -9.06
N SER A 219 26.71 -37.78 -10.13
CA SER A 219 26.90 -37.26 -11.48
C SER A 219 25.86 -36.20 -11.86
N ARG A 220 26.32 -35.11 -12.44
CA ARG A 220 25.43 -34.04 -12.85
C ARG A 220 25.73 -33.69 -14.30
N PRO A 221 24.77 -33.08 -15.01
CA PRO A 221 25.01 -32.74 -16.42
C PRO A 221 26.35 -32.00 -16.59
N TRP A 222 27.10 -32.41 -17.61
CA TRP A 222 28.40 -31.79 -17.92
C TRP A 222 28.24 -30.31 -18.26
N VAL A 223 29.11 -29.49 -17.67
CA VAL A 223 29.07 -28.06 -17.96
C VAL A 223 30.52 -27.66 -18.23
N ARG A 224 30.84 -27.43 -19.51
CA ARG A 224 32.19 -27.08 -19.90
C ARG A 224 33.05 -28.28 -19.51
N GLY A 225 32.47 -29.47 -19.70
CA GLY A 225 33.17 -30.71 -19.40
C GLY A 225 33.19 -31.22 -17.97
N GLN A 226 32.60 -30.49 -17.02
CA GLN A 226 32.63 -30.96 -15.65
C GLN A 226 31.28 -31.44 -15.11
N PRO A 227 31.26 -32.64 -14.48
CA PRO A 227 30.07 -33.25 -13.89
C PRO A 227 29.93 -32.79 -12.44
N GLY A 228 31.05 -32.38 -11.84
CA GLY A 228 31.05 -31.90 -10.47
C GLY A 228 30.55 -30.47 -10.36
N ARG A 229 30.51 -29.92 -9.15
CA ARG A 229 30.01 -28.57 -8.94
C ARG A 229 30.57 -27.96 -7.67
N ILE A 230 30.29 -26.69 -7.47
CA ILE A 230 30.71 -25.97 -6.29
C ILE A 230 29.48 -25.23 -5.76
N SER A 231 29.14 -25.46 -4.49
CA SER A 231 28.01 -24.76 -3.89
C SER A 231 28.68 -23.60 -3.14
N ILE A 232 28.17 -22.39 -3.31
CA ILE A 232 28.80 -21.24 -2.67
C ILE A 232 28.02 -20.63 -1.51
N TYR A 233 28.75 -20.34 -0.45
CA TYR A 233 28.18 -19.78 0.75
C TYR A 233 28.96 -18.53 1.14
N TRP A 234 28.44 -17.78 2.10
CA TRP A 234 29.07 -16.55 2.56
C TRP A 234 28.89 -16.36 4.05
N THR A 235 29.75 -15.53 4.63
CA THR A 235 29.70 -15.23 6.06
C THR A 235 30.12 -13.79 6.34
N ILE A 236 29.42 -13.13 7.24
CA ILE A 236 29.77 -11.77 7.59
C ILE A 236 30.39 -11.83 8.98
N VAL A 237 31.58 -11.27 9.11
CA VAL A 237 32.24 -11.27 10.40
C VAL A 237 32.24 -9.85 10.91
N LYS A 238 31.59 -9.66 12.06
CA LYS A 238 31.47 -8.35 12.69
C LYS A 238 32.76 -8.00 13.45
N PRO A 239 33.00 -6.69 13.64
CA PRO A 239 34.20 -6.25 14.34
C PRO A 239 34.25 -6.84 15.76
N GLY A 240 35.41 -7.37 16.14
CA GLY A 240 35.55 -7.96 17.45
C GLY A 240 35.38 -9.47 17.39
N ASP A 241 34.77 -9.94 16.31
CA ASP A 241 34.55 -11.37 16.13
C ASP A 241 35.72 -11.95 15.34
N VAL A 242 35.64 -13.25 15.05
CA VAL A 242 36.68 -13.95 14.33
C VAL A 242 36.10 -15.08 13.50
N LEU A 243 36.77 -15.38 12.39
CA LEU A 243 36.35 -16.44 11.49
C LEU A 243 37.14 -17.73 11.72
N VAL A 244 36.44 -18.85 11.71
CA VAL A 244 37.08 -20.14 11.87
C VAL A 244 36.53 -21.10 10.83
N ILE A 245 37.44 -21.61 10.02
CA ILE A 245 37.14 -22.56 8.96
C ILE A 245 37.72 -23.91 9.37
N ASN A 246 36.85 -24.90 9.51
CA ASN A 246 37.29 -26.24 9.90
C ASN A 246 36.77 -27.26 8.89
N SER A 247 37.69 -27.93 8.20
CA SER A 247 37.33 -28.90 7.18
C SER A 247 38.37 -30.00 7.03
N ASN A 248 37.92 -31.19 6.65
CA ASN A 248 38.84 -32.29 6.42
C ASN A 248 38.60 -32.75 4.98
N GLY A 249 38.18 -31.83 4.12
CA GLY A 249 37.95 -32.18 2.73
C GLY A 249 36.83 -31.45 1.99
N ASN A 250 37.06 -31.16 0.72
CA ASN A 250 36.05 -30.49 -0.13
C ASN A 250 35.89 -28.98 0.07
N LEU A 251 36.76 -28.35 0.85
CA LEU A 251 36.62 -26.92 1.05
C LEU A 251 37.22 -26.14 -0.10
N ILE A 252 36.55 -25.06 -0.50
CA ILE A 252 37.03 -24.14 -1.53
C ILE A 252 37.24 -22.92 -0.65
N ALA A 253 38.50 -22.67 -0.34
CA ALA A 253 38.90 -21.59 0.56
C ALA A 253 38.78 -20.15 0.10
N PRO A 254 38.55 -19.23 1.04
CA PRO A 254 38.43 -17.80 0.76
C PRO A 254 39.88 -17.34 0.64
N ARG A 255 40.10 -16.22 -0.01
CA ARG A 255 41.46 -15.72 -0.13
C ARG A 255 41.59 -14.43 0.66
N GLY A 256 40.47 -13.98 1.21
CA GLY A 256 40.43 -12.75 1.99
C GLY A 256 38.99 -12.34 2.16
N TYR A 257 38.68 -11.05 2.06
CA TYR A 257 37.29 -10.61 2.23
C TYR A 257 36.93 -9.39 1.40
N PHE A 258 35.64 -9.05 1.42
CA PHE A 258 35.14 -7.90 0.69
C PHE A 258 34.70 -6.85 1.71
N LYS A 259 35.05 -5.59 1.48
CA LYS A 259 34.67 -4.55 2.41
C LYS A 259 33.18 -4.31 2.23
N MET A 260 32.46 -4.16 3.34
CA MET A 260 31.01 -3.94 3.25
C MET A 260 30.57 -2.55 3.68
N ARG A 261 30.09 -1.78 2.70
CA ARG A 261 29.63 -0.43 2.97
C ARG A 261 28.14 -0.33 2.70
N THR A 262 27.53 0.71 3.25
CA THR A 262 26.11 0.95 3.08
C THR A 262 25.96 2.26 2.31
N GLY A 263 24.93 2.36 1.47
CA GLY A 263 24.75 3.58 0.71
C GLY A 263 23.55 3.53 -0.19
N LYS A 264 23.69 4.05 -1.39
CA LYS A 264 22.59 4.04 -2.33
C LYS A 264 22.90 3.16 -3.55
N SER A 265 23.86 2.26 -3.40
CA SER A 265 24.19 1.40 -4.52
C SER A 265 23.08 0.42 -4.79
N SER A 266 23.01 -0.08 -6.02
CA SER A 266 21.99 -1.04 -6.39
C SER A 266 22.32 -1.66 -7.75
N ILE A 267 21.49 -2.57 -8.21
CA ILE A 267 21.76 -3.24 -9.47
C ILE A 267 20.51 -3.21 -10.32
N MET A 268 20.67 -3.33 -11.63
CA MET A 268 19.56 -3.31 -12.56
C MET A 268 19.88 -4.12 -13.80
N ARG A 269 18.85 -4.77 -14.34
CA ARG A 269 18.97 -5.59 -15.54
C ARG A 269 18.44 -4.76 -16.69
N SER A 270 19.30 -4.42 -17.64
CA SER A 270 18.89 -3.61 -18.76
C SER A 270 19.88 -3.66 -19.90
N ASP A 271 19.37 -3.62 -21.12
CA ASP A 271 20.22 -3.65 -22.28
C ASP A 271 20.35 -2.24 -22.85
N ALA A 272 19.88 -1.23 -22.11
CA ALA A 272 19.96 0.15 -22.59
C ALA A 272 21.40 0.63 -22.66
N PRO A 273 21.77 1.30 -23.75
CA PRO A 273 23.12 1.84 -23.96
C PRO A 273 23.37 2.92 -22.93
N ILE A 274 24.60 3.08 -22.49
CA ILE A 274 24.89 4.11 -21.50
C ILE A 274 25.54 5.32 -22.18
N ASP A 275 24.70 6.30 -22.52
CA ASP A 275 25.13 7.52 -23.18
C ASP A 275 25.69 8.53 -22.20
N THR A 276 26.20 9.64 -22.72
CA THR A 276 26.76 10.69 -21.88
C THR A 276 25.76 11.83 -21.75
N CYS A 277 25.12 11.91 -20.59
CA CYS A 277 24.13 12.94 -20.32
C CYS A 277 23.89 13.04 -18.83
N ILE A 278 22.84 13.74 -18.43
CA ILE A 278 22.54 13.88 -17.02
C ILE A 278 21.08 13.65 -16.74
N SER A 279 20.77 12.56 -16.03
CA SER A 279 19.39 12.22 -15.71
C SER A 279 19.27 11.56 -14.33
N GLU A 280 18.61 12.26 -13.42
CA GLU A 280 18.39 11.80 -12.06
C GLU A 280 17.74 10.42 -11.98
N CYS A 281 16.71 10.21 -12.80
CA CYS A 281 15.98 8.96 -12.82
C CYS A 281 16.40 7.96 -13.90
N ILE A 282 16.68 6.72 -13.49
CA ILE A 282 17.09 5.64 -14.39
C ILE A 282 16.10 4.46 -14.37
N THR A 283 15.77 3.93 -15.55
CA THR A 283 14.87 2.79 -15.64
C THR A 283 15.50 1.84 -16.65
N PRO A 284 15.07 0.57 -16.67
CA PRO A 284 15.66 -0.37 -17.64
C PRO A 284 15.40 0.05 -19.08
N ASN A 285 14.45 0.96 -19.28
CA ASN A 285 14.15 1.41 -20.64
C ASN A 285 15.06 2.59 -20.99
N GLY A 286 15.80 3.06 -19.99
CA GLY A 286 16.69 4.19 -20.17
C GLY A 286 16.38 5.24 -19.11
N SER A 287 16.97 6.41 -19.25
CA SER A 287 16.70 7.46 -18.28
C SER A 287 15.41 8.15 -18.66
N ILE A 288 14.86 8.90 -17.72
CA ILE A 288 13.63 9.66 -17.96
C ILE A 288 13.60 10.91 -17.09
N PRO A 289 12.96 11.98 -17.58
CA PRO A 289 12.86 13.25 -16.85
C PRO A 289 11.97 13.05 -15.63
N ASN A 290 12.29 13.73 -14.54
CA ASN A 290 11.51 13.61 -13.33
C ASN A 290 10.71 14.86 -13.00
N ASP A 291 10.32 15.61 -14.04
CA ASP A 291 9.56 16.83 -13.83
C ASP A 291 8.07 16.51 -13.69
N LYS A 292 7.65 15.32 -14.13
CA LYS A 292 6.25 14.94 -13.97
C LYS A 292 6.08 14.11 -12.70
N PRO A 293 4.88 14.10 -12.10
CA PRO A 293 4.59 13.36 -10.87
C PRO A 293 4.51 11.85 -11.05
N PHE A 294 4.08 11.44 -12.24
CA PHE A 294 3.93 10.04 -12.52
C PHE A 294 4.62 9.65 -13.82
N GLN A 295 4.89 8.35 -13.98
CA GLN A 295 5.55 7.83 -15.16
C GLN A 295 4.98 6.47 -15.53
N ASN A 296 5.00 6.13 -16.82
CA ASN A 296 4.45 4.88 -17.30
C ASN A 296 5.49 4.06 -18.07
N VAL A 297 6.76 4.39 -17.87
CA VAL A 297 7.83 3.69 -18.58
C VAL A 297 8.08 2.29 -18.03
N ASN A 298 8.44 2.20 -16.75
CA ASN A 298 8.72 0.91 -16.14
C ASN A 298 8.56 1.04 -14.62
N LYS A 299 8.15 -0.05 -13.96
CA LYS A 299 7.99 -0.02 -12.50
C LYS A 299 9.33 -0.14 -11.82
N ILE A 300 10.31 -0.63 -12.57
CA ILE A 300 11.67 -0.75 -12.07
C ILE A 300 12.29 0.65 -12.25
N THR A 301 12.85 1.21 -11.19
CA THR A 301 13.45 2.52 -11.29
C THR A 301 14.52 2.71 -10.24
N TYR A 302 15.47 3.60 -10.54
CA TYR A 302 16.55 3.90 -9.61
C TYR A 302 16.84 5.40 -9.62
N GLY A 303 16.75 6.04 -8.44
CA GLY A 303 17.00 7.47 -8.33
C GLY A 303 15.75 8.27 -7.99
N ALA A 304 15.76 9.56 -8.28
CA ALA A 304 14.58 10.40 -8.02
C ALA A 304 13.67 10.15 -9.20
N CYS A 305 12.59 9.40 -8.98
CA CYS A 305 11.68 9.09 -10.08
C CYS A 305 10.23 9.28 -9.77
N PRO A 306 9.43 9.55 -10.80
CA PRO A 306 8.00 9.73 -10.59
C PRO A 306 7.44 8.34 -10.21
N LYS A 307 6.30 8.29 -9.51
CA LYS A 307 5.76 6.97 -9.16
C LYS A 307 5.26 6.33 -10.46
N TYR A 308 5.30 5.02 -10.54
CA TYR A 308 4.81 4.34 -11.71
C TYR A 308 3.30 4.22 -11.58
N VAL A 309 2.58 4.37 -12.68
CA VAL A 309 1.14 4.23 -12.64
C VAL A 309 0.72 3.56 -13.93
N LYS A 310 -0.42 2.87 -13.88
CA LYS A 310 -0.93 2.15 -15.04
C LYS A 310 -1.35 3.06 -16.18
N GLN A 311 -1.97 4.18 -15.83
CA GLN A 311 -2.43 5.19 -16.80
C GLN A 311 -1.27 5.70 -17.65
N ASN A 312 -1.49 5.77 -18.96
CA ASN A 312 -0.46 6.25 -19.88
C ASN A 312 -0.58 7.75 -20.12
N THR A 313 -1.58 8.37 -19.52
CA THR A 313 -1.77 9.81 -19.66
C THR A 313 -2.75 10.39 -18.65
N LEU A 314 -2.32 11.44 -17.95
CA LEU A 314 -3.18 12.14 -16.99
C LEU A 314 -2.95 13.62 -17.19
N LYS A 315 -4.00 14.29 -17.63
CA LYS A 315 -3.99 15.71 -17.90
C LYS A 315 -4.42 16.55 -16.72
N LEU A 316 -3.61 17.50 -16.31
CA LEU A 316 -3.97 18.39 -15.22
C LEU A 316 -4.44 19.66 -15.90
N ALA A 317 -5.67 20.06 -15.66
CA ALA A 317 -6.22 21.27 -16.27
C ALA A 317 -5.43 22.49 -15.87
N THR A 318 -5.21 23.41 -16.81
CA THR A 318 -4.49 24.63 -16.49
C THR A 318 -5.18 25.88 -17.04
N GLY A 319 -6.45 25.76 -17.38
CA GLY A 319 -7.18 26.89 -17.92
C GLY A 319 -8.65 26.61 -17.74
N MET A 320 -9.49 27.60 -18.01
CA MET A 320 -10.92 27.43 -17.81
C MET A 320 -11.56 26.47 -18.79
N ARG A 321 -12.87 26.28 -18.66
CA ARG A 321 -13.54 25.40 -19.58
C ARG A 321 -13.56 26.13 -20.92
N ASN A 322 -13.40 25.39 -22.00
CA ASN A 322 -13.39 25.97 -23.33
C ASN A 322 -14.78 25.94 -23.94
N VAL A 323 -15.40 27.10 -24.09
CA VAL A 323 -16.72 27.17 -24.70
C VAL A 323 -16.56 27.96 -25.99
N PRO A 324 -16.62 27.25 -27.14
CA PRO A 324 -16.50 27.67 -28.54
C PRO A 324 -17.28 28.90 -28.97
N GLU A 325 -18.29 28.70 -29.82
CA GLU A 325 -19.12 29.78 -30.30
C GLU A 325 -19.87 29.27 -31.50
N LYS A 326 -20.92 28.49 -31.24
CA LYS A 326 -21.72 27.93 -32.32
C LYS A 326 -20.88 26.97 -33.16
N GLY B 1 -20.21 24.53 -14.14
CA GLY B 1 -19.45 25.20 -13.05
C GLY B 1 -20.42 25.63 -11.98
N LEU B 2 -19.95 25.63 -10.73
CA LEU B 2 -20.82 26.01 -9.62
C LEU B 2 -21.35 27.44 -9.71
N PHE B 3 -20.64 28.33 -10.40
CA PHE B 3 -21.08 29.72 -10.46
C PHE B 3 -21.93 30.12 -11.66
N GLY B 4 -22.10 29.18 -12.60
CA GLY B 4 -22.94 29.43 -13.74
C GLY B 4 -22.60 30.63 -14.61
N ALA B 5 -21.36 31.09 -14.57
CA ALA B 5 -20.94 32.21 -15.42
C ALA B 5 -20.50 31.59 -16.75
N ILE B 6 -19.32 30.99 -16.74
CA ILE B 6 -18.76 30.34 -17.92
C ILE B 6 -19.63 29.15 -18.28
N ALA B 7 -19.89 28.97 -19.57
CA ALA B 7 -20.74 27.87 -20.03
C ALA B 7 -22.03 27.95 -19.23
N GLY B 8 -22.45 29.18 -18.93
CA GLY B 8 -23.66 29.41 -18.16
C GLY B 8 -24.38 30.64 -18.66
N PHE B 9 -24.65 31.61 -17.79
CA PHE B 9 -25.34 32.82 -18.24
C PHE B 9 -24.55 33.62 -19.26
N ILE B 10 -23.34 33.16 -19.56
CA ILE B 10 -22.49 33.80 -20.56
C ILE B 10 -22.39 32.79 -21.68
N GLU B 11 -23.29 32.92 -22.65
CA GLU B 11 -23.37 32.02 -23.80
C GLU B 11 -22.09 31.30 -24.19
N ASN B 12 -21.07 32.08 -24.53
CA ASN B 12 -19.83 31.46 -24.95
C ASN B 12 -18.60 32.33 -24.75
N GLY B 13 -17.44 31.76 -25.08
CA GLY B 13 -16.20 32.48 -24.93
C GLY B 13 -15.84 33.32 -26.14
N TRP B 14 -14.74 34.07 -26.03
CA TRP B 14 -14.30 34.92 -27.12
C TRP B 14 -12.96 34.46 -27.64
N GLU B 15 -12.95 33.93 -28.87
CA GLU B 15 -11.72 33.48 -29.49
C GLU B 15 -10.91 34.69 -29.95
N GLY B 16 -11.55 35.85 -30.03
CA GLY B 16 -10.85 37.05 -30.43
C GLY B 16 -9.98 37.56 -29.29
N MET B 17 -10.32 37.15 -28.08
CA MET B 17 -9.55 37.56 -26.93
C MET B 17 -8.34 36.65 -26.89
N ILE B 18 -7.15 37.21 -27.11
CA ILE B 18 -5.94 36.39 -27.10
C ILE B 18 -4.90 36.92 -26.11
N ASP B 19 -5.23 38.01 -25.45
CA ASP B 19 -4.31 38.63 -24.49
C ASP B 19 -4.86 38.54 -23.09
N GLY B 20 -5.93 37.78 -22.91
CA GLY B 20 -6.52 37.63 -21.60
C GLY B 20 -7.45 36.45 -21.45
N TRP B 21 -7.84 36.20 -20.20
CA TRP B 21 -8.75 35.13 -19.85
C TRP B 21 -10.15 35.74 -19.77
N TYR B 22 -10.23 36.90 -19.11
CA TYR B 22 -11.48 37.62 -18.95
C TYR B 22 -11.30 39.05 -19.45
N GLY B 23 -12.39 39.62 -19.96
CA GLY B 23 -12.36 40.98 -20.47
C GLY B 23 -13.75 41.54 -20.74
N PHE B 24 -13.79 42.77 -21.25
CA PHE B 24 -15.04 43.42 -21.55
C PHE B 24 -15.15 43.62 -23.05
N ARG B 25 -16.37 43.89 -23.48
CA ARG B 25 -16.67 44.16 -24.87
C ARG B 25 -17.81 45.14 -24.82
N HIS B 26 -17.65 46.26 -25.52
CA HIS B 26 -18.68 47.29 -25.55
C HIS B 26 -19.17 47.67 -26.94
N GLN B 27 -20.13 48.59 -26.95
CA GLN B 27 -20.75 49.12 -28.14
C GLN B 27 -21.39 50.43 -27.73
N ASN B 28 -20.57 51.49 -27.70
CA ASN B 28 -21.02 52.82 -27.32
C ASN B 28 -21.19 53.70 -28.55
N SER B 29 -21.43 54.97 -28.31
CA SER B 29 -21.60 55.92 -29.40
C SER B 29 -20.44 55.83 -30.39
N GLU B 30 -19.23 55.68 -29.86
CA GLU B 30 -18.03 55.62 -30.69
C GLU B 30 -17.80 54.29 -31.42
N GLY B 31 -18.78 53.40 -31.35
CA GLY B 31 -18.65 52.10 -32.01
C GLY B 31 -18.54 50.95 -31.01
N THR B 32 -17.66 49.99 -31.30
CA THR B 32 -17.47 48.84 -30.41
C THR B 32 -16.00 48.52 -30.15
N GLY B 33 -15.72 47.95 -28.99
CA GLY B 33 -14.35 47.61 -28.64
C GLY B 33 -14.20 46.37 -27.78
N GLN B 34 -12.96 46.05 -27.43
CA GLN B 34 -12.65 44.88 -26.62
C GLN B 34 -11.32 45.02 -25.89
N ALA B 35 -11.32 44.76 -24.60
CA ALA B 35 -10.11 44.87 -23.79
C ALA B 35 -10.11 43.79 -22.71
N ALA B 36 -8.94 43.18 -22.49
CA ALA B 36 -8.81 42.13 -21.49
C ALA B 36 -8.57 42.71 -20.12
N ASP B 37 -9.15 42.07 -19.10
CA ASP B 37 -8.98 42.52 -17.71
C ASP B 37 -7.75 41.82 -17.14
N LEU B 38 -6.66 42.58 -17.01
CA LEU B 38 -5.43 42.02 -16.49
C LEU B 38 -5.60 41.51 -15.07
N LYS B 39 -6.10 42.38 -14.19
CA LYS B 39 -6.31 42.04 -12.78
C LYS B 39 -6.96 40.66 -12.64
N SER B 40 -8.14 40.54 -13.21
CA SER B 40 -8.92 39.30 -13.17
C SER B 40 -8.17 38.11 -13.73
N THR B 41 -7.68 38.26 -14.96
CA THR B 41 -6.94 37.20 -15.62
C THR B 41 -5.77 36.73 -14.77
N GLN B 42 -4.93 37.65 -14.34
CA GLN B 42 -3.77 37.30 -13.51
C GLN B 42 -4.16 36.50 -12.25
N ALA B 43 -5.23 36.91 -11.57
CA ALA B 43 -5.70 36.24 -10.35
C ALA B 43 -5.96 34.75 -10.60
N ALA B 44 -6.61 34.44 -11.72
CA ALA B 44 -6.88 33.05 -12.09
C ALA B 44 -5.54 32.38 -12.38
N ILE B 45 -4.77 32.99 -13.28
CA ILE B 45 -3.48 32.43 -13.65
C ILE B 45 -2.57 32.18 -12.46
N ASP B 46 -2.52 33.14 -11.53
CA ASP B 46 -1.66 32.96 -10.36
C ASP B 46 -2.09 31.75 -9.52
N GLN B 47 -3.39 31.60 -9.33
CA GLN B 47 -3.89 30.49 -8.53
C GLN B 47 -3.65 29.14 -9.17
N ILE B 48 -3.96 29.05 -10.47
CA ILE B 48 -3.77 27.79 -11.17
C ILE B 48 -2.30 27.42 -11.25
N ASN B 49 -1.43 28.42 -11.31
CA ASN B 49 0.00 28.13 -11.36
C ASN B 49 0.47 27.55 -10.02
N ARG B 50 0.00 28.12 -8.91
CA ARG B 50 0.39 27.59 -7.62
C ARG B 50 -0.12 26.15 -7.56
N LYS B 51 -1.37 25.94 -7.95
CA LYS B 51 -2.02 24.63 -7.97
C LYS B 51 -1.15 23.62 -8.68
N LEU B 52 -0.65 24.03 -9.83
CA LEU B 52 0.21 23.18 -10.64
C LEU B 52 1.50 22.85 -9.91
N ASN B 53 2.21 23.87 -9.42
CA ASN B 53 3.50 23.69 -8.73
C ASN B 53 3.53 22.76 -7.52
N ARG B 54 2.37 22.62 -6.86
CA ARG B 54 2.24 21.73 -5.72
C ARG B 54 2.28 20.28 -6.24
N VAL B 55 2.12 20.10 -7.55
CA VAL B 55 2.11 18.76 -8.14
C VAL B 55 3.31 18.39 -9.03
N ILE B 56 4.09 19.38 -9.48
CA ILE B 56 5.20 19.11 -10.37
C ILE B 56 6.64 19.06 -9.82
N GLU B 57 7.01 20.02 -8.99
CA GLU B 57 8.37 20.05 -8.44
C GLU B 57 8.59 18.93 -7.42
N LYS B 58 7.75 17.91 -7.42
CA LYS B 58 7.90 16.89 -6.38
C LYS B 58 7.98 15.40 -6.73
N THR B 59 9.09 14.78 -6.31
CA THR B 59 9.36 13.35 -6.54
C THR B 59 10.40 12.91 -5.50
N ASN B 60 10.24 11.71 -4.92
CA ASN B 60 11.19 11.22 -3.94
C ASN B 60 12.19 10.19 -4.49
N GLU B 61 13.30 9.99 -3.79
CA GLU B 61 14.32 9.03 -4.22
C GLU B 61 14.20 7.67 -3.57
N LYS B 62 14.43 6.65 -4.40
CA LYS B 62 14.38 5.26 -3.96
C LYS B 62 15.51 4.61 -4.75
N PHE B 63 16.42 3.93 -4.06
CA PHE B 63 17.54 3.27 -4.75
C PHE B 63 17.39 1.76 -4.77
N HIS B 64 18.00 1.11 -3.79
CA HIS B 64 17.95 -0.34 -3.63
C HIS B 64 16.54 -0.70 -3.14
N GLN B 65 15.83 -1.49 -3.93
CA GLN B 65 14.47 -1.88 -3.56
C GLN B 65 14.31 -3.39 -3.69
N ILE B 66 13.19 -3.84 -4.27
CA ILE B 66 13.00 -5.28 -4.46
C ILE B 66 12.94 -5.58 -5.95
N GLU B 67 13.31 -6.79 -6.34
CA GLU B 67 13.25 -7.16 -7.75
C GLU B 67 11.78 -7.12 -8.16
N LYS B 68 11.51 -7.02 -9.45
CA LYS B 68 10.12 -6.96 -9.92
C LYS B 68 9.85 -7.79 -11.18
N GLU B 69 10.90 -8.43 -11.69
CA GLU B 69 10.80 -9.30 -12.86
C GLU B 69 11.53 -10.59 -12.47
N PHE B 70 11.03 -11.72 -12.94
CA PHE B 70 11.66 -12.97 -12.59
C PHE B 70 11.77 -13.89 -13.78
N SER B 71 12.91 -14.57 -13.84
CA SER B 71 13.21 -15.50 -14.91
C SER B 71 12.76 -16.94 -14.60
N GLU B 72 12.59 -17.26 -13.31
CA GLU B 72 12.16 -18.60 -12.94
C GLU B 72 10.97 -18.61 -11.99
N VAL B 73 10.26 -19.72 -11.97
CA VAL B 73 9.11 -19.91 -11.10
C VAL B 73 9.69 -20.26 -9.74
N GLU B 74 9.16 -19.67 -8.66
CA GLU B 74 9.67 -19.97 -7.30
C GLU B 74 8.57 -20.27 -6.26
N GLY B 75 7.45 -19.54 -6.33
CA GLY B 75 6.37 -19.78 -5.40
C GLY B 75 6.02 -18.71 -4.38
N ARG B 76 5.87 -19.16 -3.14
CA ARG B 76 5.46 -18.30 -2.05
C ARG B 76 6.15 -16.96 -2.00
N ILE B 77 7.45 -16.96 -1.79
CA ILE B 77 8.19 -15.72 -1.69
C ILE B 77 7.99 -14.79 -2.89
N GLN B 78 8.10 -15.33 -4.10
CA GLN B 78 7.92 -14.50 -5.27
C GLN B 78 6.50 -13.95 -5.33
N ASP B 79 5.51 -14.78 -5.02
CA ASP B 79 4.13 -14.28 -5.09
C ASP B 79 4.04 -13.01 -4.27
N LEU B 80 4.58 -13.06 -3.07
CA LEU B 80 4.51 -11.90 -2.19
C LEU B 80 5.19 -10.70 -2.82
N GLU B 81 6.35 -10.90 -3.44
CA GLU B 81 7.04 -9.78 -4.07
C GLU B 81 6.17 -9.12 -5.13
N LYS B 82 5.49 -9.93 -5.93
CA LYS B 82 4.62 -9.37 -6.96
C LYS B 82 3.38 -8.74 -6.35
N TYR B 83 2.73 -9.43 -5.40
CA TYR B 83 1.53 -8.86 -4.80
C TYR B 83 1.86 -7.47 -4.26
N VAL B 84 2.93 -7.37 -3.48
CA VAL B 84 3.36 -6.09 -2.93
C VAL B 84 3.49 -5.02 -4.01
N GLU B 85 4.30 -5.28 -5.03
CA GLU B 85 4.45 -4.27 -6.08
C GLU B 85 3.13 -3.95 -6.76
N ASP B 86 2.36 -4.96 -7.12
CA ASP B 86 1.08 -4.75 -7.78
C ASP B 86 0.16 -3.93 -6.88
N THR B 87 0.12 -4.25 -5.60
CA THR B 87 -0.74 -3.53 -4.64
C THR B 87 -0.31 -2.05 -4.62
N LYS B 88 1.00 -1.84 -4.56
CA LYS B 88 1.57 -0.49 -4.58
C LYS B 88 1.11 0.27 -5.83
N ILE B 89 1.31 -0.36 -6.98
CA ILE B 89 0.95 0.23 -8.22
C ILE B 89 -0.53 0.63 -8.32
N ASP B 90 -1.44 -0.22 -7.88
CA ASP B 90 -2.85 0.17 -7.98
C ASP B 90 -3.18 1.35 -7.09
N LEU B 91 -2.61 1.37 -5.88
CA LEU B 91 -2.87 2.45 -4.92
C LEU B 91 -2.45 3.78 -5.47
N TRP B 92 -1.30 3.82 -6.13
CA TRP B 92 -0.85 5.07 -6.72
C TRP B 92 -1.66 5.43 -7.95
N SER B 93 -1.94 4.44 -8.78
CA SER B 93 -2.74 4.69 -9.95
C SER B 93 -4.06 5.30 -9.47
N TYR B 94 -4.60 4.77 -8.39
CA TYR B 94 -5.84 5.31 -7.87
C TYR B 94 -5.62 6.77 -7.47
N ASN B 95 -4.57 7.01 -6.69
CA ASN B 95 -4.24 8.37 -6.25
C ASN B 95 -4.13 9.34 -7.43
N ALA B 96 -3.37 8.98 -8.46
CA ALA B 96 -3.24 9.87 -9.62
C ALA B 96 -4.60 10.17 -10.22
N GLU B 97 -5.36 9.13 -10.55
CA GLU B 97 -6.69 9.30 -11.13
C GLU B 97 -7.49 10.30 -10.30
N LEU B 98 -7.58 10.08 -8.99
CA LEU B 98 -8.35 10.96 -8.11
C LEU B 98 -7.81 12.40 -7.98
N LEU B 99 -6.49 12.55 -8.03
CA LEU B 99 -5.87 13.87 -7.96
C LEU B 99 -6.35 14.75 -9.13
N VAL B 100 -6.09 14.35 -10.37
CA VAL B 100 -6.54 15.16 -11.50
C VAL B 100 -8.05 15.37 -11.47
N ALA B 101 -8.81 14.33 -11.14
CA ALA B 101 -10.27 14.45 -11.11
C ALA B 101 -10.67 15.60 -10.18
N LEU B 102 -10.22 15.53 -8.93
CA LEU B 102 -10.51 16.57 -7.96
C LEU B 102 -9.95 17.92 -8.42
N GLU B 103 -8.66 17.94 -8.75
CA GLU B 103 -7.98 19.17 -9.19
C GLU B 103 -8.72 19.83 -10.34
N ASN B 104 -8.93 19.07 -11.40
CA ASN B 104 -9.62 19.60 -12.55
C ASN B 104 -10.98 20.15 -12.18
N GLN B 105 -11.80 19.36 -11.49
CA GLN B 105 -13.13 19.83 -11.12
C GLN B 105 -13.02 21.17 -10.42
N HIS B 106 -12.06 21.29 -9.49
CA HIS B 106 -11.82 22.53 -8.75
C HIS B 106 -11.29 23.62 -9.67
N THR B 107 -10.43 23.28 -10.63
CA THR B 107 -9.90 24.29 -11.56
C THR B 107 -11.01 24.88 -12.44
N ILE B 108 -11.96 24.06 -12.86
CA ILE B 108 -13.06 24.56 -13.67
C ILE B 108 -13.94 25.48 -12.83
N ASP B 109 -14.28 25.08 -11.60
CA ASP B 109 -15.11 25.95 -10.74
C ASP B 109 -14.41 27.26 -10.37
N LEU B 110 -13.10 27.23 -10.13
CA LEU B 110 -12.33 28.42 -9.78
C LEU B 110 -12.31 29.45 -10.92
N ALA B 111 -12.04 28.98 -12.13
CA ALA B 111 -12.00 29.88 -13.27
C ALA B 111 -13.36 30.52 -13.46
N ASP B 112 -14.40 29.74 -13.15
CA ASP B 112 -15.79 30.16 -13.27
C ASP B 112 -16.11 31.20 -12.20
N SER B 113 -15.54 30.99 -11.03
CA SER B 113 -15.73 31.90 -9.91
C SER B 113 -15.04 33.21 -10.24
N GLU B 114 -13.81 33.15 -10.72
CA GLU B 114 -13.13 34.39 -11.04
C GLU B 114 -13.92 35.22 -12.07
N MET B 115 -14.57 34.56 -13.03
CA MET B 115 -15.36 35.27 -14.03
C MET B 115 -16.50 36.00 -13.33
N ASN B 116 -17.21 35.28 -12.48
CA ASN B 116 -18.34 35.84 -11.75
C ASN B 116 -17.87 36.99 -10.86
N LYS B 117 -16.72 36.84 -10.21
CA LYS B 117 -16.21 37.92 -9.38
C LYS B 117 -16.09 39.20 -10.20
N LEU B 118 -15.56 39.09 -11.42
CA LEU B 118 -15.41 40.27 -12.26
C LEU B 118 -16.75 40.91 -12.56
N PHE B 119 -17.74 40.07 -12.86
CA PHE B 119 -19.08 40.54 -13.17
C PHE B 119 -19.67 41.31 -12.02
N GLU B 120 -19.50 40.75 -10.82
CA GLU B 120 -20.01 41.39 -9.61
C GLU B 120 -19.28 42.67 -9.30
N LYS B 121 -17.96 42.66 -9.50
CA LYS B 121 -17.13 43.82 -9.25
C LYS B 121 -17.63 44.95 -10.15
N THR B 122 -18.07 44.59 -11.34
CA THR B 122 -18.55 45.57 -12.32
C THR B 122 -19.93 46.10 -11.95
N ARG B 123 -20.85 45.19 -11.67
CA ARG B 123 -22.23 45.54 -11.29
C ARG B 123 -22.26 46.52 -10.13
N ARG B 124 -21.41 46.27 -9.14
CA ARG B 124 -21.37 47.13 -7.98
C ARG B 124 -20.84 48.52 -8.32
N GLN B 125 -19.92 48.58 -9.30
CA GLN B 125 -19.33 49.84 -9.72
C GLN B 125 -20.41 50.71 -10.35
N LEU B 126 -21.10 50.13 -11.32
CA LEU B 126 -22.16 50.82 -12.04
C LEU B 126 -23.34 51.29 -11.18
N ARG B 127 -23.52 50.71 -9.99
CA ARG B 127 -24.63 51.09 -9.11
C ARG B 127 -26.01 51.12 -9.76
N GLU B 128 -26.65 52.29 -9.76
CA GLU B 128 -27.99 52.41 -10.34
C GLU B 128 -28.02 52.95 -11.76
N ASN B 129 -26.85 53.07 -12.37
CA ASN B 129 -26.71 53.60 -13.74
C ASN B 129 -26.86 52.55 -14.84
N ALA B 130 -26.77 51.27 -14.47
CA ALA B 130 -26.88 50.18 -15.43
C ALA B 130 -27.84 49.07 -14.98
N GLU B 131 -28.16 48.15 -15.88
CA GLU B 131 -29.05 47.03 -15.60
C GLU B 131 -28.48 45.74 -16.20
N ASP B 132 -28.56 44.64 -15.46
CA ASP B 132 -28.05 43.37 -15.94
C ASP B 132 -29.05 42.75 -16.93
N MET B 133 -28.63 42.65 -18.18
CA MET B 133 -29.47 42.11 -19.22
C MET B 133 -29.61 40.60 -19.18
N GLY B 134 -28.88 39.94 -18.29
CA GLY B 134 -28.94 38.49 -18.16
C GLY B 134 -27.99 37.65 -19.01
N ASN B 135 -27.13 38.29 -19.79
CA ASN B 135 -26.20 37.57 -20.65
C ASN B 135 -24.75 37.97 -20.39
N GLY B 136 -24.49 38.55 -19.24
CA GLY B 136 -23.13 38.96 -18.94
C GLY B 136 -22.87 40.39 -19.38
N CYS B 137 -23.88 41.04 -19.96
CA CYS B 137 -23.76 42.42 -20.41
C CYS B 137 -24.60 43.37 -19.57
N PHE B 138 -24.07 44.56 -19.34
CA PHE B 138 -24.76 45.59 -18.59
C PHE B 138 -25.21 46.68 -19.56
N LYS B 139 -26.46 47.10 -19.42
CA LYS B 139 -26.98 48.17 -20.25
C LYS B 139 -26.81 49.44 -19.44
N ILE B 140 -25.82 50.24 -19.82
CA ILE B 140 -25.54 51.49 -19.13
C ILE B 140 -26.55 52.52 -19.65
N TYR B 141 -27.39 53.04 -18.77
CA TYR B 141 -28.40 54.01 -19.20
C TYR B 141 -27.95 55.45 -19.35
N HIS B 142 -26.76 55.65 -19.90
CA HIS B 142 -26.25 57.00 -20.08
C HIS B 142 -25.12 57.03 -21.11
N LYS B 143 -25.00 58.15 -21.84
CA LYS B 143 -23.96 58.28 -22.84
C LYS B 143 -22.65 57.99 -22.15
N CYS B 144 -21.99 56.95 -22.65
CA CYS B 144 -20.72 56.48 -22.13
C CYS B 144 -19.70 56.32 -23.25
N ASP B 145 -18.90 57.35 -23.52
CA ASP B 145 -17.91 57.25 -24.58
C ASP B 145 -16.71 56.40 -24.14
N ASN B 146 -15.75 56.22 -25.03
CA ASN B 146 -14.57 55.42 -24.73
C ASN B 146 -13.94 55.74 -23.38
N ALA B 147 -13.85 57.02 -23.03
CA ALA B 147 -13.26 57.41 -21.76
C ALA B 147 -14.11 56.83 -20.63
N CYS B 148 -15.41 57.11 -20.70
CA CYS B 148 -16.35 56.62 -19.70
C CYS B 148 -16.20 55.11 -19.49
N ILE B 149 -16.16 54.36 -20.59
CA ILE B 149 -15.97 52.91 -20.48
C ILE B 149 -14.61 52.58 -19.86
N GLU B 150 -13.57 53.27 -20.29
CA GLU B 150 -12.24 53.01 -19.75
C GLU B 150 -12.21 53.18 -18.25
N SER B 151 -12.85 54.22 -17.74
CA SER B 151 -12.86 54.44 -16.31
C SER B 151 -13.47 53.22 -15.62
N ILE B 152 -14.45 52.59 -16.26
CA ILE B 152 -15.10 51.41 -15.68
C ILE B 152 -14.09 50.26 -15.58
N ARG B 153 -13.45 49.96 -16.71
CA ARG B 153 -12.47 48.89 -16.76
C ARG B 153 -11.30 49.13 -15.81
N ASN B 154 -10.88 50.38 -15.66
CA ASN B 154 -9.77 50.64 -14.75
C ASN B 154 -10.28 50.90 -13.32
N GLY B 155 -11.59 50.74 -13.14
CA GLY B 155 -12.21 50.92 -11.84
C GLY B 155 -12.26 52.30 -11.19
N THR B 156 -12.25 53.37 -11.98
CA THR B 156 -12.29 54.73 -11.44
C THR B 156 -13.63 55.42 -11.75
N TYR B 157 -14.54 54.66 -12.35
CA TYR B 157 -15.88 55.13 -12.71
C TYR B 157 -16.60 55.78 -11.52
N ASP B 158 -17.07 57.01 -11.71
CA ASP B 158 -17.75 57.78 -10.67
C ASP B 158 -19.26 57.77 -10.95
N HIS B 159 -19.99 56.84 -10.32
CA HIS B 159 -21.42 56.71 -10.54
C HIS B 159 -22.30 57.94 -10.36
N ASP B 160 -21.93 58.85 -9.46
CA ASP B 160 -22.73 60.07 -9.22
C ASP B 160 -22.84 60.94 -10.45
N ILE B 161 -21.70 61.15 -11.12
CA ILE B 161 -21.62 61.96 -12.33
C ILE B 161 -22.70 61.61 -13.36
N TYR B 162 -23.17 60.38 -13.36
CA TYR B 162 -24.18 59.98 -14.34
C TYR B 162 -25.50 59.54 -13.74
N ARG B 163 -25.57 59.42 -12.40
CA ARG B 163 -26.79 58.96 -11.76
C ARG B 163 -28.07 59.61 -12.27
N ASP B 164 -28.13 60.94 -12.22
CA ASP B 164 -29.31 61.65 -12.68
C ASP B 164 -29.68 61.28 -14.11
N GLU B 165 -28.73 61.49 -15.02
CA GLU B 165 -28.95 61.19 -16.43
C GLU B 165 -29.49 59.77 -16.57
N ALA B 166 -28.84 58.84 -15.87
CA ALA B 166 -29.19 57.43 -15.87
C ALA B 166 -30.56 57.12 -15.30
N LEU B 167 -30.84 57.63 -14.10
CA LEU B 167 -32.12 57.40 -13.46
C LEU B 167 -33.27 57.86 -14.33
N ASN B 168 -33.05 58.96 -15.05
CA ASN B 168 -34.09 59.48 -15.93
C ASN B 168 -34.42 58.47 -17.03
N ASN B 169 -33.39 57.94 -17.69
CA ASN B 169 -33.55 56.94 -18.75
C ASN B 169 -34.16 55.65 -18.26
N ARG B 170 -33.70 55.20 -17.10
CA ARG B 170 -34.21 53.98 -16.51
C ARG B 170 -35.68 54.06 -16.16
N PHE B 171 -36.08 55.12 -15.46
CA PHE B 171 -37.47 55.25 -15.04
C PHE B 171 -38.32 56.33 -15.70
N GLN B 172 -38.39 56.30 -17.03
CA GLN B 172 -39.18 57.27 -17.79
C GLN B 172 -40.03 56.56 -18.85
N SER C 9 -53.60 42.60 -8.94
CA SER C 9 -52.67 43.74 -9.23
C SER C 9 -51.22 43.29 -9.44
N THR C 10 -50.65 42.59 -8.46
CA THR C 10 -49.28 42.07 -8.55
C THR C 10 -49.41 40.55 -8.52
N ALA C 11 -48.39 39.83 -8.97
CA ALA C 11 -48.40 38.37 -8.95
C ALA C 11 -47.24 37.90 -8.10
N THR C 12 -47.30 36.67 -7.59
CA THR C 12 -46.25 36.16 -6.73
C THR C 12 -45.69 34.81 -7.20
N LEU C 13 -44.44 34.82 -7.67
CA LEU C 13 -43.81 33.61 -8.19
C LEU C 13 -42.69 33.12 -7.28
N CYS C 14 -42.79 31.86 -6.82
CA CYS C 14 -41.79 31.30 -5.91
C CYS C 14 -40.96 30.15 -6.49
N LEU C 15 -39.66 30.15 -6.21
CA LEU C 15 -38.82 29.07 -6.70
C LEU C 15 -38.57 28.08 -5.59
N GLY C 16 -38.37 26.81 -5.96
CA GLY C 16 -38.12 25.82 -4.94
C GLY C 16 -37.52 24.55 -5.47
N HIS C 17 -37.28 23.61 -4.56
CA HIS C 17 -36.70 22.32 -4.89
C HIS C 17 -37.53 21.28 -4.14
N HIS C 18 -37.42 20.02 -4.53
CA HIS C 18 -38.21 19.00 -3.88
C HIS C 18 -37.60 18.49 -2.60
N ALA C 19 -38.31 17.52 -2.02
CA ALA C 19 -37.91 16.90 -0.79
C ALA C 19 -38.67 15.59 -0.68
N VAL C 20 -38.16 14.68 0.13
CA VAL C 20 -38.82 13.39 0.30
C VAL C 20 -39.21 13.14 1.74
N PRO C 21 -40.29 12.35 1.92
CA PRO C 21 -40.88 11.96 3.22
C PRO C 21 -39.82 11.38 4.11
N ASN C 22 -39.25 10.26 3.66
CA ASN C 22 -38.16 9.63 4.41
C ASN C 22 -36.94 9.66 3.47
N GLY C 23 -35.91 10.42 3.83
CA GLY C 23 -34.73 10.50 2.99
C GLY C 23 -33.67 9.45 3.28
N THR C 24 -32.43 9.76 2.94
CA THR C 24 -31.30 8.84 3.17
C THR C 24 -30.15 9.54 3.88
N ILE C 25 -29.59 8.91 4.92
CA ILE C 25 -28.46 9.51 5.64
C ILE C 25 -27.10 9.18 5.05
N VAL C 26 -26.27 10.22 4.94
CA VAL C 26 -24.95 10.10 4.32
C VAL C 26 -23.83 10.82 5.09
N LYS C 27 -22.57 10.59 4.71
CA LYS C 27 -21.45 11.27 5.38
C LYS C 27 -20.73 12.24 4.45
N THR C 28 -20.44 13.44 4.94
CA THR C 28 -19.74 14.45 4.15
C THR C 28 -18.43 14.86 4.83
N ILE C 29 -17.92 16.02 4.47
CA ILE C 29 -16.69 16.52 5.05
C ILE C 29 -17.04 17.32 6.29
N THR C 30 -18.32 17.64 6.43
CA THR C 30 -18.78 18.41 7.59
C THR C 30 -19.98 17.79 8.31
N ASP C 31 -20.23 16.50 8.04
CA ASP C 31 -21.34 15.78 8.66
C ASP C 31 -21.12 14.29 8.55
N ASP C 32 -20.93 13.61 9.65
CA ASP C 32 -20.79 12.17 9.59
C ASP C 32 -22.23 11.67 9.47
N GLN C 33 -23.15 12.63 9.50
CA GLN C 33 -24.58 12.36 9.38
C GLN C 33 -25.42 13.54 8.88
N ILE C 34 -25.77 13.50 7.61
CA ILE C 34 -26.61 14.53 7.04
C ILE C 34 -27.57 13.75 6.14
N GLU C 35 -28.69 14.34 5.74
CA GLU C 35 -29.69 13.60 4.98
C GLU C 35 -29.93 14.05 3.53
N VAL C 36 -29.87 13.11 2.59
CA VAL C 36 -30.11 13.43 1.19
C VAL C 36 -31.38 12.75 0.67
N THR C 37 -31.86 13.22 -0.46
CA THR C 37 -33.08 12.67 -1.07
C THR C 37 -32.90 11.24 -1.61
N ASN C 38 -31.68 10.91 -2.04
CA ASN C 38 -31.41 9.62 -2.62
C ASN C 38 -29.88 9.36 -2.64
N ALA C 39 -29.49 8.11 -2.40
CA ALA C 39 -28.10 7.68 -2.33
C ALA C 39 -28.02 6.27 -2.90
N THR C 40 -26.82 5.82 -3.21
CA THR C 40 -26.62 4.49 -3.77
C THR C 40 -25.52 3.84 -2.93
N GLU C 41 -25.58 2.52 -2.80
CA GLU C 41 -24.61 1.78 -2.00
C GLU C 41 -23.30 1.47 -2.68
N LEU C 42 -22.19 1.90 -2.08
CA LEU C 42 -20.89 1.64 -2.68
C LEU C 42 -20.24 0.34 -2.21
N VAL C 43 -20.78 -0.28 -1.16
CA VAL C 43 -20.18 -1.52 -0.68
C VAL C 43 -21.05 -2.76 -0.81
N GLN C 44 -20.57 -3.74 -1.57
CA GLN C 44 -21.29 -4.99 -1.75
C GLN C 44 -21.15 -5.73 -0.44
N SER C 45 -22.23 -5.86 0.31
CA SER C 45 -22.17 -6.54 1.58
C SER C 45 -22.64 -7.98 1.44
N SER C 46 -23.47 -8.29 0.44
CA SER C 46 -23.95 -9.66 0.37
C SER C 46 -23.53 -10.58 -0.78
N SER C 47 -23.40 -11.85 -0.43
CA SER C 47 -23.03 -12.89 -1.38
C SER C 47 -24.18 -13.87 -1.61
N THR C 48 -24.17 -14.54 -2.76
CA THR C 48 -25.21 -15.51 -3.09
C THR C 48 -25.02 -16.79 -2.27
N GLY C 49 -23.80 -17.05 -1.80
CA GLY C 49 -23.55 -18.27 -1.04
C GLY C 49 -23.09 -19.38 -1.96
N LYS C 50 -23.12 -19.11 -3.26
CA LYS C 50 -22.72 -20.11 -4.25
C LYS C 50 -21.73 -19.59 -5.27
N ILE C 51 -20.95 -20.51 -5.84
CA ILE C 51 -19.95 -20.13 -6.83
C ILE C 51 -20.45 -20.37 -8.24
N CYS C 52 -20.57 -19.31 -9.02
CA CYS C 52 -21.06 -19.50 -10.36
C CYS C 52 -20.15 -20.40 -11.13
N ASN C 53 -20.75 -21.11 -12.06
CA ASN C 53 -19.99 -22.02 -12.86
C ASN C 53 -19.19 -21.37 -13.97
N ASN C 54 -19.38 -20.10 -14.40
CA ASN C 54 -18.50 -19.88 -15.53
C ASN C 54 -17.83 -18.79 -16.31
N PRO C 55 -17.43 -17.60 -15.68
CA PRO C 55 -16.83 -17.09 -16.89
C PRO C 55 -15.56 -17.98 -16.89
N HIS C 56 -15.20 -18.35 -15.63
CA HIS C 56 -14.06 -19.17 -15.23
C HIS C 56 -14.24 -20.68 -15.14
N ARG C 57 -13.23 -21.38 -15.63
CA ARG C 57 -13.22 -22.84 -15.58
C ARG C 57 -12.98 -23.26 -14.12
N ILE C 58 -14.04 -23.68 -13.45
CA ILE C 58 -13.94 -24.09 -12.05
C ILE C 58 -13.81 -25.59 -11.84
N LEU C 59 -12.83 -25.98 -11.02
CA LEU C 59 -12.54 -27.38 -10.71
C LEU C 59 -12.69 -27.58 -9.21
N ASP C 60 -13.60 -28.47 -8.83
CA ASP C 60 -13.89 -28.76 -7.45
C ASP C 60 -12.99 -29.92 -7.02
N GLY C 61 -12.08 -29.65 -6.10
CA GLY C 61 -11.20 -30.71 -5.65
C GLY C 61 -11.96 -31.88 -5.06
N ARG C 62 -13.12 -31.59 -4.47
CA ARG C 62 -13.96 -32.60 -3.86
C ARG C 62 -13.32 -33.17 -2.61
N ALA C 63 -12.63 -34.28 -2.68
CA ALA C 63 -12.06 -34.78 -1.44
C ALA C 63 -10.55 -34.77 -1.59
N CYS C 64 -10.10 -34.12 -2.64
CA CYS C 64 -8.67 -34.05 -2.95
C CYS C 64 -8.10 -32.65 -2.85
N THR C 65 -6.89 -32.55 -2.31
CA THR C 65 -6.23 -31.26 -2.29
C THR C 65 -5.52 -31.25 -3.66
N LEU C 66 -5.10 -30.09 -4.11
CA LEU C 66 -4.40 -30.00 -5.39
C LEU C 66 -3.16 -30.92 -5.38
N ILE C 67 -2.37 -30.86 -4.32
CA ILE C 67 -1.18 -31.70 -4.22
C ILE C 67 -1.45 -33.19 -4.44
N ASP C 68 -2.29 -33.78 -3.60
CA ASP C 68 -2.67 -35.18 -3.71
C ASP C 68 -3.11 -35.55 -5.12
N ALA C 69 -3.71 -34.58 -5.82
CA ALA C 69 -4.13 -34.83 -7.19
C ALA C 69 -2.89 -34.85 -8.05
N LEU C 70 -1.96 -33.98 -7.73
CA LEU C 70 -0.68 -33.84 -8.43
C LEU C 70 0.18 -35.09 -8.23
N LEU C 71 0.21 -35.59 -7.01
CA LEU C 71 1.00 -36.77 -6.68
C LEU C 71 0.34 -38.04 -7.20
N GLY C 72 -0.99 -38.06 -7.19
CA GLY C 72 -1.68 -39.23 -7.68
C GLY C 72 -2.24 -40.14 -6.59
N ASP C 73 -2.73 -39.52 -5.52
CA ASP C 73 -3.34 -40.29 -4.45
C ASP C 73 -4.47 -41.08 -5.12
N PRO C 74 -4.51 -42.40 -4.92
CA PRO C 74 -5.57 -43.20 -5.56
C PRO C 74 -6.97 -42.58 -5.74
N HIS C 75 -7.57 -42.03 -4.70
CA HIS C 75 -8.90 -41.45 -4.90
C HIS C 75 -8.88 -40.15 -5.66
N CYS C 76 -7.69 -39.59 -5.82
CA CYS C 76 -7.53 -38.33 -6.54
C CYS C 76 -7.14 -38.63 -7.96
N ASP C 77 -7.40 -39.85 -8.39
CA ASP C 77 -7.02 -40.24 -9.73
C ASP C 77 -7.94 -39.63 -10.78
N VAL C 78 -9.13 -39.23 -10.37
CA VAL C 78 -10.05 -38.66 -11.33
C VAL C 78 -9.53 -37.31 -11.83
N PHE C 79 -8.77 -36.61 -11.00
CA PHE C 79 -8.24 -35.31 -11.41
C PHE C 79 -7.07 -35.44 -12.34
N GLN C 80 -6.82 -36.65 -12.80
CA GLN C 80 -5.73 -36.89 -13.74
C GLN C 80 -5.84 -36.07 -15.01
N ASN C 81 -4.82 -35.25 -15.25
CA ASN C 81 -4.71 -34.37 -16.43
C ASN C 81 -5.71 -33.27 -16.54
N GLU C 82 -6.40 -33.02 -15.45
CA GLU C 82 -7.42 -32.02 -15.37
C GLU C 82 -6.82 -30.61 -15.46
N THR C 83 -7.64 -29.63 -15.82
CA THR C 83 -7.21 -28.24 -15.93
C THR C 83 -8.16 -27.39 -15.13
N TRP C 84 -7.86 -26.11 -14.99
CA TRP C 84 -8.72 -25.25 -14.19
C TRP C 84 -8.29 -23.82 -14.22
N ASP C 85 -9.25 -22.92 -14.16
CA ASP C 85 -8.93 -21.51 -14.09
C ASP C 85 -8.85 -21.26 -12.59
N LEU C 86 -9.66 -22.00 -11.84
CA LEU C 86 -9.65 -21.85 -10.39
C LEU C 86 -9.93 -23.18 -9.75
N PHE C 87 -8.97 -23.71 -9.02
CA PHE C 87 -9.14 -24.99 -8.34
C PHE C 87 -9.77 -24.69 -6.98
N VAL C 88 -10.71 -25.52 -6.53
CA VAL C 88 -11.38 -25.31 -5.25
C VAL C 88 -11.12 -26.38 -4.19
N GLU C 89 -10.20 -26.11 -3.26
CA GLU C 89 -9.90 -27.08 -2.19
C GLU C 89 -10.91 -27.02 -1.05
N ARG C 90 -11.48 -28.17 -0.73
CA ARG C 90 -12.47 -28.29 0.33
C ARG C 90 -11.89 -28.56 1.71
N SER C 91 -12.59 -28.08 2.73
CA SER C 91 -12.17 -28.25 4.10
C SER C 91 -12.12 -29.73 4.52
N ASN C 92 -12.98 -30.56 3.97
CA ASN C 92 -13.01 -31.98 4.35
C ASN C 92 -12.28 -32.91 3.41
N ALA C 93 -11.27 -32.41 2.73
CA ALA C 93 -10.50 -33.27 1.84
C ALA C 93 -9.56 -34.08 2.75
N PHE C 94 -9.13 -35.27 2.30
CA PHE C 94 -8.27 -36.14 3.08
C PHE C 94 -7.30 -36.87 2.18
N SER C 95 -6.29 -37.48 2.80
CA SER C 95 -5.27 -38.23 2.09
C SER C 95 -5.39 -39.72 2.47
N ASN C 96 -5.35 -40.60 1.48
CA ASN C 96 -5.49 -42.02 1.73
C ASN C 96 -4.33 -42.81 1.14
N CYS C 97 -3.19 -42.15 1.00
CA CYS C 97 -2.03 -42.77 0.42
C CYS C 97 -0.85 -42.86 1.38
N TYR C 98 0.37 -43.08 0.89
CA TYR C 98 1.54 -43.19 1.79
C TYR C 98 1.89 -41.84 2.46
N PRO C 99 2.24 -41.88 3.79
CA PRO C 99 2.64 -40.71 4.60
C PRO C 99 3.71 -39.89 3.95
N TYR C 100 3.42 -38.65 3.56
CA TYR C 100 4.42 -37.82 2.89
C TYR C 100 4.62 -36.47 3.55
N ASP C 101 5.66 -35.77 3.12
CA ASP C 101 6.04 -34.48 3.68
C ASP C 101 6.69 -33.65 2.56
N ILE C 102 6.24 -32.42 2.34
CA ILE C 102 6.81 -31.60 1.26
C ILE C 102 7.46 -30.31 1.74
N PRO C 103 8.80 -30.26 1.71
CA PRO C 103 9.45 -29.01 2.13
C PRO C 103 9.00 -27.91 1.20
N ASP C 104 8.43 -26.84 1.75
CA ASP C 104 7.95 -25.71 0.95
C ASP C 104 6.69 -26.08 0.15
N TYR C 105 5.85 -26.88 0.81
CA TYR C 105 4.57 -27.36 0.31
C TYR C 105 3.81 -26.21 -0.33
N ALA C 106 3.73 -25.11 0.40
CA ALA C 106 3.02 -23.94 -0.07
C ALA C 106 3.47 -23.46 -1.44
N SER C 107 4.77 -23.44 -1.67
CA SER C 107 5.25 -22.97 -2.95
C SER C 107 4.86 -23.91 -4.08
N LEU C 108 4.89 -25.21 -3.82
CA LEU C 108 4.52 -26.19 -4.87
C LEU C 108 3.05 -26.05 -5.21
N ARG C 109 2.22 -25.97 -4.18
CA ARG C 109 0.78 -25.82 -4.31
C ARG C 109 0.53 -24.54 -5.08
N SER C 110 1.36 -23.54 -4.82
CA SER C 110 1.19 -22.26 -5.50
C SER C 110 1.56 -22.27 -6.97
N LEU C 111 2.72 -22.82 -7.30
CA LEU C 111 3.15 -22.83 -8.70
C LEU C 111 2.31 -23.75 -9.57
N VAL C 112 1.78 -24.82 -8.99
CA VAL C 112 0.95 -25.71 -9.79
C VAL C 112 -0.42 -25.06 -10.00
N ALA C 113 -0.93 -24.45 -8.93
CA ALA C 113 -2.20 -23.75 -8.96
C ALA C 113 -2.16 -22.68 -10.01
N SER C 114 -1.05 -21.95 -10.04
CA SER C 114 -0.87 -20.87 -10.99
C SER C 114 -0.74 -21.39 -12.41
N SER C 115 -0.14 -22.57 -12.56
CA SER C 115 0.05 -23.21 -13.86
C SER C 115 -1.31 -23.66 -14.42
N GLY C 116 -2.19 -24.12 -13.51
CA GLY C 116 -3.55 -24.53 -13.85
C GLY C 116 -3.72 -25.72 -14.76
N THR C 117 -2.80 -26.67 -14.66
CA THR C 117 -2.83 -27.87 -15.48
C THR C 117 -2.12 -29.04 -14.80
N LEU C 118 -2.71 -30.22 -14.94
CA LEU C 118 -2.15 -31.44 -14.37
C LEU C 118 -1.76 -32.41 -15.48
N GLU C 119 -1.55 -31.89 -16.68
CA GLU C 119 -1.16 -32.73 -17.80
C GLU C 119 0.20 -33.37 -17.53
N PHE C 120 0.16 -34.64 -17.14
CA PHE C 120 1.35 -35.43 -16.84
C PHE C 120 1.76 -36.19 -18.10
N ILE C 121 2.96 -35.93 -18.59
CA ILE C 121 3.43 -36.66 -19.77
C ILE C 121 4.44 -37.68 -19.25
N THR C 122 4.17 -38.96 -19.51
CA THR C 122 5.00 -40.07 -19.05
C THR C 122 6.21 -40.27 -19.95
N GLU C 123 7.38 -40.31 -19.36
CA GLU C 123 8.58 -40.50 -20.16
C GLU C 123 9.13 -41.90 -20.02
N GLY C 124 10.12 -42.24 -20.84
CA GLY C 124 10.65 -43.59 -20.79
C GLY C 124 11.83 -43.81 -19.89
N PHE C 125 11.64 -43.73 -18.57
CA PHE C 125 12.77 -43.93 -17.68
C PHE C 125 13.39 -45.32 -17.65
N THR C 126 14.70 -45.29 -17.48
CA THR C 126 15.63 -46.42 -17.54
C THR C 126 16.15 -46.96 -16.19
N TRP C 127 15.28 -47.62 -15.42
CA TRP C 127 15.72 -48.12 -14.11
C TRP C 127 16.30 -49.52 -14.12
N THR C 128 17.58 -49.64 -14.49
CA THR C 128 18.26 -50.92 -14.56
C THR C 128 18.92 -51.38 -13.25
N GLY C 129 18.46 -52.52 -12.74
CA GLY C 129 19.02 -53.07 -11.52
C GLY C 129 18.10 -53.06 -10.31
N VAL C 130 16.90 -52.52 -10.48
CA VAL C 130 15.97 -52.45 -9.37
C VAL C 130 14.56 -52.96 -9.62
N THR C 131 13.77 -52.95 -8.55
CA THR C 131 12.40 -53.37 -8.58
C THR C 131 11.54 -52.12 -8.58
N GLN C 132 10.71 -51.95 -9.60
CA GLN C 132 9.85 -50.77 -9.69
C GLN C 132 8.44 -50.95 -9.19
N ASN C 133 7.67 -49.88 -9.35
CA ASN C 133 6.30 -49.91 -8.92
C ASN C 133 6.21 -50.43 -7.49
N GLY C 134 6.73 -49.63 -6.56
CA GLY C 134 6.68 -50.01 -5.17
C GLY C 134 5.36 -49.54 -4.63
N GLY C 135 4.89 -50.12 -3.52
CA GLY C 135 3.62 -49.70 -2.97
C GLY C 135 3.51 -50.03 -1.50
N SER C 136 2.35 -49.75 -0.93
CA SER C 136 2.16 -49.99 0.50
C SER C 136 0.71 -50.27 0.83
N SER C 137 0.44 -50.69 2.07
CA SER C 137 -0.94 -50.95 2.42
C SER C 137 -1.57 -49.66 2.85
N ALA C 138 -0.77 -48.59 2.83
CA ALA C 138 -1.27 -47.30 3.24
C ALA C 138 -1.86 -46.55 2.05
N CYS C 139 -1.72 -47.14 0.87
CA CYS C 139 -2.23 -46.50 -0.35
C CYS C 139 -2.91 -47.54 -1.25
N LYS C 140 -3.88 -48.26 -0.70
CA LYS C 140 -4.59 -49.28 -1.46
C LYS C 140 -5.22 -48.74 -2.74
N ARG C 141 -5.04 -49.47 -3.82
CA ARG C 141 -5.62 -49.12 -5.13
C ARG C 141 -6.45 -50.40 -5.34
N GLY C 142 -7.71 -50.32 -4.91
CA GLY C 142 -8.58 -51.49 -4.94
C GLY C 142 -8.02 -52.34 -3.80
N PRO C 143 -8.18 -53.68 -3.84
CA PRO C 143 -7.66 -54.58 -2.79
C PRO C 143 -6.14 -54.53 -2.61
N ALA C 144 -5.40 -54.26 -3.67
CA ALA C 144 -3.93 -54.26 -3.59
C ALA C 144 -3.21 -53.07 -2.99
N ASN C 145 -1.93 -53.27 -2.70
CA ASN C 145 -1.06 -52.22 -2.16
C ASN C 145 -0.60 -51.32 -3.31
N GLY C 146 -0.85 -50.03 -3.21
CA GLY C 146 -0.46 -49.13 -4.29
C GLY C 146 0.42 -48.01 -3.81
N PHE C 147 0.58 -47.01 -4.68
CA PHE C 147 1.41 -45.87 -4.38
C PHE C 147 0.92 -44.73 -5.25
N PHE C 148 1.54 -43.56 -5.10
CA PHE C 148 1.16 -42.41 -5.88
C PHE C 148 1.28 -42.76 -7.37
N SER C 149 0.36 -42.25 -8.19
CA SER C 149 0.37 -42.56 -9.62
C SER C 149 1.55 -41.98 -10.40
N ARG C 150 1.95 -40.74 -10.13
CA ARG C 150 3.05 -40.16 -10.87
C ARG C 150 4.44 -40.45 -10.29
N LEU C 151 4.49 -41.36 -9.32
CA LEU C 151 5.74 -41.74 -8.66
C LEU C 151 6.12 -43.22 -8.79
N ASN C 152 7.41 -43.52 -8.68
CA ASN C 152 7.89 -44.87 -8.87
C ASN C 152 8.76 -45.31 -7.69
N TRP C 153 8.19 -46.02 -6.72
CA TRP C 153 8.99 -46.46 -5.59
C TRP C 153 9.93 -47.59 -6.05
N LEU C 154 11.23 -47.30 -6.09
CA LEU C 154 12.26 -48.29 -6.49
C LEU C 154 12.84 -49.02 -5.28
N THR C 155 13.15 -50.29 -5.42
CA THR C 155 13.73 -51.04 -4.32
C THR C 155 14.77 -51.97 -4.88
N LYS C 156 15.42 -52.74 -4.02
CA LYS C 156 16.45 -53.67 -4.45
C LYS C 156 15.99 -54.78 -5.38
N SER C 157 16.89 -55.19 -6.28
CA SER C 157 16.58 -56.31 -7.14
C SER C 157 17.80 -57.24 -7.17
N GLU C 158 17.53 -58.54 -7.17
CA GLU C 158 18.56 -59.56 -7.13
C GLU C 158 19.77 -59.22 -6.27
N SER C 159 19.41 -58.93 -5.02
CA SER C 159 20.31 -58.61 -3.92
C SER C 159 21.30 -57.47 -4.07
N ALA C 160 20.88 -56.39 -4.73
CA ALA C 160 21.75 -55.23 -4.91
C ALA C 160 20.96 -53.98 -5.28
N TYR C 161 21.56 -52.81 -5.10
CA TYR C 161 20.87 -51.61 -5.52
C TYR C 161 21.94 -50.82 -6.21
N PRO C 162 21.84 -50.71 -7.55
CA PRO C 162 22.72 -50.02 -8.52
C PRO C 162 22.95 -48.57 -8.22
N VAL C 163 24.11 -48.04 -8.62
CA VAL C 163 24.33 -46.60 -8.46
C VAL C 163 23.59 -46.06 -9.70
N LEU C 164 22.31 -45.74 -9.53
CA LEU C 164 21.51 -45.27 -10.65
C LEU C 164 22.00 -43.94 -11.19
N ASN C 165 21.92 -43.81 -12.51
CA ASN C 165 22.39 -42.62 -13.18
C ASN C 165 21.59 -42.65 -14.46
N VAL C 166 20.58 -41.78 -14.51
CA VAL C 166 19.62 -41.68 -15.60
C VAL C 166 19.50 -40.24 -16.12
N THR C 167 19.48 -40.08 -17.44
CA THR C 167 19.39 -38.76 -18.04
C THR C 167 18.11 -38.58 -18.84
N MET C 168 17.47 -37.43 -18.64
CA MET C 168 16.25 -37.16 -19.36
C MET C 168 16.13 -35.71 -19.86
N PRO C 169 16.46 -35.50 -21.15
CA PRO C 169 16.46 -34.29 -22.02
C PRO C 169 15.16 -33.55 -22.24
N ASN C 170 15.21 -32.23 -22.28
CA ASN C 170 14.00 -31.50 -22.58
C ASN C 170 14.26 -30.97 -23.97
N ASN C 171 13.85 -31.75 -24.96
CA ASN C 171 14.03 -31.38 -26.36
C ASN C 171 12.74 -30.80 -26.85
N ASP C 172 12.12 -30.03 -25.99
CA ASP C 172 10.86 -29.41 -26.32
C ASP C 172 11.11 -27.92 -26.17
N ASN C 173 10.12 -27.12 -26.55
CA ASN C 173 10.22 -25.68 -26.42
C ASN C 173 9.57 -25.18 -25.12
N PHE C 174 9.05 -26.10 -24.31
CA PHE C 174 8.43 -25.68 -23.05
C PHE C 174 9.09 -26.28 -21.82
N ASP C 175 8.74 -25.74 -20.65
CA ASP C 175 9.33 -26.22 -19.41
C ASP C 175 8.67 -27.46 -18.82
N LYS C 176 9.49 -28.33 -18.23
CA LYS C 176 9.00 -29.56 -17.63
C LYS C 176 9.07 -29.49 -16.11
N LEU C 177 7.99 -29.87 -15.44
CA LEU C 177 7.97 -29.86 -13.99
C LEU C 177 8.13 -31.28 -13.52
N TYR C 178 9.32 -31.64 -13.05
CA TYR C 178 9.60 -32.99 -12.56
C TYR C 178 9.40 -33.00 -11.07
N ILE C 179 8.69 -34.00 -10.58
CA ILE C 179 8.37 -34.13 -9.17
C ILE C 179 8.75 -35.51 -8.71
N TRP C 180 9.74 -35.58 -7.82
CA TRP C 180 10.27 -36.84 -7.32
C TRP C 180 10.37 -36.77 -5.81
N GLY C 181 11.18 -37.64 -5.22
CA GLY C 181 11.35 -37.62 -3.78
C GLY C 181 12.29 -38.70 -3.28
N VAL C 182 12.48 -38.72 -1.97
CA VAL C 182 13.33 -39.72 -1.30
C VAL C 182 12.53 -40.34 -0.14
N HIS C 183 12.85 -41.60 0.17
CA HIS C 183 12.16 -42.36 1.21
C HIS C 183 12.93 -42.50 2.52
N HIS C 184 12.22 -42.27 3.63
CA HIS C 184 12.82 -42.35 4.95
C HIS C 184 12.43 -43.60 5.71
N PRO C 185 13.28 -44.63 5.63
CA PRO C 185 12.99 -45.88 6.35
C PRO C 185 12.82 -45.64 7.83
N SER C 186 12.07 -46.53 8.49
CA SER C 186 11.82 -46.43 9.92
C SER C 186 12.98 -46.98 10.76
N THR C 187 13.78 -47.89 10.20
CA THR C 187 14.91 -48.48 10.93
C THR C 187 16.03 -48.84 9.96
N ASN C 188 17.22 -49.08 10.50
CA ASN C 188 18.37 -49.46 9.68
C ASN C 188 18.10 -50.77 8.97
N GLN C 189 17.51 -51.73 9.70
CA GLN C 189 17.17 -53.02 9.12
C GLN C 189 16.38 -52.78 7.85
N GLU C 190 15.36 -51.90 7.92
CA GLU C 190 14.54 -51.58 6.76
C GLU C 190 15.42 -50.96 5.65
N GLN C 191 16.31 -50.05 6.04
CA GLN C 191 17.21 -49.41 5.07
C GLN C 191 17.96 -50.44 4.23
N THR C 192 18.77 -51.26 4.90
CA THR C 192 19.57 -52.27 4.23
C THR C 192 18.70 -53.32 3.59
N ASN C 193 17.55 -53.56 4.19
CA ASN C 193 16.66 -54.56 3.67
C ASN C 193 16.03 -54.14 2.34
N LEU C 194 15.77 -52.85 2.19
CA LEU C 194 15.17 -52.33 0.98
C LEU C 194 16.15 -51.82 -0.09
N TYR C 195 17.22 -51.15 0.34
CA TYR C 195 18.17 -50.58 -0.61
C TYR C 195 19.57 -51.16 -0.56
N VAL C 196 19.80 -52.07 0.36
CA VAL C 196 21.10 -52.72 0.53
C VAL C 196 22.16 -51.82 1.14
N GLN C 197 22.25 -50.57 0.68
CA GLN C 197 23.21 -49.64 1.26
C GLN C 197 22.72 -49.07 2.58
N ALA C 198 23.60 -49.01 3.58
CA ALA C 198 23.24 -48.52 4.92
C ALA C 198 22.79 -47.07 4.89
N SER C 199 23.22 -46.37 3.86
CA SER C 199 22.91 -44.96 3.68
C SER C 199 22.58 -44.63 2.23
N GLY C 200 21.36 -44.19 1.98
CA GLY C 200 20.94 -43.86 0.62
C GLY C 200 21.35 -42.48 0.14
N ARG C 201 20.79 -42.03 -0.98
CA ARG C 201 21.14 -40.71 -1.52
C ARG C 201 20.43 -40.41 -2.85
N VAL C 202 19.94 -39.19 -3.03
CA VAL C 202 19.30 -38.79 -4.28
C VAL C 202 19.86 -37.43 -4.73
N THR C 203 20.30 -37.37 -5.98
CA THR C 203 20.85 -36.13 -6.51
C THR C 203 20.16 -35.86 -7.83
N VAL C 204 19.35 -34.81 -7.90
CA VAL C 204 18.65 -34.47 -9.14
C VAL C 204 19.10 -33.11 -9.61
N SER C 205 19.85 -33.10 -10.72
CA SER C 205 20.41 -31.87 -11.23
C SER C 205 20.24 -31.62 -12.71
N THR C 206 20.41 -30.34 -13.06
CA THR C 206 20.36 -29.85 -14.43
C THR C 206 21.62 -29.02 -14.56
N ARG C 207 21.83 -28.41 -15.73
CA ARG C 207 23.00 -27.57 -15.91
C ARG C 207 22.80 -26.31 -15.10
N ARG C 208 21.56 -26.08 -14.64
CA ARG C 208 21.19 -24.89 -13.85
C ARG C 208 21.10 -25.08 -12.34
N SER C 209 20.90 -26.31 -11.89
CA SER C 209 20.75 -26.57 -10.46
C SER C 209 21.06 -28.00 -10.07
N GLN C 210 20.91 -28.27 -8.79
CA GLN C 210 21.13 -29.58 -8.20
C GLN C 210 20.46 -29.61 -6.83
N GLN C 211 19.98 -30.78 -6.44
CA GLN C 211 19.42 -30.92 -5.12
C GLN C 211 19.72 -32.33 -4.63
N THR C 212 20.81 -32.39 -3.87
CA THR C 212 21.31 -33.61 -3.33
C THR C 212 20.77 -33.83 -1.91
N ILE C 213 19.75 -34.70 -1.82
CA ILE C 213 19.05 -35.00 -0.56
C ILE C 213 19.39 -36.34 0.10
N ILE C 214 19.68 -36.32 1.40
CA ILE C 214 20.03 -37.54 2.12
C ILE C 214 18.96 -38.14 3.03
N PRO C 215 18.58 -39.43 2.75
CA PRO C 215 17.58 -40.09 3.59
C PRO C 215 17.82 -39.99 5.06
N ASN C 216 16.72 -39.99 5.79
CA ASN C 216 16.79 -39.87 7.22
C ASN C 216 16.08 -41.02 7.87
N ILE C 217 16.81 -41.73 8.73
CA ILE C 217 16.27 -42.93 9.34
C ILE C 217 15.80 -42.81 10.78
N GLY C 218 14.64 -43.37 11.10
CA GLY C 218 14.15 -43.28 12.47
C GLY C 218 12.67 -43.55 12.55
N SER C 219 12.13 -43.72 13.76
CA SER C 219 10.71 -43.99 13.90
C SER C 219 9.84 -42.75 13.94
N ARG C 220 8.74 -42.79 13.19
CA ARG C 220 7.82 -41.67 13.18
C ARG C 220 6.44 -42.27 13.46
N PRO C 221 5.53 -41.45 14.01
CA PRO C 221 4.15 -41.85 14.33
C PRO C 221 3.49 -42.61 13.22
N TRP C 222 2.92 -43.77 13.50
CA TRP C 222 2.23 -44.54 12.47
C TRP C 222 1.09 -43.79 11.79
N VAL C 223 1.19 -43.63 10.48
CA VAL C 223 0.14 -42.99 9.71
C VAL C 223 -0.32 -44.07 8.75
N ARG C 224 -1.58 -44.50 8.92
CA ARG C 224 -2.10 -45.56 8.10
C ARG C 224 -1.21 -46.79 8.22
N GLY C 225 -0.60 -46.97 9.39
CA GLY C 225 0.25 -48.14 9.61
C GLY C 225 1.70 -47.99 9.21
N GLN C 226 2.10 -46.78 8.87
CA GLN C 226 3.47 -46.55 8.45
C GLN C 226 4.31 -45.56 9.22
N PRO C 227 5.40 -46.07 9.84
CA PRO C 227 6.41 -45.29 10.60
C PRO C 227 7.19 -44.43 9.66
N GLY C 228 7.56 -45.02 8.53
CA GLY C 228 8.32 -44.33 7.51
C GLY C 228 7.57 -43.17 6.90
N ARG C 229 8.22 -42.45 5.98
CA ARG C 229 7.63 -41.29 5.27
C ARG C 229 8.39 -41.05 3.93
N ILE C 230 7.77 -40.28 3.04
CA ILE C 230 8.34 -39.94 1.73
C ILE C 230 8.45 -38.41 1.74
N SER C 231 9.63 -37.87 1.48
CA SER C 231 9.79 -36.41 1.45
C SER C 231 9.57 -36.14 -0.03
N ILE C 232 9.09 -34.97 -0.43
CA ILE C 232 8.85 -34.70 -1.87
C ILE C 232 9.49 -33.42 -2.40
N TYR C 233 10.18 -33.52 -3.53
CA TYR C 233 10.90 -32.37 -4.10
C TYR C 233 10.52 -32.15 -5.56
N TRP C 234 10.86 -30.98 -6.12
CA TRP C 234 10.53 -30.70 -7.52
C TRP C 234 11.67 -30.06 -8.29
N THR C 235 11.62 -30.22 -9.61
CA THR C 235 12.67 -29.70 -10.48
C THR C 235 12.12 -29.20 -11.80
N ILE C 236 12.54 -28.01 -12.22
CA ILE C 236 12.11 -27.44 -13.49
C ILE C 236 13.26 -27.56 -14.46
N VAL C 237 12.99 -28.12 -15.64
CA VAL C 237 14.00 -28.30 -16.68
C VAL C 237 13.57 -27.45 -17.86
N LYS C 238 14.42 -26.46 -18.17
CA LYS C 238 14.18 -25.51 -19.26
C LYS C 238 14.61 -26.10 -20.59
N PRO C 239 13.92 -25.72 -21.68
CA PRO C 239 14.21 -26.19 -23.03
C PRO C 239 15.67 -26.03 -23.39
N GLY C 240 16.33 -27.15 -23.62
CA GLY C 240 17.74 -27.14 -23.97
C GLY C 240 18.57 -27.73 -22.84
N ASP C 241 17.88 -28.14 -21.77
CA ASP C 241 18.53 -28.71 -20.59
C ASP C 241 18.18 -30.19 -20.43
N VAL C 242 18.94 -30.89 -19.61
CA VAL C 242 18.66 -32.28 -19.43
C VAL C 242 18.64 -32.55 -17.95
N LEU C 243 17.79 -33.48 -17.54
CA LEU C 243 17.65 -33.88 -16.14
C LEU C 243 18.55 -35.09 -15.88
N VAL C 244 19.34 -35.06 -14.79
CA VAL C 244 20.21 -36.17 -14.40
C VAL C 244 19.84 -36.59 -12.96
N ILE C 245 19.39 -37.83 -12.79
CA ILE C 245 18.99 -38.34 -11.48
C ILE C 245 20.01 -39.39 -11.04
N ASN C 246 20.77 -39.11 -9.99
CA ASN C 246 21.80 -40.03 -9.54
C ASN C 246 21.58 -40.47 -8.10
N SER C 247 21.13 -41.70 -7.93
CA SER C 247 20.83 -42.23 -6.58
C SER C 247 21.19 -43.70 -6.37
N ASN C 248 21.83 -44.00 -5.25
CA ASN C 248 22.18 -45.38 -4.99
C ASN C 248 21.32 -45.92 -3.86
N GLY C 249 20.11 -45.38 -3.71
CA GLY C 249 19.22 -45.84 -2.66
C GLY C 249 18.24 -44.79 -2.17
N ASN C 250 17.03 -45.24 -1.84
CA ASN C 250 15.96 -44.39 -1.30
C ASN C 250 15.28 -43.40 -2.27
N LEU C 251 15.47 -43.56 -3.57
CA LEU C 251 14.84 -42.64 -4.54
C LEU C 251 13.42 -43.05 -4.89
N ILE C 252 12.53 -42.06 -4.96
CA ILE C 252 11.15 -42.30 -5.34
C ILE C 252 11.14 -41.62 -6.70
N ALA C 253 11.25 -42.43 -7.72
CA ALA C 253 11.35 -41.98 -9.11
C ALA C 253 10.17 -41.31 -9.81
N PRO C 254 10.50 -40.33 -10.70
CA PRO C 254 9.47 -39.64 -11.50
C PRO C 254 9.02 -40.61 -12.52
N ARG C 255 7.88 -40.34 -13.15
CA ARG C 255 7.39 -41.22 -14.21
C ARG C 255 7.28 -40.37 -15.47
N GLY C 256 7.54 -39.09 -15.31
CA GLY C 256 7.48 -38.17 -16.43
C GLY C 256 7.49 -36.73 -15.95
N TYR C 257 6.72 -35.89 -16.63
CA TYR C 257 6.68 -34.49 -16.23
C TYR C 257 5.31 -33.89 -16.44
N PHE C 258 5.12 -32.75 -15.78
CA PHE C 258 3.89 -31.98 -15.88
C PHE C 258 4.27 -30.82 -16.79
N LYS C 259 3.40 -30.48 -17.72
CA LYS C 259 3.68 -29.39 -18.64
C LYS C 259 3.30 -28.10 -17.95
N MET C 260 4.24 -27.17 -17.81
CA MET C 260 3.93 -25.91 -17.13
C MET C 260 3.39 -24.83 -18.08
N ARG C 261 2.41 -24.07 -17.62
CA ARG C 261 1.82 -23.02 -18.44
C ARG C 261 1.48 -21.80 -17.59
N THR C 262 1.41 -20.65 -18.27
CA THR C 262 1.10 -19.38 -17.63
C THR C 262 -0.30 -18.90 -18.00
N GLY C 263 -1.00 -18.32 -17.05
CA GLY C 263 -2.33 -17.86 -17.36
C GLY C 263 -2.91 -17.14 -16.18
N LYS C 264 -4.21 -17.33 -15.96
CA LYS C 264 -4.89 -16.71 -14.84
C LYS C 264 -5.38 -17.77 -13.84
N SER C 265 -4.82 -18.96 -13.91
CA SER C 265 -5.26 -20.01 -13.01
C SER C 265 -4.84 -19.79 -11.58
N SER C 266 -5.67 -20.26 -10.66
CA SER C 266 -5.38 -20.10 -9.24
C SER C 266 -6.10 -21.13 -8.38
N ILE C 267 -5.97 -20.96 -7.08
CA ILE C 267 -6.56 -21.89 -6.13
C ILE C 267 -7.23 -21.16 -4.96
N MET C 268 -8.33 -21.72 -4.48
CA MET C 268 -9.08 -21.11 -3.40
C MET C 268 -9.63 -22.20 -2.49
N ARG C 269 -9.70 -21.91 -1.18
CA ARG C 269 -10.20 -22.86 -0.21
C ARG C 269 -11.60 -22.37 0.13
N SER C 270 -12.61 -23.19 -0.19
CA SER C 270 -13.99 -22.80 0.08
C SER C 270 -14.88 -24.01 0.08
N ASP C 271 -15.94 -23.96 0.89
CA ASP C 271 -16.91 -25.05 0.98
C ASP C 271 -18.19 -24.67 0.25
N ALA C 272 -18.12 -23.56 -0.47
CA ALA C 272 -19.26 -23.05 -1.20
C ALA C 272 -19.68 -23.87 -2.41
N PRO C 273 -20.95 -24.30 -2.42
CA PRO C 273 -21.47 -25.09 -3.55
C PRO C 273 -21.16 -24.42 -4.87
N ILE C 274 -21.15 -25.22 -5.94
CA ILE C 274 -20.89 -24.71 -7.27
C ILE C 274 -22.23 -24.71 -8.02
N ASP C 275 -22.67 -23.53 -8.44
CA ASP C 275 -23.92 -23.42 -9.14
C ASP C 275 -23.79 -22.94 -10.58
N THR C 276 -24.85 -23.15 -11.35
CA THR C 276 -24.86 -22.76 -12.74
C THR C 276 -25.45 -21.37 -12.87
N CYS C 277 -24.55 -20.38 -12.91
CA CYS C 277 -24.91 -18.98 -13.10
C CYS C 277 -23.75 -18.34 -13.85
N ILE C 278 -23.65 -17.02 -13.80
CA ILE C 278 -22.56 -16.34 -14.47
C ILE C 278 -22.11 -15.18 -13.62
N SER C 279 -20.96 -15.33 -12.97
CA SER C 279 -20.43 -14.26 -12.14
C SER C 279 -18.93 -14.10 -12.22
N GLU C 280 -18.50 -12.91 -12.59
CA GLU C 280 -17.08 -12.55 -12.70
C GLU C 280 -16.28 -12.73 -11.41
N CYS C 281 -16.83 -12.24 -10.30
CA CYS C 281 -16.12 -12.30 -9.02
C CYS C 281 -16.37 -13.54 -8.15
N ILE C 282 -15.30 -14.10 -7.59
CA ILE C 282 -15.41 -15.29 -6.76
C ILE C 282 -14.79 -15.10 -5.38
N THR C 283 -15.56 -15.39 -4.35
CA THR C 283 -15.02 -15.30 -2.99
C THR C 283 -15.34 -16.63 -2.31
N PRO C 284 -14.55 -16.97 -1.26
CA PRO C 284 -14.80 -18.22 -0.52
C PRO C 284 -16.21 -18.31 0.03
N ASN C 285 -16.89 -17.17 0.08
CA ASN C 285 -18.25 -17.11 0.59
C ASN C 285 -19.26 -17.19 -0.52
N GLY C 286 -18.77 -17.41 -1.73
CA GLY C 286 -19.64 -17.51 -2.88
C GLY C 286 -19.30 -16.45 -3.91
N SER C 287 -20.07 -16.42 -4.99
CA SER C 287 -19.83 -15.44 -6.03
C SER C 287 -20.54 -14.15 -5.66
N ILE C 288 -20.06 -13.02 -6.17
CA ILE C 288 -20.68 -11.73 -5.85
C ILE C 288 -20.61 -10.72 -7.01
N PRO C 289 -21.63 -9.83 -7.10
CA PRO C 289 -21.72 -8.76 -8.13
C PRO C 289 -20.54 -7.82 -8.11
N ASN C 290 -20.08 -7.37 -9.27
CA ASN C 290 -18.94 -6.45 -9.32
C ASN C 290 -19.34 -5.09 -9.88
N ASP C 291 -20.59 -4.70 -9.59
CA ASP C 291 -21.13 -3.43 -10.07
C ASP C 291 -20.83 -2.32 -9.07
N LYS C 292 -20.44 -2.72 -7.88
CA LYS C 292 -20.11 -1.75 -6.84
C LYS C 292 -18.59 -1.68 -6.77
N PRO C 293 -18.05 -0.49 -6.43
CA PRO C 293 -16.62 -0.19 -6.28
C PRO C 293 -15.96 -1.02 -5.21
N PHE C 294 -16.62 -1.10 -4.05
CA PHE C 294 -16.08 -1.86 -2.90
C PHE C 294 -16.90 -3.07 -2.43
N GLN C 295 -16.30 -3.84 -1.52
CA GLN C 295 -16.95 -5.04 -1.00
C GLN C 295 -16.48 -5.37 0.41
N ASN C 296 -17.36 -5.99 1.18
CA ASN C 296 -17.04 -6.32 2.56
C ASN C 296 -17.39 -7.78 2.82
N VAL C 297 -17.29 -8.60 1.78
CA VAL C 297 -17.59 -10.01 1.85
C VAL C 297 -16.41 -10.87 2.31
N ASN C 298 -15.29 -10.80 1.59
CA ASN C 298 -14.10 -11.55 1.97
C ASN C 298 -12.89 -10.92 1.30
N LYS C 299 -11.75 -10.84 1.98
CA LYS C 299 -10.58 -10.25 1.33
C LYS C 299 -9.96 -11.14 0.23
N ILE C 300 -10.37 -12.40 0.20
CA ILE C 300 -9.91 -13.37 -0.79
C ILE C 300 -10.81 -13.29 -2.01
N THR C 301 -10.26 -12.94 -3.17
CA THR C 301 -11.10 -12.81 -4.35
C THR C 301 -10.45 -13.35 -5.59
N TYR C 302 -11.23 -13.47 -6.66
CA TYR C 302 -10.67 -13.97 -7.90
C TYR C 302 -11.51 -13.51 -9.08
N GLY C 303 -10.89 -12.90 -10.07
CA GLY C 303 -11.66 -12.45 -11.22
C GLY C 303 -11.80 -10.95 -11.18
N ALA C 304 -12.84 -10.42 -11.80
CA ALA C 304 -13.09 -8.99 -11.80
C ALA C 304 -13.76 -8.72 -10.47
N CYS C 305 -13.02 -8.30 -9.44
CA CYS C 305 -13.59 -8.06 -8.09
C CYS C 305 -13.33 -6.70 -7.44
N PRO C 306 -14.35 -6.25 -6.65
CA PRO C 306 -14.35 -5.03 -5.84
C PRO C 306 -13.24 -5.06 -4.82
N LYS C 307 -12.62 -3.91 -4.57
CA LYS C 307 -11.54 -3.81 -3.59
C LYS C 307 -12.20 -4.03 -2.22
N TYR C 308 -11.63 -4.91 -1.42
CA TYR C 308 -12.18 -5.19 -0.11
C TYR C 308 -11.78 -4.06 0.82
N VAL C 309 -12.73 -3.58 1.61
CA VAL C 309 -12.47 -2.51 2.58
C VAL C 309 -13.24 -2.94 3.82
N LYS C 310 -12.90 -2.36 4.98
CA LYS C 310 -13.54 -2.74 6.23
C LYS C 310 -14.98 -2.28 6.47
N GLN C 311 -15.35 -1.14 5.93
CA GLN C 311 -16.68 -0.59 6.10
C GLN C 311 -17.76 -1.48 5.48
N ASN C 312 -18.91 -1.60 6.14
CA ASN C 312 -19.98 -2.44 5.60
C ASN C 312 -21.00 -1.67 4.76
N THR C 313 -21.11 -0.36 4.96
CA THR C 313 -22.04 0.44 4.16
C THR C 313 -21.34 1.74 3.78
N LEU C 314 -21.42 2.12 2.51
CA LEU C 314 -20.84 3.39 2.07
C LEU C 314 -21.80 3.96 1.05
N LYS C 315 -22.45 5.04 1.46
CA LYS C 315 -23.44 5.70 0.66
C LYS C 315 -22.90 6.85 -0.19
N LEU C 316 -23.21 6.81 -1.47
CA LEU C 316 -22.82 7.88 -2.37
C LEU C 316 -24.10 8.64 -2.58
N ALA C 317 -24.05 9.94 -2.33
CA ALA C 317 -25.23 10.77 -2.49
C ALA C 317 -25.55 10.88 -3.98
N THR C 318 -26.84 10.86 -4.30
CA THR C 318 -27.30 10.96 -5.68
C THR C 318 -28.48 11.92 -5.77
N GLY C 319 -28.65 12.75 -4.75
CA GLY C 319 -29.73 13.71 -4.71
C GLY C 319 -29.38 14.86 -3.79
N MET C 320 -30.08 15.99 -3.87
CA MET C 320 -29.76 17.12 -3.01
C MET C 320 -30.03 16.76 -1.57
N ARG C 321 -29.95 17.76 -0.70
CA ARG C 321 -30.21 17.54 0.70
C ARG C 321 -31.70 17.49 0.93
N ASN C 322 -32.11 16.70 1.91
CA ASN C 322 -33.51 16.60 2.16
C ASN C 322 -33.94 17.53 3.25
N VAL C 323 -34.84 18.44 2.89
CA VAL C 323 -35.37 19.41 3.84
C VAL C 323 -36.89 19.20 3.80
N PRO C 324 -37.46 18.54 4.83
CA PRO C 324 -38.84 18.15 5.12
C PRO C 324 -40.03 18.75 4.42
N GLU C 325 -40.50 19.87 4.94
CA GLU C 325 -41.64 20.63 4.40
C GLU C 325 -42.63 20.96 5.49
N LYS C 326 -42.27 21.87 6.38
CA LYS C 326 -43.14 22.28 7.47
C LYS C 326 -43.32 21.11 8.45
N GLY D 1 -24.89 24.08 2.48
CA GLY D 1 -24.29 24.34 1.15
C GLY D 1 -23.66 25.71 0.97
N LEU D 2 -22.62 25.76 0.14
CA LEU D 2 -21.88 26.99 -0.14
C LEU D 2 -22.75 28.12 -0.71
N PHE D 3 -23.86 27.77 -1.35
CA PHE D 3 -24.74 28.76 -1.95
C PHE D 3 -25.91 29.28 -1.11
N GLY D 4 -26.15 28.63 0.04
CA GLY D 4 -27.22 29.08 0.92
C GLY D 4 -28.63 29.11 0.35
N ALA D 5 -28.87 28.37 -0.73
CA ALA D 5 -30.20 28.33 -1.34
C ALA D 5 -31.00 27.22 -0.67
N ILE D 6 -30.63 25.97 -0.95
CA ILE D 6 -31.30 24.83 -0.35
C ILE D 6 -30.86 24.74 1.12
N ALA D 7 -31.85 24.63 2.02
CA ALA D 7 -31.57 24.56 3.46
C ALA D 7 -30.92 25.88 3.86
N GLY D 8 -31.47 26.96 3.31
CA GLY D 8 -30.99 28.29 3.58
C GLY D 8 -32.06 29.31 3.27
N PHE D 9 -31.77 30.26 2.39
CA PHE D 9 -32.77 31.26 2.09
C PHE D 9 -34.05 30.71 1.47
N ILE D 10 -34.09 29.39 1.34
CA ILE D 10 -35.32 28.73 0.89
C ILE D 10 -35.64 27.80 2.06
N GLU D 11 -36.48 28.32 2.94
CA GLU D 11 -36.94 27.64 4.15
C GLU D 11 -37.11 26.14 4.03
N ASN D 12 -38.04 25.74 3.15
CA ASN D 12 -38.43 24.34 2.99
C ASN D 12 -38.23 23.66 1.64
N GLY D 13 -38.76 22.46 1.54
CA GLY D 13 -38.69 21.72 0.31
C GLY D 13 -40.13 21.45 -0.07
N TRP D 14 -40.34 21.00 -1.29
CA TRP D 14 -41.69 20.71 -1.74
C TRP D 14 -41.85 19.22 -1.98
N GLU D 15 -42.50 18.53 -1.05
CA GLU D 15 -42.74 17.10 -1.22
C GLU D 15 -43.84 16.92 -2.25
N GLY D 16 -44.51 18.02 -2.56
CA GLY D 16 -45.58 17.99 -3.54
C GLY D 16 -45.00 17.91 -4.92
N MET D 17 -43.76 18.36 -5.05
CA MET D 17 -43.07 18.35 -6.32
C MET D 17 -42.63 16.93 -6.64
N ILE D 18 -43.23 16.37 -7.69
CA ILE D 18 -42.95 15.00 -8.09
C ILE D 18 -42.38 14.85 -9.50
N ASP D 19 -42.39 15.91 -10.28
CA ASP D 19 -41.91 15.86 -11.65
C ASP D 19 -40.51 16.42 -11.85
N GLY D 20 -39.92 16.98 -10.80
CA GLY D 20 -38.60 17.55 -10.93
C GLY D 20 -37.96 17.90 -9.62
N TRP D 21 -36.67 18.23 -9.65
CA TRP D 21 -35.91 18.59 -8.46
C TRP D 21 -36.10 20.04 -8.09
N TYR D 22 -36.40 20.87 -9.10
CA TYR D 22 -36.63 22.30 -8.91
C TYR D 22 -37.89 22.76 -9.66
N GLY D 23 -38.45 23.87 -9.25
CA GLY D 23 -39.63 24.32 -9.93
C GLY D 23 -40.22 25.61 -9.40
N PHE D 24 -41.29 26.04 -10.06
CA PHE D 24 -41.97 27.28 -9.68
C PHE D 24 -43.37 26.97 -9.12
N ARG D 25 -43.84 27.87 -8.24
CA ARG D 25 -45.16 27.84 -7.62
C ARG D 25 -45.62 29.29 -7.64
N HIS D 26 -46.81 29.54 -8.17
CA HIS D 26 -47.31 30.90 -8.24
C HIS D 26 -48.67 31.13 -7.56
N GLN D 27 -49.03 32.40 -7.56
CA GLN D 27 -50.30 32.92 -7.06
C GLN D 27 -50.51 34.18 -7.88
N ASN D 28 -51.64 34.27 -8.55
CA ASN D 28 -51.96 35.44 -9.36
C ASN D 28 -53.47 35.53 -9.50
N SER D 29 -53.95 36.60 -10.11
CA SER D 29 -55.38 36.81 -10.33
C SER D 29 -56.15 35.52 -10.62
N GLU D 30 -55.55 34.60 -11.35
CA GLU D 30 -56.19 33.34 -11.70
C GLU D 30 -56.11 32.24 -10.64
N GLY D 31 -55.18 32.35 -9.72
CA GLY D 31 -55.06 31.32 -8.70
C GLY D 31 -53.66 30.76 -8.64
N THR D 32 -53.46 29.73 -7.82
CA THR D 32 -52.15 29.11 -7.65
C THR D 32 -51.87 27.95 -8.59
N GLY D 33 -50.59 27.62 -8.76
CA GLY D 33 -50.18 26.53 -9.62
C GLY D 33 -48.79 26.05 -9.28
N GLN D 34 -48.37 24.94 -9.88
CA GLN D 34 -47.05 24.39 -9.62
C GLN D 34 -46.47 23.67 -10.82
N ALA D 35 -45.23 23.98 -11.15
CA ALA D 35 -44.59 23.33 -12.29
C ALA D 35 -43.11 23.14 -12.01
N ALA D 36 -42.59 22.01 -12.46
CA ALA D 36 -41.18 21.69 -12.27
C ALA D 36 -40.36 22.24 -13.42
N ASP D 37 -39.15 22.71 -13.12
CA ASP D 37 -38.27 23.23 -14.15
C ASP D 37 -37.47 22.07 -14.71
N LEU D 38 -37.83 21.62 -15.90
CA LEU D 38 -37.11 20.50 -16.49
C LEU D 38 -35.64 20.83 -16.76
N LYS D 39 -35.38 21.95 -17.42
CA LYS D 39 -33.99 22.31 -17.71
C LYS D 39 -33.10 22.20 -16.49
N SER D 40 -33.49 22.91 -15.44
CA SER D 40 -32.73 22.94 -14.20
C SER D 40 -32.49 21.56 -13.61
N THR D 41 -33.58 20.84 -13.37
CA THR D 41 -33.55 19.50 -12.82
C THR D 41 -32.62 18.57 -13.60
N GLN D 42 -32.79 18.52 -14.92
CA GLN D 42 -31.97 17.65 -15.76
C GLN D 42 -30.48 17.96 -15.66
N ALA D 43 -30.14 19.23 -15.53
CA ALA D 43 -28.75 19.67 -15.42
C ALA D 43 -28.08 19.07 -14.19
N ALA D 44 -28.82 19.02 -13.09
CA ALA D 44 -28.30 18.45 -11.86
C ALA D 44 -28.21 16.95 -12.01
N ILE D 45 -29.29 16.34 -12.47
CA ILE D 45 -29.34 14.89 -12.67
C ILE D 45 -28.24 14.43 -13.61
N ASP D 46 -28.09 15.12 -14.73
CA ASP D 46 -27.04 14.74 -15.67
C ASP D 46 -25.65 14.78 -15.01
N GLN D 47 -25.36 15.84 -14.25
CA GLN D 47 -24.05 15.94 -13.61
C GLN D 47 -23.80 14.86 -12.59
N ILE D 48 -24.78 14.65 -11.72
CA ILE D 48 -24.70 13.65 -10.67
C ILE D 48 -24.61 12.25 -11.24
N ASN D 49 -25.24 12.02 -12.38
CA ASN D 49 -25.19 10.70 -13.00
C ASN D 49 -23.79 10.40 -13.54
N ARG D 50 -23.13 11.42 -14.10
CA ARG D 50 -21.77 11.27 -14.61
C ARG D 50 -20.87 11.01 -13.42
N LYS D 51 -21.06 11.80 -12.37
CA LYS D 51 -20.30 11.64 -11.13
C LYS D 51 -20.38 10.20 -10.64
N LEU D 52 -21.58 9.65 -10.66
CA LEU D 52 -21.79 8.28 -10.20
C LEU D 52 -21.07 7.27 -11.08
N ASN D 53 -21.29 7.36 -12.39
CA ASN D 53 -20.66 6.45 -13.34
C ASN D 53 -19.14 6.39 -13.28
N ARG D 54 -18.49 7.46 -12.82
CA ARG D 54 -17.04 7.47 -12.72
C ARG D 54 -16.60 6.51 -11.63
N VAL D 55 -17.56 6.16 -10.78
CA VAL D 55 -17.30 5.29 -9.64
C VAL D 55 -17.91 3.89 -9.68
N ILE D 56 -18.81 3.60 -10.62
CA ILE D 56 -19.45 2.28 -10.63
C ILE D 56 -18.99 1.26 -11.70
N GLU D 57 -18.89 1.71 -12.94
CA GLU D 57 -18.48 0.84 -14.05
C GLU D 57 -17.01 0.42 -13.96
N LYS D 58 -16.41 0.55 -12.77
CA LYS D 58 -14.98 0.27 -12.68
C LYS D 58 -14.43 -0.67 -11.60
N THR D 59 -13.77 -1.75 -12.04
CA THR D 59 -13.15 -2.73 -11.15
C THR D 59 -12.04 -3.43 -11.95
N ASN D 60 -10.94 -3.81 -11.31
CA ASN D 60 -9.87 -4.49 -12.03
C ASN D 60 -9.75 -5.97 -11.64
N GLU D 61 -9.17 -6.75 -12.54
CA GLU D 61 -9.01 -8.18 -12.31
C GLU D 61 -7.70 -8.57 -11.62
N LYS D 62 -7.82 -9.53 -10.71
CA LYS D 62 -6.68 -10.08 -9.99
C LYS D 62 -6.97 -11.57 -9.87
N PHE D 63 -6.05 -12.40 -10.34
CA PHE D 63 -6.24 -13.84 -10.26
C PHE D 63 -5.34 -14.44 -9.18
N HIS D 64 -4.26 -15.09 -9.57
CA HIS D 64 -3.31 -15.68 -8.65
C HIS D 64 -2.72 -14.52 -7.84
N GLN D 65 -2.74 -14.64 -6.51
CA GLN D 65 -2.24 -13.61 -5.60
C GLN D 65 -1.53 -14.31 -4.45
N ILE D 66 -1.68 -13.82 -3.23
CA ILE D 66 -1.04 -14.48 -2.08
C ILE D 66 -2.09 -15.07 -1.14
N GLU D 67 -1.68 -16.04 -0.33
CA GLU D 67 -2.59 -16.66 0.62
C GLU D 67 -2.95 -15.60 1.64
N LYS D 68 -4.07 -15.76 2.33
CA LYS D 68 -4.46 -14.75 3.29
C LYS D 68 -5.06 -15.31 4.56
N GLU D 69 -5.11 -16.64 4.66
CA GLU D 69 -5.61 -17.29 5.85
C GLU D 69 -4.62 -18.41 6.09
N PHE D 70 -4.34 -18.70 7.34
CA PHE D 70 -3.37 -19.74 7.62
C PHE D 70 -3.83 -20.70 8.69
N SER D 71 -3.51 -21.96 8.47
CA SER D 71 -3.91 -23.00 9.39
C SER D 71 -2.83 -23.27 10.41
N GLU D 72 -1.60 -22.91 10.11
CA GLU D 72 -0.52 -23.13 11.08
C GLU D 72 0.30 -21.89 11.35
N VAL D 73 1.00 -21.89 12.46
CA VAL D 73 1.86 -20.78 12.85
C VAL D 73 3.19 -20.94 12.14
N GLU D 74 3.69 -19.88 11.50
CA GLU D 74 4.96 -20.01 10.79
C GLU D 74 5.99 -18.98 11.24
N GLY D 75 5.57 -17.72 11.39
CA GLY D 75 6.51 -16.72 11.83
C GLY D 75 6.78 -15.57 10.86
N ARG D 76 8.06 -15.26 10.67
CA ARG D 76 8.48 -14.17 9.82
C ARG D 76 7.76 -13.97 8.48
N ILE D 77 7.82 -14.98 7.62
CA ILE D 77 7.20 -14.92 6.30
C ILE D 77 5.69 -14.71 6.35
N GLN D 78 5.00 -15.41 7.23
CA GLN D 78 3.57 -15.26 7.31
C GLN D 78 3.23 -13.86 7.85
N ASP D 79 4.02 -13.38 8.81
CA ASP D 79 3.78 -12.05 9.37
C ASP D 79 3.73 -11.05 8.24
N LEU D 80 4.74 -11.10 7.37
CA LEU D 80 4.84 -10.19 6.25
C LEU D 80 3.62 -10.30 5.36
N GLU D 81 3.22 -11.53 5.03
CA GLU D 81 2.06 -11.76 4.17
C GLU D 81 0.81 -11.14 4.76
N LYS D 82 0.68 -11.16 6.09
CA LYS D 82 -0.50 -10.59 6.74
C LYS D 82 -0.40 -9.08 6.81
N TYR D 83 0.79 -8.59 7.16
CA TYR D 83 1.04 -7.16 7.26
C TYR D 83 0.71 -6.54 5.92
N VAL D 84 1.22 -7.15 4.85
CA VAL D 84 0.94 -6.66 3.51
C VAL D 84 -0.57 -6.53 3.26
N GLU D 85 -1.32 -7.64 3.33
CA GLU D 85 -2.77 -7.56 3.09
C GLU D 85 -3.49 -6.58 4.00
N ASP D 86 -3.07 -6.53 5.26
CA ASP D 86 -3.68 -5.62 6.22
C ASP D 86 -3.37 -4.19 5.82
N THR D 87 -2.13 -3.96 5.39
CA THR D 87 -1.74 -2.61 4.99
C THR D 87 -2.59 -2.22 3.81
N LYS D 88 -2.67 -3.12 2.83
CA LYS D 88 -3.47 -2.88 1.64
C LYS D 88 -4.90 -2.52 2.04
N ILE D 89 -5.50 -3.36 2.88
CA ILE D 89 -6.87 -3.13 3.31
C ILE D 89 -7.16 -1.78 3.97
N ASP D 90 -6.28 -1.33 4.85
CA ASP D 90 -6.52 -0.04 5.50
C ASP D 90 -6.44 1.09 4.48
N LEU D 91 -5.43 1.06 3.59
CA LEU D 91 -5.29 2.08 2.59
C LEU D 91 -6.55 2.21 1.75
N TRP D 92 -7.11 1.08 1.32
CA TRP D 92 -8.33 1.15 0.51
C TRP D 92 -9.55 1.55 1.31
N SER D 93 -9.64 1.10 2.55
CA SER D 93 -10.77 1.47 3.38
C SER D 93 -10.74 2.99 3.57
N TYR D 94 -9.53 3.55 3.66
CA TYR D 94 -9.40 4.98 3.82
C TYR D 94 -9.84 5.66 2.52
N ASN D 95 -9.40 5.14 1.38
CA ASN D 95 -9.79 5.75 0.11
C ASN D 95 -11.30 5.76 -0.02
N ALA D 96 -11.95 4.64 0.26
CA ALA D 96 -13.40 4.56 0.17
C ALA D 96 -14.07 5.60 1.06
N GLU D 97 -13.60 5.70 2.30
CA GLU D 97 -14.13 6.67 3.28
C GLU D 97 -14.02 8.12 2.81
N LEU D 98 -12.87 8.45 2.23
CA LEU D 98 -12.60 9.80 1.72
C LEU D 98 -13.36 10.14 0.41
N LEU D 99 -13.43 9.16 -0.49
CA LEU D 99 -14.13 9.36 -1.74
C LEU D 99 -15.57 9.79 -1.51
N VAL D 100 -16.34 9.02 -0.73
CA VAL D 100 -17.72 9.40 -0.53
C VAL D 100 -17.84 10.71 0.21
N ALA D 101 -16.96 10.90 1.19
CA ALA D 101 -16.94 12.13 1.96
C ALA D 101 -16.85 13.28 0.97
N LEU D 102 -15.78 13.28 0.19
CA LEU D 102 -15.56 14.32 -0.82
C LEU D 102 -16.73 14.38 -1.80
N GLU D 103 -17.01 13.27 -2.46
CA GLU D 103 -18.12 13.21 -3.41
C GLU D 103 -19.42 13.77 -2.85
N ASN D 104 -19.84 13.27 -1.68
CA ASN D 104 -21.07 13.74 -1.05
C ASN D 104 -21.09 15.23 -0.72
N GLN D 105 -19.95 15.76 -0.22
CA GLN D 105 -19.86 17.18 0.10
C GLN D 105 -20.02 17.97 -1.18
N HIS D 106 -19.36 17.52 -2.25
CA HIS D 106 -19.48 18.20 -3.54
C HIS D 106 -20.85 18.01 -4.19
N THR D 107 -21.51 16.88 -3.90
CA THR D 107 -22.83 16.66 -4.48
C THR D 107 -23.85 17.58 -3.81
N ILE D 108 -23.70 17.85 -2.52
CA ILE D 108 -24.65 18.72 -1.85
C ILE D 108 -24.52 20.20 -2.27
N ASP D 109 -23.29 20.63 -2.54
CA ASP D 109 -23.08 22.01 -2.96
C ASP D 109 -23.53 22.21 -4.41
N LEU D 110 -23.33 21.19 -5.23
CA LEU D 110 -23.71 21.24 -6.63
C LEU D 110 -25.22 21.38 -6.80
N ALA D 111 -26.00 20.60 -6.03
CA ALA D 111 -27.46 20.65 -6.10
C ALA D 111 -27.93 22.01 -5.62
N ASP D 112 -27.25 22.52 -4.61
CA ASP D 112 -27.55 23.82 -4.04
C ASP D 112 -27.25 24.89 -5.08
N SER D 113 -26.10 24.78 -5.74
CA SER D 113 -25.69 25.73 -6.76
C SER D 113 -26.71 25.75 -7.90
N GLU D 114 -27.10 24.59 -8.35
CA GLU D 114 -28.08 24.51 -9.44
C GLU D 114 -29.40 25.19 -9.06
N MET D 115 -29.73 25.19 -7.77
CA MET D 115 -30.94 25.84 -7.29
C MET D 115 -30.76 27.35 -7.36
N ASN D 116 -29.56 27.80 -6.97
CA ASN D 116 -29.23 29.21 -6.99
C ASN D 116 -29.19 29.72 -8.43
N LYS D 117 -28.65 28.91 -9.33
CA LYS D 117 -28.58 29.31 -10.74
C LYS D 117 -29.97 29.65 -11.29
N LEU D 118 -30.95 28.80 -10.99
CA LEU D 118 -32.33 29.00 -11.45
C LEU D 118 -32.94 30.27 -10.88
N PHE D 119 -32.54 30.60 -9.66
CA PHE D 119 -33.05 31.79 -9.01
C PHE D 119 -32.51 32.99 -9.73
N GLU D 120 -31.20 32.99 -9.97
CA GLU D 120 -30.54 34.09 -10.68
C GLU D 120 -31.06 34.23 -12.10
N LYS D 121 -31.26 33.09 -12.75
CA LYS D 121 -31.77 33.02 -14.12
C LYS D 121 -33.17 33.67 -14.16
N THR D 122 -33.92 33.52 -13.07
CA THR D 122 -35.27 34.10 -12.97
C THR D 122 -35.21 35.60 -12.65
N ARG D 123 -34.38 35.97 -11.69
CA ARG D 123 -34.22 37.37 -11.31
C ARG D 123 -33.84 38.24 -12.51
N ARG D 124 -32.88 37.75 -13.28
CA ARG D 124 -32.41 38.48 -14.45
C ARG D 124 -33.46 38.61 -15.51
N GLN D 125 -34.29 37.59 -15.64
CA GLN D 125 -35.37 37.64 -16.61
C GLN D 125 -36.34 38.76 -16.23
N LEU D 126 -36.83 38.75 -14.99
CA LEU D 126 -37.79 39.75 -14.52
C LEU D 126 -37.33 41.20 -14.51
N ARG D 127 -36.01 41.43 -14.52
CA ARG D 127 -35.43 42.77 -14.52
C ARG D 127 -35.95 43.73 -13.45
N GLU D 128 -36.60 44.83 -13.86
CA GLU D 128 -37.14 45.81 -12.91
C GLU D 128 -38.63 45.62 -12.59
N ASN D 129 -39.20 44.53 -13.06
CA ASN D 129 -40.62 44.24 -12.85
C ASN D 129 -40.96 43.47 -11.57
N ALA D 130 -39.95 42.96 -10.85
CA ALA D 130 -40.20 42.22 -9.61
C ALA D 130 -39.18 42.54 -8.53
N GLU D 131 -39.40 42.02 -7.34
CA GLU D 131 -38.49 42.24 -6.22
C GLU D 131 -38.33 40.95 -5.42
N ASP D 132 -37.10 40.69 -5.00
CA ASP D 132 -36.78 39.50 -4.22
C ASP D 132 -37.21 39.72 -2.78
N MET D 133 -38.18 38.94 -2.36
CA MET D 133 -38.74 39.02 -1.01
C MET D 133 -37.86 38.37 0.04
N GLY D 134 -36.79 37.69 -0.40
CA GLY D 134 -35.84 37.06 0.51
C GLY D 134 -36.07 35.61 0.89
N ASN D 135 -37.09 34.99 0.33
CA ASN D 135 -37.42 33.60 0.66
C ASN D 135 -37.51 32.75 -0.60
N GLY D 136 -36.81 33.17 -1.64
CA GLY D 136 -36.86 32.42 -2.88
C GLY D 136 -38.05 32.78 -3.75
N CYS D 137 -38.86 33.73 -3.30
CA CYS D 137 -40.02 34.15 -4.10
C CYS D 137 -39.78 35.54 -4.62
N PHE D 138 -40.35 35.82 -5.78
CA PHE D 138 -40.24 37.15 -6.37
C PHE D 138 -41.62 37.74 -6.31
N LYS D 139 -41.69 39.03 -6.02
CA LYS D 139 -42.98 39.72 -6.02
C LYS D 139 -43.02 40.49 -7.34
N ILE D 140 -43.81 39.98 -8.28
CA ILE D 140 -43.95 40.60 -9.59
C ILE D 140 -44.99 41.70 -9.48
N TYR D 141 -44.54 42.95 -9.63
CA TYR D 141 -45.39 44.13 -9.51
C TYR D 141 -46.28 44.47 -10.69
N HIS D 142 -46.94 43.47 -11.25
CA HIS D 142 -47.83 43.72 -12.36
C HIS D 142 -48.71 42.50 -12.58
N LYS D 143 -49.93 42.74 -13.03
CA LYS D 143 -50.87 41.66 -13.27
C LYS D 143 -50.17 40.64 -14.15
N CYS D 144 -50.08 39.41 -13.67
CA CYS D 144 -49.39 38.37 -14.40
C CYS D 144 -50.21 37.08 -14.34
N ASP D 145 -51.04 36.86 -15.35
CA ASP D 145 -51.88 35.67 -15.39
C ASP D 145 -51.10 34.40 -15.72
N ASN D 146 -51.81 33.28 -15.80
CA ASN D 146 -51.16 32.01 -16.09
C ASN D 146 -50.22 32.10 -17.26
N ALA D 147 -50.66 32.73 -18.34
CA ALA D 147 -49.81 32.84 -19.51
C ALA D 147 -48.54 33.61 -19.17
N CYS D 148 -48.71 34.77 -18.51
CA CYS D 148 -47.56 35.59 -18.13
C CYS D 148 -46.55 34.79 -17.30
N ILE D 149 -47.04 33.99 -16.36
CA ILE D 149 -46.15 33.17 -15.54
C ILE D 149 -45.46 32.13 -16.40
N GLU D 150 -46.24 31.48 -17.27
CA GLU D 150 -45.68 30.45 -18.14
C GLU D 150 -44.52 30.99 -18.99
N SER D 151 -44.67 32.20 -19.52
CA SER D 151 -43.61 32.78 -20.35
C SER D 151 -42.32 32.91 -19.53
N ILE D 152 -42.48 33.14 -18.23
CA ILE D 152 -41.31 33.28 -17.35
C ILE D 152 -40.64 31.92 -17.22
N ARG D 153 -41.45 30.91 -16.90
CA ARG D 153 -40.95 29.55 -16.72
C ARG D 153 -40.32 28.98 -18.00
N ASN D 154 -40.88 29.31 -19.16
CA ASN D 154 -40.30 28.80 -20.40
C ASN D 154 -39.25 29.78 -20.93
N GLY D 155 -38.99 30.81 -20.14
CA GLY D 155 -37.99 31.80 -20.51
C GLY D 155 -38.23 32.72 -21.70
N THR D 156 -39.48 33.04 -21.98
CA THR D 156 -39.79 33.91 -23.10
C THR D 156 -40.38 35.23 -22.58
N TYR D 157 -40.33 35.42 -21.27
CA TYR D 157 -40.86 36.62 -20.63
C TYR D 157 -40.24 37.90 -21.23
N ASP D 158 -41.11 38.82 -21.66
CA ASP D 158 -40.70 40.10 -22.25
C ASP D 158 -40.87 41.25 -21.23
N HIS D 159 -39.81 41.59 -20.50
CA HIS D 159 -39.89 42.60 -19.47
C HIS D 159 -40.41 43.98 -19.86
N ASP D 160 -40.19 44.39 -21.11
CA ASP D 160 -40.65 45.71 -21.55
C ASP D 160 -42.17 45.87 -21.50
N ILE D 161 -42.87 44.85 -21.97
CA ILE D 161 -44.32 44.86 -21.99
C ILE D 161 -44.93 45.27 -20.65
N TYR D 162 -44.25 44.94 -19.56
CA TYR D 162 -44.77 45.26 -18.23
C TYR D 162 -43.96 46.27 -17.43
N ARG D 163 -42.82 46.71 -17.97
CA ARG D 163 -41.97 47.66 -17.24
C ARG D 163 -42.72 48.87 -16.66
N ASP D 164 -43.45 49.58 -17.50
CA ASP D 164 -44.20 50.75 -17.05
C ASP D 164 -45.18 50.41 -15.93
N GLU D 165 -46.06 49.44 -16.18
CA GLU D 165 -47.05 49.04 -15.19
C GLU D 165 -46.35 48.71 -13.89
N ALA D 166 -45.25 47.97 -14.00
CA ALA D 166 -44.49 47.56 -12.84
C ALA D 166 -43.82 48.75 -12.13
N LEU D 167 -43.06 49.54 -12.86
CA LEU D 167 -42.39 50.69 -12.27
C LEU D 167 -43.32 51.58 -11.45
N ASN D 168 -44.56 51.72 -11.91
CA ASN D 168 -45.54 52.54 -11.22
C ASN D 168 -45.82 51.94 -9.85
N ASN D 169 -46.20 50.66 -9.84
CA ASN D 169 -46.47 49.96 -8.59
C ASN D 169 -45.27 50.00 -7.63
N ARG D 170 -44.09 49.71 -8.16
CA ARG D 170 -42.89 49.68 -7.34
C ARG D 170 -42.55 51.01 -6.70
N PHE D 171 -42.63 52.09 -7.46
CA PHE D 171 -42.27 53.39 -6.90
C PHE D 171 -43.42 54.41 -6.76
N GLN D 172 -44.50 54.00 -6.10
CA GLN D 172 -45.64 54.88 -5.88
C GLN D 172 -46.05 54.85 -4.42
N SER E 9 -30.13 62.45 6.23
CA SER E 9 -31.24 61.52 6.59
C SER E 9 -30.63 60.16 6.81
N THR E 10 -29.91 59.71 5.79
CA THR E 10 -29.25 58.40 5.70
C THR E 10 -28.62 57.65 6.88
N ALA E 11 -28.46 56.35 6.66
CA ALA E 11 -27.84 55.41 7.59
C ALA E 11 -26.92 54.51 6.73
N THR E 12 -25.87 53.97 7.35
CA THR E 12 -24.90 53.15 6.65
C THR E 12 -24.52 51.93 7.47
N LEU E 13 -24.81 50.74 6.98
CA LEU E 13 -24.50 49.55 7.75
C LEU E 13 -23.51 48.70 6.98
N CYS E 14 -22.29 48.51 7.48
CA CYS E 14 -21.32 47.65 6.78
C CYS E 14 -21.23 46.27 7.36
N LEU E 15 -21.02 45.25 6.53
CA LEU E 15 -20.87 43.88 7.01
C LEU E 15 -19.39 43.51 7.01
N GLY E 16 -18.99 42.64 7.93
CA GLY E 16 -17.59 42.26 7.99
C GLY E 16 -17.33 40.95 8.68
N HIS E 17 -16.07 40.53 8.64
CA HIS E 17 -15.62 39.30 9.27
C HIS E 17 -14.44 39.76 10.12
N HIS E 18 -14.03 38.94 11.07
CA HIS E 18 -12.91 39.29 11.95
C HIS E 18 -11.53 38.90 11.42
N ALA E 19 -10.49 39.21 12.19
CA ALA E 19 -9.12 38.85 11.82
C ALA E 19 -8.37 38.85 13.12
N VAL E 20 -7.16 38.31 13.11
CA VAL E 20 -6.36 38.27 14.33
C VAL E 20 -4.90 38.67 14.07
N PRO E 21 -4.21 39.16 15.12
CA PRO E 21 -2.81 39.61 15.10
C PRO E 21 -1.86 38.58 14.58
N ASN E 22 -1.60 37.58 15.43
CA ASN E 22 -0.71 36.50 15.05
C ASN E 22 -1.57 35.41 14.44
N GLY E 23 -1.61 35.38 13.10
CA GLY E 23 -2.40 34.37 12.44
C GLY E 23 -1.60 33.09 12.35
N THR E 24 -2.14 32.14 11.60
CA THR E 24 -1.54 30.82 11.47
C THR E 24 -1.31 30.42 10.06
N ILE E 25 -0.18 29.81 9.77
CA ILE E 25 0.03 29.36 8.43
C ILE E 25 -0.38 27.91 8.15
N VAL E 26 -1.12 27.75 7.06
CA VAL E 26 -1.66 26.49 6.62
C VAL E 26 -1.42 26.29 5.11
N LYS E 27 -1.61 25.06 4.62
CA LYS E 27 -1.39 24.74 3.20
C LYS E 27 -2.71 24.37 2.52
N THR E 28 -2.87 24.76 1.26
CA THR E 28 -4.08 24.40 0.52
C THR E 28 -3.78 23.78 -0.83
N ILE E 29 -4.77 23.81 -1.71
CA ILE E 29 -4.63 23.25 -3.03
C ILE E 29 -3.99 24.30 -3.95
N THR E 30 -4.30 25.57 -3.68
CA THR E 30 -3.84 26.72 -4.47
C THR E 30 -2.79 27.61 -3.76
N ASP E 31 -2.26 27.07 -2.66
CA ASP E 31 -1.28 27.73 -1.82
C ASP E 31 -0.63 26.72 -0.92
N ASP E 32 0.69 26.79 -0.84
CA ASP E 32 1.42 25.90 0.04
C ASP E 32 1.64 26.74 1.29
N GLN E 33 1.51 28.04 1.14
CA GLN E 33 1.68 28.94 2.27
C GLN E 33 0.58 29.99 2.26
N ILE E 34 -0.36 29.92 3.19
CA ILE E 34 -1.42 30.92 3.28
C ILE E 34 -1.83 31.03 4.74
N GLU E 35 -2.19 32.23 5.17
CA GLU E 35 -2.52 32.47 6.56
C GLU E 35 -4.00 32.45 6.98
N VAL E 36 -4.30 31.65 8.00
CA VAL E 36 -5.67 31.58 8.53
C VAL E 36 -5.64 32.00 10.01
N THR E 37 -6.81 32.38 10.52
CA THR E 37 -6.91 32.82 11.90
C THR E 37 -6.53 31.72 12.90
N ASN E 38 -6.89 30.46 12.63
CA ASN E 38 -6.60 29.34 13.55
C ASN E 38 -6.54 27.96 12.84
N ALA E 39 -5.76 27.07 13.44
CA ALA E 39 -5.57 25.72 12.92
C ALA E 39 -5.15 24.78 14.05
N THR E 40 -5.24 23.48 13.84
CA THR E 40 -4.84 22.50 14.84
C THR E 40 -3.78 21.54 14.28
N GLU E 41 -2.91 21.01 15.14
CA GLU E 41 -1.86 20.09 14.68
C GLU E 41 -2.39 18.68 14.48
N LEU E 42 -2.03 18.04 13.37
CA LEU E 42 -2.47 16.67 13.11
C LEU E 42 -1.35 15.63 13.26
N VAL E 43 -0.10 16.08 13.35
CA VAL E 43 1.03 15.16 13.48
C VAL E 43 1.66 15.08 14.88
N GLN E 44 1.25 14.06 15.64
CA GLN E 44 1.82 13.81 16.97
C GLN E 44 3.31 13.63 16.70
N SER E 45 4.08 14.62 17.11
CA SER E 45 5.51 14.59 16.88
C SER E 45 6.33 14.41 18.15
N SER E 46 5.69 14.47 19.31
CA SER E 46 6.47 14.34 20.53
C SER E 46 6.28 13.11 21.40
N SER E 47 7.11 13.02 22.43
CA SER E 47 7.17 11.89 23.35
C SER E 47 7.00 12.34 24.79
N THR E 48 7.05 11.38 25.72
CA THR E 48 7.04 11.65 27.17
C THR E 48 8.43 11.07 27.42
N GLY E 49 8.85 10.21 26.50
CA GLY E 49 10.13 9.54 26.56
C GLY E 49 10.07 8.27 27.39
N LYS E 50 8.88 7.97 27.91
CA LYS E 50 8.67 6.79 28.75
C LYS E 50 7.50 5.95 28.29
N ILE E 51 7.57 4.65 28.55
CA ILE E 51 6.51 3.69 28.20
C ILE E 51 5.56 3.50 29.40
N CYS E 52 4.27 3.81 29.25
CA CYS E 52 3.34 3.65 30.37
C CYS E 52 3.06 2.23 30.78
N ASN E 53 3.14 1.99 32.07
CA ASN E 53 2.92 0.65 32.61
C ASN E 53 1.52 0.05 32.39
N ASN E 54 0.63 0.82 31.76
CA ASN E 54 -0.77 0.45 31.55
C ASN E 54 -1.28 1.26 30.35
N PRO E 55 -2.37 0.78 29.69
CA PRO E 55 -3.24 -0.43 29.75
C PRO E 55 -2.62 -1.79 29.49
N HIS E 56 -1.59 -1.87 28.63
CA HIS E 56 -1.00 -3.17 28.24
C HIS E 56 -0.05 -3.81 29.23
N ARG E 57 -0.27 -5.11 29.48
CA ARG E 57 0.59 -5.84 30.38
C ARG E 57 1.98 -5.77 29.77
N ILE E 58 2.86 -5.00 30.39
CA ILE E 58 4.23 -4.83 29.88
C ILE E 58 5.21 -5.62 30.70
N LEU E 59 6.20 -6.21 30.03
CA LEU E 59 7.19 -7.03 30.71
C LEU E 59 8.56 -6.62 30.21
N ASP E 60 9.39 -6.13 31.12
CA ASP E 60 10.72 -5.70 30.75
C ASP E 60 11.64 -6.92 30.71
N GLY E 61 12.16 -7.20 29.53
CA GLY E 61 13.08 -8.31 29.42
C GLY E 61 14.26 -8.11 30.37
N ARG E 62 14.66 -6.85 30.55
CA ARG E 62 15.75 -6.44 31.42
C ARG E 62 17.15 -6.69 30.91
N ALA E 63 17.62 -7.93 31.09
CA ALA E 63 18.95 -8.38 30.62
C ALA E 63 18.72 -9.65 29.81
N CYS E 64 17.49 -10.07 29.83
CA CYS E 64 17.09 -11.27 29.17
C CYS E 64 16.34 -10.99 27.87
N THR E 65 16.64 -11.79 26.85
CA THR E 65 16.03 -11.72 25.54
C THR E 65 14.89 -12.70 25.68
N LEU E 66 13.81 -12.48 24.93
CA LEU E 66 12.66 -13.36 25.00
C LEU E 66 13.07 -14.81 24.78
N ILE E 67 14.00 -15.01 23.85
CA ILE E 67 14.51 -16.35 23.52
C ILE E 67 15.11 -17.03 24.75
N ASP E 68 16.22 -16.46 25.26
CA ASP E 68 16.90 -16.95 26.44
C ASP E 68 15.89 -17.20 27.58
N ALA E 69 14.86 -16.39 27.63
CA ALA E 69 13.85 -16.55 28.64
C ALA E 69 13.12 -17.85 28.34
N LEU E 70 12.87 -18.09 27.06
CA LEU E 70 12.16 -19.28 26.65
C LEU E 70 12.98 -20.55 26.87
N LEU E 71 14.24 -20.49 26.46
CA LEU E 71 15.18 -21.60 26.58
C LEU E 71 15.45 -21.93 28.05
N GLY E 72 15.59 -20.87 28.85
CA GLY E 72 15.85 -21.02 30.28
C GLY E 72 17.25 -20.67 30.73
N ASP E 73 17.86 -19.67 30.09
CA ASP E 73 19.20 -19.21 30.47
C ASP E 73 19.07 -18.88 31.95
N PRO E 74 20.00 -19.37 32.77
CA PRO E 74 19.98 -19.13 34.23
C PRO E 74 19.51 -17.76 34.75
N HIS E 75 20.11 -16.66 34.29
CA HIS E 75 19.67 -15.36 34.80
C HIS E 75 18.33 -14.96 34.27
N CYS E 76 17.73 -15.82 33.47
CA CYS E 76 16.42 -15.56 32.92
C CYS E 76 15.32 -16.47 33.52
N ASP E 77 15.61 -17.12 34.65
CA ASP E 77 14.62 -18.01 35.29
C ASP E 77 13.47 -17.28 36.02
N VAL E 78 13.63 -15.97 36.22
CA VAL E 78 12.60 -15.20 36.88
C VAL E 78 11.43 -15.10 35.90
N PHE E 79 11.75 -15.17 34.60
CA PHE E 79 10.77 -15.08 33.53
C PHE E 79 9.98 -16.37 33.26
N GLN E 80 10.18 -17.37 34.10
CA GLN E 80 9.50 -18.64 33.94
C GLN E 80 7.98 -18.52 34.00
N ASN E 81 7.28 -19.05 33.00
CA ASN E 81 5.82 -18.97 32.94
C ASN E 81 5.30 -17.51 32.82
N GLU E 82 6.12 -16.57 32.34
CA GLU E 82 5.69 -15.16 32.21
C GLU E 82 4.71 -14.89 31.06
N THR E 83 3.93 -13.82 31.18
CA THR E 83 2.98 -13.43 30.14
C THR E 83 3.21 -11.97 29.81
N TRP E 84 2.68 -11.50 28.69
CA TRP E 84 2.88 -10.12 28.31
C TRP E 84 2.02 -9.70 27.15
N ASP E 85 1.51 -8.48 27.21
CA ASP E 85 0.76 -7.97 26.10
C ASP E 85 1.89 -7.48 25.21
N LEU E 86 2.91 -6.89 25.86
CA LEU E 86 4.06 -6.41 25.13
C LEU E 86 5.38 -6.71 25.83
N PHE E 87 6.19 -7.60 25.26
CA PHE E 87 7.47 -7.96 25.83
C PHE E 87 8.45 -6.86 25.39
N VAL E 88 9.34 -6.44 26.28
CA VAL E 88 10.29 -5.39 25.95
C VAL E 88 11.76 -5.80 26.06
N GLU E 89 12.40 -6.02 24.91
CA GLU E 89 13.81 -6.41 24.88
C GLU E 89 14.75 -5.19 24.97
N ARG E 90 15.75 -5.28 25.85
CA ARG E 90 16.70 -4.18 26.03
C ARG E 90 17.99 -4.35 25.26
N SER E 91 18.64 -3.25 24.96
CA SER E 91 19.87 -3.30 24.18
C SER E 91 21.08 -3.87 24.90
N ASN E 92 21.07 -3.89 26.23
CA ASN E 92 22.22 -4.46 26.94
C ASN E 92 22.02 -5.89 27.39
N ALA E 93 20.97 -6.52 26.85
CA ALA E 93 20.66 -7.90 27.19
C ALA E 93 21.79 -8.76 26.66
N PHE E 94 22.15 -9.77 27.45
CA PHE E 94 23.25 -10.66 27.13
C PHE E 94 22.82 -12.10 27.38
N SER E 95 23.54 -13.03 26.78
CA SER E 95 23.29 -14.45 26.94
C SER E 95 24.43 -14.96 27.79
N ASN E 96 24.09 -15.63 28.89
CA ASN E 96 25.11 -16.16 29.78
C ASN E 96 25.06 -17.69 29.89
N CYS E 97 24.75 -18.37 28.80
CA CYS E 97 24.70 -19.82 28.85
C CYS E 97 25.48 -20.42 27.70
N TYR E 98 25.23 -21.71 27.46
CA TYR E 98 25.92 -22.50 26.43
C TYR E 98 25.68 -22.00 25.00
N PRO E 99 26.75 -21.86 24.20
CA PRO E 99 26.64 -21.38 22.80
C PRO E 99 25.53 -22.06 22.05
N TYR E 100 24.61 -21.29 21.49
CA TYR E 100 23.49 -21.87 20.72
C TYR E 100 23.22 -21.16 19.39
N ASP E 101 22.62 -21.90 18.47
CA ASP E 101 22.26 -21.40 17.15
C ASP E 101 20.79 -21.75 16.95
N ILE E 102 20.06 -20.89 16.26
CA ILE E 102 18.65 -21.19 15.97
C ILE E 102 18.34 -20.84 14.55
N PRO E 103 18.31 -21.89 13.66
CA PRO E 103 17.96 -21.69 12.25
C PRO E 103 16.54 -21.17 12.29
N ASP E 104 16.41 -19.94 11.84
CA ASP E 104 15.14 -19.23 11.84
C ASP E 104 14.76 -18.65 13.20
N TYR E 105 15.73 -17.97 13.80
CA TYR E 105 15.59 -17.33 15.10
C TYR E 105 14.40 -16.36 15.05
N ALA E 106 14.40 -15.53 14.01
CA ALA E 106 13.37 -14.53 13.86
C ALA E 106 11.98 -15.11 13.90
N SER E 107 11.75 -16.28 13.30
CA SER E 107 10.39 -16.76 13.34
C SER E 107 10.01 -17.29 14.71
N LEU E 108 10.96 -17.89 15.42
CA LEU E 108 10.66 -18.40 16.75
C LEU E 108 10.39 -17.19 17.66
N ARG E 109 11.32 -16.25 17.72
CA ARG E 109 11.11 -15.05 18.54
C ARG E 109 9.72 -14.48 18.25
N SER E 110 9.31 -14.59 17.00
CA SER E 110 8.02 -14.06 16.55
C SER E 110 6.78 -14.82 17.04
N LEU E 111 6.69 -16.10 16.73
CA LEU E 111 5.52 -16.84 17.16
C LEU E 111 5.38 -16.88 18.67
N VAL E 112 6.50 -16.98 19.36
CA VAL E 112 6.50 -16.99 20.82
C VAL E 112 5.95 -15.63 21.28
N ALA E 113 6.53 -14.56 20.75
CA ALA E 113 6.09 -13.22 21.12
C ALA E 113 4.58 -13.09 20.96
N SER E 114 4.05 -13.56 19.84
CA SER E 114 2.62 -13.44 19.59
C SER E 114 1.74 -14.28 20.50
N SER E 115 2.27 -15.39 20.98
CA SER E 115 1.53 -16.25 21.87
C SER E 115 1.39 -15.49 23.20
N GLY E 116 2.45 -14.71 23.50
CA GLY E 116 2.53 -13.87 24.71
C GLY E 116 2.51 -14.59 26.04
N THR E 117 2.94 -15.85 26.06
CA THR E 117 2.94 -16.64 27.28
C THR E 117 4.12 -17.59 27.26
N LEU E 118 4.71 -17.81 28.42
CA LEU E 118 5.84 -18.75 28.55
C LEU E 118 5.43 -19.94 29.39
N GLU E 119 4.13 -20.10 29.64
CA GLU E 119 3.63 -21.23 30.44
C GLU E 119 4.23 -22.53 29.93
N PHE E 120 5.05 -23.16 30.76
CA PHE E 120 5.69 -24.42 30.39
C PHE E 120 5.11 -25.55 31.23
N ILE E 121 4.79 -26.65 30.61
CA ILE E 121 4.22 -27.76 31.35
C ILE E 121 5.21 -28.92 31.25
N THR E 122 5.75 -29.34 32.38
CA THR E 122 6.73 -30.42 32.36
C THR E 122 6.10 -31.77 32.04
N GLU E 123 6.65 -32.46 31.04
CA GLU E 123 6.11 -33.74 30.67
C GLU E 123 6.99 -34.91 31.10
N GLY E 124 6.37 -36.05 31.41
CA GLY E 124 7.14 -37.19 31.84
C GLY E 124 7.77 -38.06 30.78
N PHE E 125 8.71 -37.50 30.00
CA PHE E 125 9.43 -38.27 28.98
C PHE E 125 10.27 -39.22 29.78
N THR E 126 10.59 -40.38 29.22
CA THR E 126 11.39 -41.35 29.94
C THR E 126 12.59 -41.73 29.08
N TRP E 127 13.76 -41.22 29.49
CA TRP E 127 15.02 -41.44 28.78
C TRP E 127 15.81 -42.62 29.33
N THR E 128 15.45 -43.81 28.88
CA THR E 128 16.08 -45.04 29.34
C THR E 128 17.37 -45.37 28.64
N GLY E 129 18.44 -45.50 29.40
CA GLY E 129 19.68 -45.82 28.77
C GLY E 129 20.63 -44.64 28.74
N VAL E 130 20.16 -43.46 29.15
CA VAL E 130 21.06 -42.31 29.15
C VAL E 130 21.16 -41.56 30.47
N THR E 131 22.17 -40.70 30.51
CA THR E 131 22.46 -39.86 31.65
C THR E 131 21.83 -38.53 31.30
N GLN E 132 21.05 -37.94 32.21
CA GLN E 132 20.39 -36.65 31.92
C GLN E 132 20.93 -35.45 32.65
N ASN E 133 20.13 -34.40 32.66
CA ASN E 133 20.46 -33.14 33.34
C ASN E 133 21.93 -32.81 33.23
N GLY E 134 22.47 -32.84 32.00
CA GLY E 134 23.87 -32.54 31.80
C GLY E 134 24.12 -31.04 31.78
N GLY E 135 25.33 -30.61 32.14
CA GLY E 135 25.59 -29.18 32.16
C GLY E 135 26.93 -28.70 31.63
N SER E 136 27.15 -27.39 31.76
CA SER E 136 28.39 -26.78 31.29
C SER E 136 28.95 -25.66 32.19
N SER E 137 30.24 -25.41 32.04
CA SER E 137 30.90 -24.34 32.79
C SER E 137 30.38 -23.05 32.19
N ALA E 138 29.86 -23.16 30.97
CA ALA E 138 29.30 -22.00 30.28
C ALA E 138 27.83 -21.91 30.61
N CYS E 139 27.46 -22.61 31.67
CA CYS E 139 26.09 -22.53 32.09
C CYS E 139 26.15 -22.65 33.55
N LYS E 140 26.75 -21.63 34.16
CA LYS E 140 26.87 -21.60 35.60
C LYS E 140 25.56 -21.17 36.21
N ARG E 141 24.73 -22.15 36.54
CA ARG E 141 23.46 -21.88 37.23
C ARG E 141 24.02 -21.83 38.63
N GLY E 142 24.20 -20.63 39.17
CA GLY E 142 24.83 -20.55 40.46
C GLY E 142 26.28 -20.92 40.13
N PRO E 143 27.13 -21.08 41.16
CA PRO E 143 28.54 -21.45 40.94
C PRO E 143 28.84 -22.72 40.14
N ALA E 144 27.99 -23.74 40.26
CA ALA E 144 28.21 -25.02 39.57
C ALA E 144 27.80 -24.97 38.10
N ASN E 145 28.08 -26.06 37.38
CA ASN E 145 27.71 -26.14 35.98
C ASN E 145 26.19 -26.31 35.84
N GLY E 146 25.66 -26.07 34.64
CA GLY E 146 24.23 -26.20 34.45
C GLY E 146 23.82 -26.17 32.99
N PHE E 147 22.56 -25.86 32.74
CA PHE E 147 22.07 -25.86 31.38
C PHE E 147 20.75 -25.10 31.28
N PHE E 148 20.24 -24.89 30.07
CA PHE E 148 18.96 -24.21 29.89
C PHE E 148 17.91 -24.96 30.71
N SER E 149 17.18 -24.26 31.57
CA SER E 149 16.16 -24.89 32.42
C SER E 149 15.15 -25.78 31.69
N ARG E 150 14.79 -25.42 30.47
CA ARG E 150 13.80 -26.19 29.75
C ARG E 150 14.39 -27.28 28.85
N LEU E 151 15.69 -27.46 28.87
CA LEU E 151 16.30 -28.48 28.04
C LEU E 151 16.96 -29.58 28.88
N ASN E 152 17.16 -30.75 28.29
CA ASN E 152 17.74 -31.88 29.01
C ASN E 152 18.93 -32.45 28.23
N TRP E 153 20.14 -32.05 28.56
CA TRP E 153 21.31 -32.57 27.84
C TRP E 153 21.44 -34.07 28.14
N LEU E 154 21.38 -34.91 27.10
CA LEU E 154 21.49 -36.37 27.27
C LEU E 154 22.88 -36.91 26.91
N THR E 155 23.37 -37.83 27.72
CA THR E 155 24.69 -38.42 27.52
C THR E 155 24.68 -39.92 27.76
N LYS E 156 25.70 -40.60 27.25
CA LYS E 156 25.82 -42.03 27.41
C LYS E 156 25.72 -42.47 28.87
N SER E 157 25.35 -43.73 29.06
CA SER E 157 25.24 -44.31 30.40
C SER E 157 25.73 -45.73 30.33
N GLU E 158 26.73 -46.01 31.16
CA GLU E 158 27.35 -47.31 31.22
C GLU E 158 27.82 -47.73 29.83
N SER E 159 28.67 -46.88 29.26
CA SER E 159 29.31 -47.08 27.95
C SER E 159 28.40 -47.47 26.77
N ALA E 160 27.38 -46.66 26.51
CA ALA E 160 26.42 -46.90 25.45
C ALA E 160 25.52 -45.69 25.31
N TYR E 161 24.72 -45.65 24.25
CA TYR E 161 23.77 -44.57 24.06
C TYR E 161 22.73 -45.18 23.10
N PRO E 162 21.57 -45.58 23.63
CA PRO E 162 20.44 -46.20 22.91
C PRO E 162 19.90 -45.49 21.72
N VAL E 163 19.19 -46.26 20.90
CA VAL E 163 18.49 -45.71 19.77
C VAL E 163 17.25 -45.27 20.57
N LEU E 164 17.23 -44.02 21.03
CA LEU E 164 16.12 -43.52 21.82
C LEU E 164 14.89 -43.43 20.93
N ASN E 165 13.75 -43.68 21.53
CA ASN E 165 12.49 -43.69 20.80
C ASN E 165 11.37 -43.42 21.80
N VAL E 166 11.09 -42.15 22.05
CA VAL E 166 10.07 -41.76 23.01
C VAL E 166 8.87 -41.03 22.40
N THR E 167 7.68 -41.43 22.84
CA THR E 167 6.44 -40.88 22.34
C THR E 167 5.74 -40.06 23.37
N MET E 168 5.11 -39.00 22.92
CA MET E 168 4.36 -38.14 23.83
C MET E 168 3.13 -37.56 23.15
N PRO E 169 1.97 -38.21 23.38
CA PRO E 169 0.64 -37.80 22.84
C PRO E 169 0.13 -36.42 23.21
N ASN E 170 -0.63 -35.79 22.31
CA ASN E 170 -1.21 -34.49 22.62
C ASN E 170 -2.71 -34.76 22.81
N ASN E 171 -3.08 -35.16 24.02
CA ASN E 171 -4.45 -35.49 24.36
C ASN E 171 -5.21 -34.29 24.88
N ASP E 172 -4.60 -33.12 24.77
CA ASP E 172 -5.28 -31.91 25.22
C ASP E 172 -6.06 -31.35 24.04
N ASN E 173 -6.78 -30.27 24.27
CA ASN E 173 -7.60 -29.62 23.24
C ASN E 173 -6.84 -28.43 22.61
N PHE E 174 -5.61 -28.22 23.02
CA PHE E 174 -4.80 -27.11 22.51
C PHE E 174 -3.47 -27.54 21.87
N ASP E 175 -2.80 -26.58 21.21
CA ASP E 175 -1.52 -26.81 20.54
C ASP E 175 -0.34 -26.69 21.50
N LYS E 176 0.59 -27.63 21.37
CA LYS E 176 1.79 -27.66 22.20
C LYS E 176 3.02 -27.20 21.40
N LEU E 177 3.86 -26.37 22.00
CA LEU E 177 5.06 -25.94 21.29
C LEU E 177 6.26 -26.60 21.96
N TYR E 178 6.81 -27.64 21.33
CA TYR E 178 7.97 -28.30 21.91
C TYR E 178 9.21 -27.69 21.32
N ILE E 179 10.19 -27.38 22.16
CA ILE E 179 11.43 -26.84 21.63
C ILE E 179 12.56 -27.76 22.11
N TRP E 180 13.26 -28.34 21.15
CA TRP E 180 14.34 -29.29 21.40
C TRP E 180 15.54 -28.81 20.60
N GLY E 181 16.61 -29.60 20.57
CA GLY E 181 17.79 -29.22 19.81
C GLY E 181 18.79 -30.36 19.66
N VAL E 182 19.90 -30.09 18.94
CA VAL E 182 20.94 -31.10 18.76
C VAL E 182 22.34 -30.52 19.08
N HIS E 183 23.23 -31.35 19.58
CA HIS E 183 24.55 -30.89 19.94
C HIS E 183 25.61 -31.14 18.91
N HIS E 184 26.42 -30.11 18.64
CA HIS E 184 27.51 -30.23 17.66
C HIS E 184 28.87 -30.24 18.34
N PRO E 185 29.39 -31.45 18.64
CA PRO E 185 30.71 -31.55 19.28
C PRO E 185 31.87 -30.89 18.57
N SER E 186 32.85 -30.43 19.34
CA SER E 186 34.04 -29.78 18.78
C SER E 186 34.96 -30.74 18.02
N THR E 187 35.00 -32.00 18.45
CA THR E 187 35.88 -32.99 17.81
C THR E 187 35.26 -34.39 17.84
N ASN E 188 35.85 -35.32 17.09
CA ASN E 188 35.38 -36.70 17.05
C ASN E 188 35.54 -37.37 18.40
N GLN E 189 36.68 -37.10 19.05
CA GLN E 189 36.92 -37.69 20.36
C GLN E 189 35.75 -37.32 21.25
N GLU E 190 35.32 -36.07 21.15
CA GLU E 190 34.19 -35.58 21.96
C GLU E 190 32.91 -36.32 21.61
N GLN E 191 32.66 -36.49 20.32
CA GLN E 191 31.48 -37.17 19.85
C GLN E 191 31.39 -38.59 20.43
N THR E 192 32.40 -39.42 20.16
CA THR E 192 32.44 -40.81 20.63
C THR E 192 32.54 -40.94 22.13
N ASN E 193 33.13 -39.93 22.75
CA ASN E 193 33.31 -39.89 24.18
C ASN E 193 32.00 -39.63 24.92
N LEU E 194 31.17 -38.75 24.37
CA LEU E 194 29.89 -38.38 24.96
C LEU E 194 28.73 -39.26 24.51
N TYR E 195 28.69 -39.56 23.21
CA TYR E 195 27.59 -40.32 22.68
C TYR E 195 27.95 -41.68 22.08
N VAL E 196 29.18 -42.13 22.31
CA VAL E 196 29.64 -43.44 21.84
C VAL E 196 29.62 -43.58 20.31
N GLN E 197 28.44 -43.46 19.72
CA GLN E 197 28.32 -43.53 18.27
C GLN E 197 29.20 -42.46 17.64
N ALA E 198 29.79 -42.78 16.49
CA ALA E 198 30.66 -41.85 15.79
C ALA E 198 29.92 -40.73 15.08
N SER E 199 28.63 -40.95 14.85
CA SER E 199 27.80 -39.97 14.15
C SER E 199 26.42 -39.97 14.81
N GLY E 200 25.97 -38.83 15.30
CA GLY E 200 24.66 -38.79 15.95
C GLY E 200 23.52 -38.55 14.99
N ARG E 201 22.30 -38.47 15.52
CA ARG E 201 21.11 -38.22 14.71
C ARG E 201 19.88 -37.90 15.56
N VAL E 202 19.13 -36.88 15.16
CA VAL E 202 17.93 -36.49 15.88
C VAL E 202 16.76 -36.36 14.92
N THR E 203 15.67 -37.07 15.23
CA THR E 203 14.47 -37.04 14.40
C THR E 203 13.23 -36.78 15.25
N VAL E 204 12.57 -35.65 15.02
CA VAL E 204 11.36 -35.31 15.77
C VAL E 204 10.22 -35.22 14.75
N SER E 205 9.15 -35.97 14.99
CA SER E 205 8.01 -36.02 14.08
C SER E 205 6.64 -36.22 14.70
N THR E 206 5.63 -35.83 13.94
CA THR E 206 4.23 -35.96 14.30
C THR E 206 3.66 -36.61 13.06
N ARG E 207 2.34 -36.76 13.02
CA ARG E 207 1.72 -37.34 11.84
C ARG E 207 1.69 -36.31 10.72
N ARG E 208 2.16 -35.13 11.06
CA ARG E 208 2.14 -34.00 10.14
C ARG E 208 3.49 -33.37 9.81
N SER E 209 4.42 -33.38 10.75
CA SER E 209 5.73 -32.81 10.48
C SER E 209 6.79 -33.77 10.92
N GLN E 210 7.82 -33.85 10.10
CA GLN E 210 8.96 -34.68 10.38
C GLN E 210 10.22 -33.86 10.12
N GLN E 211 11.12 -33.76 11.09
CA GLN E 211 12.36 -33.02 10.84
C GLN E 211 13.50 -33.79 11.43
N THR E 212 14.55 -33.99 10.66
CA THR E 212 15.66 -34.77 11.16
C THR E 212 16.95 -34.00 10.91
N ILE E 213 17.71 -33.85 11.98
CA ILE E 213 18.95 -33.10 12.02
C ILE E 213 20.14 -34.03 12.26
N ILE E 214 21.25 -33.73 11.60
CA ILE E 214 22.44 -34.54 11.80
C ILE E 214 23.56 -33.69 12.36
N PRO E 215 24.09 -34.11 13.52
CA PRO E 215 25.18 -33.41 14.22
C PRO E 215 26.35 -33.15 13.33
N ASN E 216 26.94 -31.97 13.43
CA ASN E 216 28.13 -31.74 12.64
C ASN E 216 29.36 -31.20 13.37
N ILE E 217 30.27 -32.16 13.54
CA ILE E 217 31.56 -32.09 14.21
C ILE E 217 32.61 -31.09 13.69
N GLY E 218 33.07 -30.19 14.56
CA GLY E 218 34.09 -29.27 14.14
C GLY E 218 34.49 -28.30 15.22
N SER E 219 35.56 -27.56 14.99
CA SER E 219 35.98 -26.58 15.99
C SER E 219 35.37 -25.21 15.65
N ARG E 220 34.71 -24.58 16.62
CA ARG E 220 34.14 -23.26 16.42
C ARG E 220 34.65 -22.34 17.55
N PRO E 221 34.82 -21.03 17.26
CA PRO E 221 35.30 -20.02 18.21
C PRO E 221 34.80 -20.28 19.59
N TRP E 222 35.66 -20.10 20.59
CA TRP E 222 35.27 -20.33 21.98
C TRP E 222 34.28 -19.29 22.54
N VAL E 223 33.19 -19.75 23.14
CA VAL E 223 32.22 -18.83 23.75
C VAL E 223 31.99 -19.32 25.19
N ARG E 224 32.47 -18.53 26.14
CA ARG E 224 32.41 -18.91 27.53
C ARG E 224 33.16 -20.23 27.61
N GLY E 225 34.17 -20.34 26.75
CA GLY E 225 35.04 -21.50 26.73
C GLY E 225 34.66 -22.69 25.88
N GLN E 226 33.55 -22.62 25.14
CA GLN E 226 33.13 -23.77 24.35
C GLN E 226 33.12 -23.68 22.84
N PRO E 227 33.93 -24.53 22.18
CA PRO E 227 33.98 -24.57 20.70
C PRO E 227 32.68 -25.14 20.16
N GLY E 228 32.07 -26.04 20.92
CA GLY E 228 30.83 -26.65 20.46
C GLY E 228 29.64 -25.72 20.46
N ARG E 229 28.70 -25.97 19.57
CA ARG E 229 27.45 -25.19 19.51
C ARG E 229 26.24 -26.11 19.56
N ILE E 230 25.12 -25.59 20.05
CA ILE E 230 23.87 -26.35 20.10
C ILE E 230 22.96 -25.65 19.10
N SER E 231 22.31 -26.41 18.23
CA SER E 231 21.39 -25.79 17.28
C SER E 231 19.99 -26.01 17.81
N ILE E 232 19.16 -24.98 17.85
CA ILE E 232 17.82 -25.17 18.38
C ILE E 232 16.68 -25.23 17.37
N TYR E 233 15.78 -26.18 17.60
CA TYR E 233 14.64 -26.39 16.71
C TYR E 233 13.36 -26.47 17.54
N TRP E 234 12.21 -26.29 16.90
CA TRP E 234 10.95 -26.35 17.62
C TRP E 234 9.97 -27.21 16.83
N THR E 235 8.90 -27.62 17.51
CA THR E 235 7.90 -28.47 16.89
C THR E 235 6.55 -28.30 17.57
N ILE E 236 5.57 -27.94 16.77
CA ILE E 236 4.23 -27.74 17.26
C ILE E 236 3.41 -28.99 17.05
N VAL E 237 2.89 -29.54 18.13
CA VAL E 237 2.06 -30.74 18.05
C VAL E 237 0.59 -30.37 18.27
N LYS E 238 -0.20 -30.56 17.23
CA LYS E 238 -1.62 -30.22 17.27
C LYS E 238 -2.47 -31.25 18.03
N PRO E 239 -3.65 -30.85 18.54
CA PRO E 239 -4.55 -31.74 19.27
C PRO E 239 -4.94 -33.01 18.50
N GLY E 240 -4.88 -34.14 19.20
CA GLY E 240 -5.19 -35.41 18.56
C GLY E 240 -3.95 -36.04 17.96
N ASP E 241 -2.83 -35.30 17.90
CA ASP E 241 -1.58 -35.82 17.33
C ASP E 241 -0.67 -36.40 18.41
N VAL E 242 0.57 -36.69 18.04
CA VAL E 242 1.53 -37.27 18.97
C VAL E 242 2.98 -36.97 18.54
N LEU E 243 3.84 -36.73 19.52
CA LEU E 243 5.24 -36.41 19.26
C LEU E 243 6.13 -37.63 19.40
N VAL E 244 7.04 -37.82 18.44
CA VAL E 244 7.97 -38.92 18.54
C VAL E 244 9.39 -38.43 18.30
N ILE E 245 10.24 -38.66 19.29
CA ILE E 245 11.63 -38.25 19.22
C ILE E 245 12.46 -39.52 19.06
N ASN E 246 13.27 -39.58 18.02
CA ASN E 246 14.11 -40.74 17.78
C ASN E 246 15.53 -40.25 17.56
N SER E 247 16.44 -40.75 18.38
CA SER E 247 17.84 -40.37 18.31
C SER E 247 18.78 -41.39 18.93
N ASN E 248 19.96 -41.52 18.34
CA ASN E 248 20.96 -42.43 18.87
C ASN E 248 22.21 -41.62 19.17
N GLY E 249 22.03 -40.35 19.51
CA GLY E 249 23.16 -39.50 19.85
C GLY E 249 22.96 -38.03 19.57
N ASN E 250 23.54 -37.18 20.43
CA ASN E 250 23.48 -35.71 20.29
C ASN E 250 22.17 -34.97 20.55
N LEU E 251 21.14 -35.64 21.04
CA LEU E 251 19.86 -34.98 21.29
C LEU E 251 19.80 -34.17 22.59
N ILE E 252 19.32 -32.92 22.51
CA ILE E 252 19.11 -32.07 23.68
C ILE E 252 17.58 -32.18 23.83
N ALA E 253 17.15 -33.06 24.73
CA ALA E 253 15.75 -33.34 24.97
C ALA E 253 14.88 -32.24 25.53
N PRO E 254 13.57 -32.30 25.23
CA PRO E 254 12.56 -31.34 25.69
C PRO E 254 12.21 -31.81 27.09
N ARG E 255 11.63 -30.94 27.90
CA ARG E 255 11.28 -31.32 29.26
C ARG E 255 9.77 -31.29 29.41
N GLY E 256 9.15 -30.72 28.39
CA GLY E 256 7.70 -30.57 28.35
C GLY E 256 7.37 -29.64 27.20
N TYR E 257 6.34 -28.82 27.35
CA TYR E 257 5.95 -27.94 26.26
C TYR E 257 5.48 -26.56 26.75
N PHE E 258 5.28 -25.66 25.79
CA PHE E 258 4.79 -24.32 26.07
C PHE E 258 3.37 -24.22 25.57
N LYS E 259 2.49 -23.62 26.37
CA LYS E 259 1.11 -23.48 25.95
C LYS E 259 1.11 -22.39 24.87
N MET E 260 0.37 -22.60 23.78
CA MET E 260 0.32 -21.62 22.71
C MET E 260 -1.01 -20.89 22.65
N ARG E 261 -0.98 -19.57 22.75
CA ARG E 261 -2.20 -18.80 22.74
C ARG E 261 -2.20 -17.74 21.67
N THR E 262 -3.39 -17.30 21.29
CA THR E 262 -3.52 -16.26 20.27
C THR E 262 -4.08 -14.99 20.92
N GLY E 263 -3.59 -13.83 20.50
CA GLY E 263 -4.07 -12.58 21.06
C GLY E 263 -3.34 -11.37 20.46
N LYS E 264 -3.25 -10.32 21.26
CA LYS E 264 -2.61 -9.07 20.84
C LYS E 264 -1.19 -8.95 21.40
N SER E 265 -0.62 -10.06 21.87
CA SER E 265 0.71 -10.03 22.45
C SER E 265 1.77 -9.76 21.39
N SER E 266 2.83 -9.10 21.80
CA SER E 266 3.89 -8.79 20.85
C SER E 266 5.16 -8.45 21.60
N ILE E 267 6.19 -8.12 20.84
CA ILE E 267 7.47 -7.78 21.43
C ILE E 267 7.97 -6.48 20.80
N MET E 268 8.81 -5.76 21.52
CA MET E 268 9.37 -4.52 21.02
C MET E 268 10.76 -4.27 21.58
N ARG E 269 11.64 -3.70 20.76
CA ARG E 269 13.00 -3.39 21.18
C ARG E 269 13.03 -1.92 21.55
N SER E 270 13.41 -1.63 22.80
CA SER E 270 13.49 -0.26 23.28
C SER E 270 14.44 -0.19 24.47
N ASP E 271 14.60 1.03 24.99
CA ASP E 271 15.43 1.30 26.17
C ASP E 271 14.67 2.30 26.99
N ALA E 272 13.44 2.52 26.57
CA ALA E 272 12.55 3.46 27.22
C ALA E 272 12.07 2.97 28.57
N PRO E 273 12.34 3.80 29.62
CA PRO E 273 11.91 3.53 31.00
C PRO E 273 10.45 3.24 31.04
N ILE E 274 10.03 2.40 31.97
CA ILE E 274 8.62 2.07 32.07
C ILE E 274 7.99 2.69 33.30
N ASP E 275 7.31 3.81 33.09
CA ASP E 275 6.66 4.52 34.18
C ASP E 275 5.24 4.03 34.49
N THR E 276 4.60 4.69 35.44
CA THR E 276 3.25 4.35 35.84
C THR E 276 2.29 5.43 35.34
N CYS E 277 1.70 5.18 34.16
CA CYS E 277 0.75 6.08 33.54
C CYS E 277 -0.17 5.29 32.62
N ILE E 278 -0.99 5.99 31.85
CA ILE E 278 -1.91 5.31 30.96
C ILE E 278 -1.84 5.87 29.55
N SER E 279 -1.24 5.12 28.64
CA SER E 279 -1.15 5.51 27.22
C SER E 279 -1.51 4.32 26.31
N GLU E 280 -2.58 4.48 25.53
CA GLU E 280 -3.07 3.46 24.62
C GLU E 280 -1.98 3.10 23.63
N CYS E 281 -1.33 4.09 23.06
CA CYS E 281 -0.28 3.82 22.08
C CYS E 281 1.14 3.79 22.63
N ILE E 282 1.91 2.76 22.23
CA ILE E 282 3.31 2.59 22.65
C ILE E 282 4.28 2.58 21.47
N THR E 283 5.42 3.25 21.62
CA THR E 283 6.43 3.25 20.55
C THR E 283 7.79 3.05 21.22
N PRO E 284 8.81 2.66 20.42
CA PRO E 284 10.15 2.45 20.96
C PRO E 284 10.65 3.66 21.73
N ASN E 285 10.26 4.85 21.28
CA ASN E 285 10.69 6.08 21.94
C ASN E 285 9.89 6.38 23.19
N GLY E 286 8.92 5.53 23.50
CA GLY E 286 8.07 5.73 24.66
C GLY E 286 6.63 5.83 24.20
N SER E 287 5.68 5.97 25.14
CA SER E 287 4.27 6.09 24.76
C SER E 287 4.04 7.48 24.16
N ILE E 288 2.93 7.64 23.47
CA ILE E 288 2.58 8.92 22.84
C ILE E 288 1.07 8.93 22.66
N PRO E 289 0.45 10.12 22.83
CA PRO E 289 -1.00 10.33 22.69
C PRO E 289 -1.55 9.89 21.36
N ASN E 290 -2.82 9.51 21.35
CA ASN E 290 -3.42 9.07 20.09
C ASN E 290 -4.64 9.89 19.68
N ASP E 291 -4.61 11.18 20.00
CA ASP E 291 -5.70 12.08 19.66
C ASP E 291 -5.51 12.72 18.27
N LYS E 292 -4.31 12.57 17.72
CA LYS E 292 -4.00 13.10 16.40
C LYS E 292 -3.95 11.99 15.36
N PRO E 293 -4.41 12.28 14.14
CA PRO E 293 -4.43 11.30 13.03
C PRO E 293 -3.07 10.71 12.70
N PHE E 294 -2.06 11.57 12.66
CA PHE E 294 -0.70 11.15 12.30
C PHE E 294 0.40 11.40 13.36
N GLN E 295 1.57 10.78 13.15
CA GLN E 295 2.70 10.91 14.07
C GLN E 295 4.04 10.72 13.35
N ASN E 296 5.08 11.38 13.85
CA ASN E 296 6.40 11.33 13.24
C ASN E 296 7.49 10.78 14.19
N VAL E 297 7.07 10.14 15.27
CA VAL E 297 7.97 9.58 16.29
C VAL E 297 8.78 8.35 15.86
N ASN E 298 8.07 7.24 15.66
CA ASN E 298 8.72 6.00 15.23
C ASN E 298 7.68 5.18 14.47
N LYS E 299 8.10 4.50 13.41
CA LYS E 299 7.19 3.68 12.63
C LYS E 299 6.81 2.41 13.39
N ILE E 300 7.60 2.09 14.41
CA ILE E 300 7.36 0.90 15.21
C ILE E 300 6.30 1.26 16.25
N THR E 301 5.14 0.61 16.22
CA THR E 301 4.07 0.93 17.18
C THR E 301 3.34 -0.27 17.74
N TYR E 302 2.69 -0.04 18.86
CA TYR E 302 1.92 -1.09 19.47
C TYR E 302 0.71 -0.43 20.11
N GLY E 303 -0.49 -0.89 19.78
CA GLY E 303 -1.69 -0.30 20.35
C GLY E 303 -2.45 0.58 19.37
N ALA E 304 -3.45 1.31 19.88
CA ALA E 304 -4.25 2.23 19.08
C ALA E 304 -3.30 3.39 18.77
N CYS E 305 -2.76 3.41 17.56
CA CYS E 305 -1.77 4.42 17.17
C CYS E 305 -1.93 5.17 15.83
N PRO E 306 -1.62 6.48 15.89
CA PRO E 306 -1.63 7.39 14.74
C PRO E 306 -0.70 6.82 13.73
N LYS E 307 -1.07 6.89 12.44
CA LYS E 307 -0.22 6.36 11.36
C LYS E 307 1.07 7.19 11.29
N TYR E 308 2.21 6.53 11.13
CA TYR E 308 3.47 7.24 11.01
C TYR E 308 3.52 7.86 9.63
N VAL E 309 4.05 9.07 9.56
CA VAL E 309 4.21 9.78 8.30
C VAL E 309 5.52 10.55 8.33
N LYS E 310 6.04 10.85 7.15
CA LYS E 310 7.31 11.57 7.04
C LYS E 310 7.20 13.03 7.49
N GLN E 311 6.08 13.64 7.15
CA GLN E 311 5.81 15.03 7.51
C GLN E 311 5.86 15.16 9.03
N ASN E 312 6.57 16.17 9.52
CA ASN E 312 6.70 16.38 10.96
C ASN E 312 5.63 17.33 11.49
N THR E 313 4.87 17.94 10.59
CA THR E 313 3.82 18.86 10.98
C THR E 313 2.80 19.08 9.88
N LEU E 314 1.53 18.98 10.24
CA LEU E 314 0.46 19.19 9.27
C LEU E 314 -0.66 19.88 10.00
N LYS E 315 -0.91 21.13 9.61
CA LYS E 315 -1.93 21.92 10.23
C LYS E 315 -3.27 21.89 9.53
N LEU E 316 -4.32 21.56 10.29
CA LEU E 316 -5.65 21.56 9.73
C LEU E 316 -6.27 22.92 10.06
N ALA E 317 -6.63 23.71 9.05
CA ALA E 317 -7.22 25.03 9.31
C ALA E 317 -8.55 24.85 10.03
N THR E 318 -8.82 25.71 11.00
CA THR E 318 -10.04 25.67 11.80
C THR E 318 -10.68 27.06 11.90
N GLY E 319 -10.36 27.92 10.93
CA GLY E 319 -10.91 29.27 10.91
C GLY E 319 -10.71 29.89 9.53
N MET E 320 -11.37 31.01 9.26
CA MET E 320 -11.27 31.65 7.96
C MET E 320 -9.87 32.16 7.67
N ARG E 321 -9.69 32.71 6.47
CA ARG E 321 -8.41 33.26 6.10
C ARG E 321 -8.24 34.51 6.95
N ASN E 322 -7.00 34.83 7.29
CA ASN E 322 -6.70 35.98 8.13
C ASN E 322 -6.21 37.17 7.30
N VAL E 323 -7.04 38.20 7.23
CA VAL E 323 -6.68 39.39 6.47
C VAL E 323 -6.60 40.61 7.38
N PRO E 324 -5.50 40.79 8.10
CA PRO E 324 -5.40 41.94 8.98
C PRO E 324 -5.66 43.29 8.34
N GLU E 325 -5.69 44.29 9.21
CA GLU E 325 -5.90 45.69 8.81
C GLU E 325 -4.54 46.33 8.93
N LYS E 326 -3.80 46.37 7.84
CA LYS E 326 -2.45 46.94 7.84
C LYS E 326 -1.52 46.01 8.63
N GLY F 1 -10.55 32.88 -2.46
CA GLY F 1 -11.82 32.19 -2.12
C GLY F 1 -12.83 32.28 -3.24
N LEU F 2 -13.56 31.19 -3.48
CA LEU F 2 -14.55 31.15 -4.54
C LEU F 2 -15.61 32.27 -4.48
N PHE F 3 -15.95 32.74 -3.29
CA PHE F 3 -16.99 33.75 -3.22
C PHE F 3 -16.56 35.21 -3.25
N GLY F 4 -15.25 35.44 -3.17
CA GLY F 4 -14.73 36.79 -3.25
C GLY F 4 -15.20 37.79 -2.21
N ALA F 5 -15.62 37.29 -1.05
CA ALA F 5 -16.06 38.16 0.04
C ALA F 5 -14.82 38.43 0.89
N ILE F 6 -14.42 37.44 1.69
CA ILE F 6 -13.24 37.58 2.53
C ILE F 6 -12.05 37.71 1.64
N ALA F 7 -11.17 38.66 1.96
CA ALA F 7 -9.99 38.89 1.16
C ALA F 7 -10.44 39.15 -0.26
N GLY F 8 -11.63 39.74 -0.40
CA GLY F 8 -12.20 40.04 -1.71
C GLY F 8 -12.84 41.42 -1.76
N PHE F 9 -14.14 41.48 -2.05
CA PHE F 9 -14.82 42.76 -2.10
C PHE F 9 -14.95 43.39 -0.72
N ILE F 10 -14.47 42.69 0.29
CA ILE F 10 -14.46 43.22 1.65
C ILE F 10 -12.96 43.39 1.91
N GLU F 11 -12.48 44.63 1.72
CA GLU F 11 -11.06 44.95 1.85
C GLU F 11 -10.24 44.27 2.94
N ASN F 12 -10.70 44.28 4.18
CA ASN F 12 -9.94 43.58 5.21
C ASN F 12 -10.82 43.22 6.43
N GLY F 13 -10.25 42.41 7.32
CA GLY F 13 -10.97 41.99 8.52
C GLY F 13 -10.87 42.93 9.69
N TRP F 14 -11.69 42.70 10.71
CA TRP F 14 -11.67 43.56 11.89
C TRP F 14 -11.04 42.84 13.10
N GLU F 15 -9.90 43.33 13.56
CA GLU F 15 -9.24 42.76 14.72
C GLU F 15 -10.07 43.15 15.95
N GLY F 16 -10.90 44.18 15.78
CA GLY F 16 -11.74 44.65 16.87
C GLY F 16 -12.93 43.75 17.21
N MET F 17 -13.43 43.04 16.20
CA MET F 17 -14.55 42.15 16.42
C MET F 17 -14.04 40.92 17.14
N ILE F 18 -14.18 40.94 18.47
CA ILE F 18 -13.70 39.85 19.30
C ILE F 18 -14.84 39.03 19.89
N ASP F 19 -16.04 39.25 19.36
CA ASP F 19 -17.22 38.56 19.83
C ASP F 19 -17.81 37.66 18.76
N GLY F 20 -17.12 37.56 17.63
CA GLY F 20 -17.65 36.70 16.58
C GLY F 20 -16.83 36.67 15.30
N TRP F 21 -17.27 35.80 14.40
CA TRP F 21 -16.63 35.64 13.10
C TRP F 21 -17.24 36.63 12.12
N TYR F 22 -18.46 37.07 12.42
CA TYR F 22 -19.20 37.99 11.56
C TYR F 22 -19.92 39.08 12.30
N GLY F 23 -20.13 40.21 11.60
CA GLY F 23 -20.85 41.30 12.22
C GLY F 23 -21.05 42.51 11.34
N PHE F 24 -21.65 43.52 11.95
CA PHE F 24 -21.94 44.77 11.29
C PHE F 24 -21.34 45.91 12.07
N ARG F 25 -21.05 46.99 11.34
CA ARG F 25 -20.56 48.22 11.93
C ARG F 25 -21.50 49.22 11.25
N HIS F 26 -21.97 50.23 11.97
CA HIS F 26 -22.89 51.21 11.39
C HIS F 26 -22.56 52.65 11.85
N GLN F 27 -22.97 53.61 11.03
CA GLN F 27 -22.81 55.03 11.30
C GLN F 27 -24.16 55.69 11.05
N ASN F 28 -24.88 56.06 12.12
CA ASN F 28 -26.18 56.72 11.97
C ASN F 28 -26.29 58.01 12.78
N SER F 29 -27.44 58.67 12.69
CA SER F 29 -27.70 59.90 13.41
C SER F 29 -27.17 59.80 14.84
N GLU F 30 -27.54 58.71 15.53
CA GLU F 30 -27.12 58.46 16.92
C GLU F 30 -25.64 58.10 17.10
N GLY F 31 -24.95 57.71 16.04
CA GLY F 31 -23.54 57.41 16.23
C GLY F 31 -22.93 56.40 15.30
N THR F 32 -22.01 55.59 15.83
CA THR F 32 -21.32 54.55 15.06
C THR F 32 -21.25 53.35 16.00
N GLY F 33 -21.56 52.15 15.53
CA GLY F 33 -21.49 51.00 16.41
C GLY F 33 -20.93 49.73 15.79
N GLN F 34 -21.02 48.62 16.54
CA GLN F 34 -20.53 47.32 16.09
C GLN F 34 -21.00 46.10 16.90
N ALA F 35 -21.79 45.26 16.25
CA ALA F 35 -22.31 44.02 16.85
C ALA F 35 -21.66 42.89 16.07
N ALA F 36 -21.74 41.68 16.58
CA ALA F 36 -21.17 40.55 15.86
C ALA F 36 -22.38 39.64 15.58
N ASP F 37 -22.48 39.09 14.38
CA ASP F 37 -23.60 38.20 14.06
C ASP F 37 -23.36 36.81 14.64
N LEU F 38 -24.18 36.43 15.62
CA LEU F 38 -24.05 35.13 16.26
C LEU F 38 -24.47 34.00 15.33
N LYS F 39 -25.70 34.08 14.86
CA LYS F 39 -26.26 33.05 13.99
C LYS F 39 -25.25 32.63 12.92
N SER F 40 -24.73 33.63 12.21
CA SER F 40 -23.74 33.44 11.15
C SER F 40 -22.44 32.78 11.66
N THR F 41 -21.82 33.40 12.67
CA THR F 41 -20.59 32.90 13.28
C THR F 41 -20.71 31.44 13.77
N GLN F 42 -21.81 31.16 14.45
CA GLN F 42 -22.10 29.83 14.99
C GLN F 42 -22.18 28.81 13.83
N ALA F 43 -22.75 29.23 12.72
CA ALA F 43 -22.88 28.32 11.59
C ALA F 43 -21.52 27.97 10.97
N ALA F 44 -20.55 28.88 11.05
CA ALA F 44 -19.25 28.58 10.48
C ALA F 44 -18.52 27.61 11.38
N ILE F 45 -18.58 27.90 12.68
CA ILE F 45 -17.95 27.09 13.69
C ILE F 45 -18.53 25.67 13.75
N ASP F 46 -19.84 25.53 13.71
CA ASP F 46 -20.44 24.19 13.77
C ASP F 46 -19.97 23.31 12.60
N GLN F 47 -19.80 23.91 11.43
CA GLN F 47 -19.35 23.18 10.25
C GLN F 47 -17.89 22.81 10.31
N ILE F 48 -17.04 23.75 10.76
CA ILE F 48 -15.62 23.46 10.86
C ILE F 48 -15.33 22.47 11.98
N ASN F 49 -16.17 22.49 13.03
CA ASN F 49 -16.00 21.57 14.16
C ASN F 49 -16.33 20.14 13.78
N ARG F 50 -17.42 19.95 13.02
CA ARG F 50 -17.79 18.62 12.55
C ARG F 50 -16.70 18.18 11.58
N LYS F 51 -16.22 19.13 10.78
CA LYS F 51 -15.14 18.87 9.81
C LYS F 51 -13.88 18.38 10.50
N LEU F 52 -13.58 18.95 11.66
CA LEU F 52 -12.41 18.59 12.43
C LEU F 52 -12.59 17.24 13.11
N ASN F 53 -13.69 17.10 13.85
CA ASN F 53 -13.99 15.86 14.54
C ASN F 53 -13.90 14.59 13.67
N ARG F 54 -14.12 14.70 12.35
CA ARG F 54 -14.03 13.53 11.46
C ARG F 54 -12.60 13.08 11.28
N VAL F 55 -11.69 14.05 11.32
CA VAL F 55 -10.28 13.80 11.14
C VAL F 55 -9.48 13.39 12.38
N ILE F 56 -9.91 13.75 13.58
CA ILE F 56 -9.09 13.43 14.76
C ILE F 56 -9.54 12.38 15.78
N GLU F 57 -10.79 11.95 15.71
CA GLU F 57 -11.27 10.96 16.66
C GLU F 57 -10.99 9.56 16.13
N LYS F 58 -10.08 9.42 15.17
CA LYS F 58 -9.85 8.10 14.59
C LYS F 58 -8.44 7.55 14.51
N THR F 59 -8.23 6.38 15.14
CA THR F 59 -6.95 5.67 15.11
C THR F 59 -7.25 4.19 15.01
N ASN F 60 -6.30 3.42 14.49
CA ASN F 60 -6.52 2.00 14.38
C ASN F 60 -5.49 1.20 15.15
N GLU F 61 -6.00 0.15 15.82
CA GLU F 61 -5.20 -0.74 16.62
C GLU F 61 -4.46 -1.78 15.81
N LYS F 62 -3.15 -1.83 16.02
CA LYS F 62 -2.28 -2.80 15.36
C LYS F 62 -1.30 -3.32 16.41
N PHE F 63 -1.35 -4.62 16.69
CA PHE F 63 -0.47 -5.22 17.68
C PHE F 63 0.75 -5.90 17.09
N HIS F 64 0.73 -7.23 16.97
CA HIS F 64 1.90 -7.84 16.39
C HIS F 64 1.93 -7.63 14.90
N GLN F 65 3.01 -7.03 14.41
CA GLN F 65 3.18 -6.75 12.99
C GLN F 65 4.49 -7.31 12.54
N ILE F 66 5.11 -6.70 11.54
CA ILE F 66 6.41 -7.16 11.08
C ILE F 66 7.46 -6.33 11.78
N GLU F 67 8.71 -6.77 11.68
CA GLU F 67 9.81 -6.03 12.26
C GLU F 67 10.06 -4.85 11.33
N LYS F 68 10.92 -3.91 11.73
CA LYS F 68 11.19 -2.74 10.87
C LYS F 68 12.63 -2.19 10.97
N GLU F 69 13.40 -2.72 11.92
CA GLU F 69 14.79 -2.31 12.09
C GLU F 69 15.57 -3.60 12.17
N PHE F 70 16.69 -3.68 11.45
CA PHE F 70 17.50 -4.88 11.45
C PHE F 70 18.93 -4.68 11.96
N SER F 71 19.40 -5.65 12.75
CA SER F 71 20.75 -5.60 13.31
C SER F 71 21.78 -6.20 12.35
N GLU F 72 21.37 -7.06 11.42
CA GLU F 72 22.33 -7.67 10.47
C GLU F 72 21.82 -7.64 9.06
N VAL F 73 22.71 -7.93 8.12
CA VAL F 73 22.36 -7.95 6.71
C VAL F 73 21.82 -9.32 6.31
N GLU F 74 20.73 -9.37 5.54
CA GLU F 74 20.14 -10.66 5.17
C GLU F 74 19.83 -10.82 3.68
N GLY F 75 19.24 -9.81 3.06
CA GLY F 75 18.98 -9.95 1.65
C GLY F 75 17.53 -9.91 1.20
N ARG F 76 17.19 -10.78 0.26
CA ARG F 76 15.87 -10.84 -0.31
C ARG F 76 14.71 -10.59 0.65
N ILE F 77 14.59 -11.44 1.65
CA ILE F 77 13.50 -11.34 2.60
C ILE F 77 13.45 -9.98 3.29
N GLN F 78 14.59 -9.52 3.80
CA GLN F 78 14.63 -8.23 4.49
C GLN F 78 14.30 -7.07 3.56
N ASP F 79 14.76 -7.13 2.32
CA ASP F 79 14.48 -6.08 1.36
C ASP F 79 12.97 -5.91 1.26
N LEU F 80 12.27 -7.03 1.09
CA LEU F 80 10.83 -7.03 0.98
C LEU F 80 10.19 -6.43 2.22
N GLU F 81 10.68 -6.82 3.38
CA GLU F 81 10.12 -6.27 4.62
C GLU F 81 10.23 -4.76 4.69
N LYS F 82 11.32 -4.19 4.17
CA LYS F 82 11.54 -2.74 4.17
C LYS F 82 10.70 -2.04 3.11
N TYR F 83 10.73 -2.59 1.91
CA TYR F 83 9.96 -2.02 0.82
C TYR F 83 8.55 -1.93 1.31
N VAL F 84 8.07 -3.01 1.90
CA VAL F 84 6.71 -2.97 2.35
C VAL F 84 6.44 -1.80 3.25
N GLU F 85 7.24 -1.67 4.32
CA GLU F 85 7.02 -0.56 5.25
C GLU F 85 7.23 0.79 4.59
N ASP F 86 8.33 0.92 3.86
CA ASP F 86 8.61 2.18 3.17
C ASP F 86 7.44 2.56 2.26
N THR F 87 6.94 1.58 1.50
CA THR F 87 5.81 1.78 0.58
C THR F 87 4.60 2.29 1.37
N LYS F 88 4.23 1.54 2.41
CA LYS F 88 3.10 1.91 3.25
C LYS F 88 3.26 3.35 3.75
N ILE F 89 4.44 3.68 4.28
CA ILE F 89 4.71 5.01 4.79
C ILE F 89 4.53 6.11 3.74
N ASP F 90 5.13 5.94 2.57
CA ASP F 90 4.94 6.98 1.57
C ASP F 90 3.46 7.23 1.25
N LEU F 91 2.68 6.15 1.09
CA LEU F 91 1.25 6.26 0.76
C LEU F 91 0.42 7.01 1.84
N TRP F 92 0.72 6.80 3.12
CA TRP F 92 -0.02 7.54 4.15
C TRP F 92 0.44 9.00 4.17
N SER F 93 1.75 9.23 4.04
CA SER F 93 2.27 10.59 4.00
C SER F 93 1.57 11.31 2.86
N TYR F 94 1.31 10.62 1.76
CA TYR F 94 0.62 11.26 0.65
C TYR F 94 -0.80 11.55 1.06
N ASN F 95 -1.43 10.58 1.72
CA ASN F 95 -2.81 10.75 2.16
C ASN F 95 -2.98 11.91 3.08
N ALA F 96 -2.01 12.06 3.99
CA ALA F 96 -2.00 13.15 4.97
C ALA F 96 -1.83 14.48 4.26
N GLU F 97 -0.82 14.56 3.40
CA GLU F 97 -0.56 15.78 2.66
C GLU F 97 -1.82 16.22 1.93
N LEU F 98 -2.41 15.29 1.18
CA LEU F 98 -3.63 15.57 0.44
C LEU F 98 -4.79 15.91 1.35
N LEU F 99 -4.94 15.17 2.43
CA LEU F 99 -6.06 15.43 3.32
C LEU F 99 -6.17 16.89 3.70
N VAL F 100 -5.13 17.44 4.32
CA VAL F 100 -5.17 18.83 4.77
C VAL F 100 -5.36 19.82 3.62
N ALA F 101 -4.60 19.59 2.54
CA ALA F 101 -4.65 20.40 1.33
C ALA F 101 -6.09 20.55 0.89
N LEU F 102 -6.77 19.42 0.71
CA LEU F 102 -8.16 19.46 0.32
C LEU F 102 -8.98 20.18 1.37
N GLU F 103 -8.97 19.62 2.58
CA GLU F 103 -9.68 20.18 3.72
C GLU F 103 -9.49 21.69 3.91
N ASN F 104 -8.25 22.15 3.90
CA ASN F 104 -7.98 23.57 4.08
C ASN F 104 -8.63 24.43 3.00
N GLN F 105 -8.56 23.97 1.75
CA GLN F 105 -9.16 24.70 0.64
C GLN F 105 -10.68 24.78 0.87
N HIS F 106 -11.32 23.66 1.20
CA HIS F 106 -12.75 23.73 1.43
C HIS F 106 -13.08 24.58 2.63
N THR F 107 -12.17 24.61 3.62
CA THR F 107 -12.38 25.39 4.85
C THR F 107 -12.31 26.87 4.57
N ILE F 108 -11.38 27.31 3.73
CA ILE F 108 -11.29 28.72 3.40
C ILE F 108 -12.49 29.17 2.57
N ASP F 109 -12.93 28.34 1.63
CA ASP F 109 -14.10 28.71 0.82
C ASP F 109 -15.40 28.66 1.65
N LEU F 110 -15.45 27.84 2.68
CA LEU F 110 -16.68 27.76 3.46
C LEU F 110 -16.86 29.02 4.29
N ALA F 111 -15.76 29.54 4.84
CA ALA F 111 -15.82 30.75 5.64
C ALA F 111 -16.21 31.95 4.75
N ASP F 112 -15.85 31.84 3.46
CA ASP F 112 -16.14 32.85 2.45
C ASP F 112 -17.62 32.74 2.12
N SER F 113 -18.10 31.52 1.94
CA SER F 113 -19.50 31.30 1.63
C SER F 113 -20.41 31.78 2.76
N GLU F 114 -19.96 31.60 3.99
CA GLU F 114 -20.73 32.03 5.16
C GLU F 114 -20.80 33.59 5.20
N MET F 115 -19.67 34.26 4.97
CA MET F 115 -19.63 35.72 4.95
C MET F 115 -20.62 36.22 3.89
N ASN F 116 -20.51 35.66 2.70
CA ASN F 116 -21.37 36.06 1.61
C ASN F 116 -22.82 35.79 1.95
N LYS F 117 -23.13 34.63 2.54
CA LYS F 117 -24.52 34.34 2.89
C LYS F 117 -25.10 35.42 3.79
N LEU F 118 -24.30 35.94 4.73
CA LEU F 118 -24.81 36.98 5.62
C LEU F 118 -25.10 38.26 4.86
N PHE F 119 -24.26 38.54 3.86
CA PHE F 119 -24.40 39.74 3.04
C PHE F 119 -25.65 39.71 2.18
N GLU F 120 -25.90 38.61 1.48
CA GLU F 120 -27.09 38.47 0.64
C GLU F 120 -28.35 38.47 1.52
N LYS F 121 -28.21 37.87 2.69
CA LYS F 121 -29.28 37.78 3.67
C LYS F 121 -29.65 39.20 4.07
N THR F 122 -28.63 40.01 4.33
CA THR F 122 -28.80 41.42 4.73
C THR F 122 -29.41 42.29 3.61
N ARG F 123 -28.85 42.16 2.40
CA ARG F 123 -29.31 42.87 1.19
C ARG F 123 -30.79 42.56 0.91
N ARG F 124 -31.17 41.30 1.06
CA ARG F 124 -32.56 40.94 0.80
C ARG F 124 -33.53 41.53 1.84
N GLN F 125 -33.01 41.83 3.03
CA GLN F 125 -33.81 42.41 4.09
C GLN F 125 -34.10 43.89 3.75
N LEU F 126 -33.05 44.61 3.37
CA LEU F 126 -33.16 46.01 3.03
C LEU F 126 -34.00 46.34 1.78
N ARG F 127 -34.18 45.39 0.88
CA ARG F 127 -34.96 45.62 -0.35
C ARG F 127 -34.52 46.84 -1.15
N GLU F 128 -35.44 47.78 -1.29
CA GLU F 128 -35.23 49.01 -2.04
C GLU F 128 -34.81 50.20 -1.17
N ASN F 129 -34.74 49.98 0.15
CA ASN F 129 -34.38 51.06 1.05
C ASN F 129 -32.88 51.27 1.20
N ALA F 130 -32.07 50.52 0.46
CA ALA F 130 -30.62 50.65 0.60
C ALA F 130 -29.86 50.17 -0.64
N GLU F 131 -28.57 50.55 -0.72
CA GLU F 131 -27.73 50.17 -1.85
C GLU F 131 -26.37 49.63 -1.43
N ASP F 132 -25.87 48.68 -2.21
CA ASP F 132 -24.59 48.04 -1.97
C ASP F 132 -23.46 48.93 -2.51
N MET F 133 -22.73 49.54 -1.60
CA MET F 133 -21.64 50.42 -2.01
C MET F 133 -20.45 49.70 -2.60
N GLY F 134 -20.38 48.38 -2.45
CA GLY F 134 -19.28 47.61 -3.02
C GLY F 134 -18.05 47.40 -2.14
N ASN F 135 -18.07 47.93 -0.93
CA ASN F 135 -16.94 47.75 -0.01
C ASN F 135 -17.39 46.88 1.15
N GLY F 136 -18.54 46.24 0.95
CA GLY F 136 -19.15 45.36 1.94
C GLY F 136 -20.18 46.15 2.74
N CYS F 137 -20.48 47.36 2.27
CA CYS F 137 -21.42 48.25 2.97
C CYS F 137 -22.74 48.63 2.21
N PHE F 138 -23.82 48.71 2.98
CA PHE F 138 -25.12 49.11 2.44
C PHE F 138 -25.37 50.53 2.91
N LYS F 139 -25.70 51.40 1.96
CA LYS F 139 -26.01 52.77 2.30
C LYS F 139 -27.51 52.78 2.42
N ILE F 140 -27.98 52.79 3.66
CA ILE F 140 -29.40 52.79 3.93
C ILE F 140 -29.87 54.23 3.69
N TYR F 141 -30.82 54.39 2.78
CA TYR F 141 -31.32 55.71 2.40
C TYR F 141 -32.39 56.39 3.24
N HIS F 142 -32.55 55.94 4.49
CA HIS F 142 -33.51 56.52 5.42
C HIS F 142 -32.78 56.65 6.77
N LYS F 143 -33.48 57.19 7.75
CA LYS F 143 -32.93 57.37 9.08
C LYS F 143 -33.17 56.06 9.77
N CYS F 144 -32.09 55.31 9.97
CA CYS F 144 -32.17 54.02 10.60
C CYS F 144 -31.49 54.18 11.94
N ASP F 145 -32.26 54.34 13.02
CA ASP F 145 -31.65 54.51 14.34
C ASP F 145 -31.28 53.18 14.99
N ASN F 146 -30.59 53.24 16.14
CA ASN F 146 -30.17 52.04 16.85
C ASN F 146 -31.26 50.98 16.96
N ALA F 147 -32.51 51.40 16.97
CA ALA F 147 -33.63 50.46 17.05
C ALA F 147 -33.86 49.89 15.65
N CYS F 148 -33.77 50.76 14.65
CA CYS F 148 -33.92 50.35 13.26
C CYS F 148 -32.76 49.40 12.88
N ILE F 149 -31.55 49.69 13.36
CA ILE F 149 -30.38 48.87 13.06
C ILE F 149 -30.44 47.52 13.76
N GLU F 150 -31.08 47.50 14.92
CA GLU F 150 -31.23 46.26 15.69
C GLU F 150 -32.23 45.34 14.98
N SER F 151 -33.28 45.94 14.43
CA SER F 151 -34.34 45.20 13.72
C SER F 151 -33.80 44.55 12.47
N ILE F 152 -32.69 45.09 11.98
CA ILE F 152 -32.06 44.55 10.78
C ILE F 152 -31.17 43.38 11.20
N ARG F 153 -30.38 43.58 12.25
CA ARG F 153 -29.48 42.54 12.75
C ARG F 153 -30.17 41.31 13.31
N ASN F 154 -31.22 41.48 14.11
CA ASN F 154 -31.91 40.34 14.65
C ASN F 154 -32.96 39.84 13.59
N GLY F 155 -32.90 40.41 12.39
CA GLY F 155 -33.83 40.04 11.32
C GLY F 155 -35.32 40.36 11.43
N THR F 156 -35.73 41.48 12.06
CA THR F 156 -37.14 41.90 12.21
C THR F 156 -37.61 43.06 11.29
N TYR F 157 -36.63 43.78 10.74
CA TYR F 157 -36.81 44.93 9.85
C TYR F 157 -37.98 44.87 8.85
N ASP F 158 -38.82 45.92 8.80
CA ASP F 158 -39.94 45.95 7.84
C ASP F 158 -39.70 47.03 6.78
N HIS F 159 -39.20 46.60 5.62
CA HIS F 159 -38.89 47.49 4.50
C HIS F 159 -40.04 48.44 4.17
N ASP F 160 -41.28 48.07 4.51
CA ASP F 160 -42.42 48.92 4.21
C ASP F 160 -42.47 50.20 5.00
N ILE F 161 -42.00 50.15 6.24
CA ILE F 161 -41.99 51.32 7.10
C ILE F 161 -41.12 52.48 6.61
N TYR F 162 -39.98 52.17 6.02
CA TYR F 162 -39.05 53.19 5.55
C TYR F 162 -39.00 53.27 4.02
N ARG F 163 -39.81 52.45 3.34
CA ARG F 163 -39.81 52.42 1.88
C ARG F 163 -39.95 53.79 1.23
N ASP F 164 -41.09 54.46 1.47
CA ASP F 164 -41.32 55.78 0.88
C ASP F 164 -40.18 56.74 1.10
N GLU F 165 -39.77 56.90 2.37
CA GLU F 165 -38.71 57.81 2.69
C GLU F 165 -37.47 57.55 1.86
N ALA F 166 -37.16 56.26 1.69
CA ALA F 166 -35.96 55.85 0.97
C ALA F 166 -36.00 56.15 -0.52
N LEU F 167 -37.08 55.73 -1.17
CA LEU F 167 -37.26 55.97 -2.59
C LEU F 167 -37.17 57.47 -2.87
N ASN F 168 -37.73 58.28 -1.98
CA ASN F 168 -37.68 59.74 -2.12
C ASN F 168 -36.21 60.14 -2.19
N ASN F 169 -35.40 59.62 -1.27
CA ASN F 169 -33.98 59.95 -1.20
C ASN F 169 -33.15 59.34 -2.31
N ARG F 170 -33.56 58.16 -2.77
CA ARG F 170 -32.84 57.46 -3.83
C ARG F 170 -33.00 58.07 -5.21
N PHE F 171 -34.25 58.17 -5.64
CA PHE F 171 -34.58 58.72 -6.95
C PHE F 171 -34.89 60.21 -6.94
N GLN F 172 -33.97 60.99 -6.38
CA GLN F 172 -34.14 62.43 -6.32
C GLN F 172 -32.86 63.09 -6.84
C1 NAG G . 41.70 -3.59 -4.68
C2 NAG G . 42.35 -3.81 -3.30
C3 NAG G . 43.87 -3.94 -3.46
C4 NAG G . 44.22 -4.98 -4.53
C5 NAG G . 43.51 -4.66 -5.83
C6 NAG G . 43.75 -5.73 -6.89
C7 NAG G . 40.87 -2.09 -2.40
C8 NAG G . 40.75 -0.76 -3.11
N2 NAG G . 42.06 -2.70 -2.40
O3 NAG G . 44.46 -4.31 -2.23
O4 NAG G . 45.64 -4.99 -4.75
O5 NAG G . 42.10 -4.61 -5.61
O6 NAG G . 43.58 -5.21 -8.20
O7 NAG G . 39.88 -2.56 -1.82
C1 NAG G . 46.32 -6.09 -4.27
C2 NAG G . 47.46 -6.49 -5.23
C3 NAG G . 48.35 -7.57 -4.61
C4 NAG G . 48.80 -7.15 -3.21
C5 NAG G . 47.57 -6.81 -2.36
C6 NAG G . 47.91 -6.38 -0.94
C7 NAG G . 47.44 -6.67 -7.65
C8 NAG G . 48.62 -7.51 -8.13
N2 NAG G . 46.89 -7.00 -6.48
O3 NAG G . 49.49 -7.80 -5.43
O4 NAG G . 49.53 -8.21 -2.60
O5 NAG G . 46.85 -5.73 -2.98
O6 NAG G . 46.72 -6.24 -0.16
O7 NAG G . 47.01 -5.75 -8.36
C1 NAG H . 41.09 -24.38 15.76
C2 NAG H . 41.47 -25.16 17.01
C3 NAG H . 40.84 -24.54 18.25
C4 NAG H . 41.22 -23.06 18.30
C5 NAG H . 40.83 -22.37 17.01
C6 NAG H . 41.18 -20.90 16.95
C7 NAG H . 41.74 -27.50 17.49
C8 NAG H . 41.14 -28.05 18.77
N2 NAG H . 41.04 -26.55 16.87
O3 NAG H . 41.33 -25.21 19.41
O4 NAG H . 40.55 -22.43 19.40
O5 NAG H . 41.49 -23.02 15.89
O6 NAG H . 42.54 -20.67 17.28
O7 NAG H . 42.82 -27.93 17.06
C1 NAG H . 41.40 -21.81 20.30
C2 NAG H . 40.68 -20.60 20.93
C3 NAG H . 41.51 -20.03 22.10
C4 NAG H . 41.94 -21.14 23.07
C5 NAG H . 42.65 -22.23 22.27
C6 NAG H . 43.13 -23.39 23.11
C7 NAG H . 39.24 -19.28 19.50
C8 NAG H . 39.02 -17.85 19.00
N2 NAG H . 40.47 -19.58 19.91
O3 NAG H . 40.73 -19.08 22.81
O4 NAG H . 42.84 -20.61 24.07
O5 NAG H . 41.75 -22.76 21.30
O6 NAG H . 43.83 -24.33 22.29
O7 NAG H . 38.31 -20.08 19.52
C1 BMA H . 42.25 -20.20 25.25
C2 BMA H . 43.07 -20.71 26.43
C3 BMA H . 42.42 -20.26 27.74
C4 BMA H . 41.91 -18.79 27.72
C5 BMA H . 41.50 -18.21 26.34
C6 BMA H . 41.75 -16.70 26.28
O2 BMA H . 44.39 -20.20 26.33
O3 BMA H . 43.33 -20.39 28.87
O4 BMA H . 40.78 -18.71 28.59
O5 BMA H . 42.27 -18.78 25.27
O6 BMA H . 40.63 -15.95 26.73
C1 MAN H . 44.30 -21.41 28.90
C2 MAN H . 43.93 -22.45 29.98
C3 MAN H . 44.01 -21.80 31.37
C4 MAN H . 45.39 -21.20 31.60
C5 MAN H . 45.76 -20.23 30.45
C6 MAN H . 47.20 -19.73 30.52
O2 MAN H . 44.82 -23.55 29.92
O3 MAN H . 43.74 -22.79 32.35
O4 MAN H . 45.40 -20.51 32.84
O5 MAN H . 45.61 -20.90 29.17
O6 MAN H . 47.55 -19.33 31.83
C1 NAG I . 9.77 -0.64 -20.98
C2 NAG I . 8.65 -0.68 -22.07
C3 NAG I . 7.75 -1.93 -21.91
C4 NAG I . 8.68 -3.15 -21.93
C5 NAG I . 9.60 -3.04 -20.71
C6 NAG I . 10.47 -4.26 -20.45
C7 NAG I . 8.21 1.58 -22.77
C8 NAG I . 7.73 2.95 -22.32
N2 NAG I . 7.86 0.53 -22.03
O3 NAG I . 6.79 -1.99 -22.96
O4 NAG I . 8.01 -4.44 -21.99
O5 NAG I . 10.48 -1.91 -20.90
O6 NAG I . 10.68 -4.44 -19.05
O7 NAG I . 8.89 1.48 -23.79
C1 NAG I . 6.74 -4.67 -21.47
C2 NAG I . 5.89 -5.30 -22.57
C3 NAG I . 4.59 -5.95 -22.06
C4 NAG I . 4.78 -6.70 -20.73
C5 NAG I . 5.66 -5.93 -19.74
C6 NAG I . 6.03 -6.76 -18.52
C7 NAG I . 5.79 -4.50 -24.83
C8 NAG I . 4.65 -4.30 -25.81
N2 NAG I . 5.54 -4.29 -23.54
O3 NAG I . 4.12 -6.86 -23.04
O4 NAG I . 3.50 -6.93 -20.14
O5 NAG I . 6.91 -5.57 -20.37
O6 NAG I . 5.51 -6.18 -17.32
O7 NAG I . 6.91 -4.84 -25.24
C1 NAG J . 42.51 -38.61 -19.06
C2 NAG J . 41.83 -37.41 -18.41
C3 NAG J . 40.37 -37.69 -18.02
C4 NAG J . 39.61 -38.48 -19.10
C5 NAG J . 40.45 -39.59 -19.74
C6 NAG J . 39.78 -40.18 -20.97
C7 NAG J . 43.02 -35.77 -17.13
C8 NAG J . 43.37 -35.28 -15.73
N2 NAG J . 42.58 -37.02 -17.24
O1 NAG J . 43.75 -38.24 -19.54
O3 NAG J . 39.69 -36.44 -17.81
O4 NAG J . 38.44 -39.04 -18.52
O5 NAG J . 41.74 -39.09 -20.16
O6 NAG J . 40.37 -39.71 -22.17
O7 NAG J . 43.14 -35.02 -18.10
C1 GAL J . 39.66 -35.95 -16.51
C2 GAL J . 39.62 -34.42 -16.56
C3 GAL J . 39.55 -33.84 -15.15
C4 GAL J . 38.35 -34.46 -14.40
C5 GAL J . 38.37 -36.00 -14.50
C6 GAL J . 37.11 -36.64 -13.92
O2 GAL J . 40.78 -33.92 -17.21
O3 GAL J . 39.38 -32.42 -15.27
O4 GAL J . 37.12 -33.96 -14.95
O5 GAL J . 38.47 -36.43 -15.88
O6 GAL J . 37.16 -38.06 -14.02
C1 SIA J . 39.17 -30.20 -14.50
C2 SIA J . 39.75 -31.58 -14.22
C3 SIA J . 41.28 -31.49 -14.09
C4 SIA J . 41.65 -30.59 -12.90
C5 SIA J . 40.90 -31.01 -11.63
C6 SIA J . 39.40 -31.17 -11.88
C7 SIA J . 38.74 -31.71 -10.62
C8 SIA J . 37.37 -32.32 -10.94
C9 SIA J . 36.76 -32.89 -9.68
C10 SIA J . 41.42 -30.34 -9.38
C11 SIA J . 42.19 -29.31 -8.57
N5 SIA J . 41.08 -30.00 -10.61
O1A SIA J . 39.70 -29.51 -15.40
O1B SIA J . 38.16 -29.83 -13.87
O4 SIA J . 43.05 -30.69 -12.65
O6 SIA J . 39.18 -32.07 -12.99
O7 SIA J . 39.58 -32.70 -10.04
O8 SIA J . 36.50 -31.33 -11.47
O9 SIA J . 35.38 -32.57 -9.64
O10 SIA J . 41.15 -31.45 -8.90
C1 NAG K . 25.51 -40.49 -15.83
C2 NAG K . 26.87 -40.97 -16.28
C3 NAG K . 27.62 -39.89 -17.10
C4 NAG K . 26.68 -39.17 -18.10
C5 NAG K . 25.34 -38.82 -17.47
C6 NAG K . 24.32 -38.25 -18.45
C7 NAG K . 28.63 -42.15 -15.14
C8 NAG K . 29.99 -41.61 -14.70
N2 NAG K . 27.62 -41.30 -15.09
O3 NAG K . 28.67 -40.51 -17.82
O4 NAG K . 27.31 -37.97 -18.57
O5 NAG K . 24.75 -40.00 -16.93
O6 NAG K . 24.00 -39.20 -19.45
O7 NAG K . 28.52 -43.33 -15.52
C1 NAG K . 27.72 -38.00 -19.91
C2 NAG K . 27.67 -36.59 -20.52
C3 NAG K . 28.38 -36.53 -21.88
C4 NAG K . 29.71 -37.32 -21.93
C5 NAG K . 29.55 -38.68 -21.25
C6 NAG K . 30.87 -39.42 -21.15
C7 NAG K . 25.67 -35.36 -19.91
C8 NAG K . 24.15 -35.28 -20.01
N2 NAG K . 26.27 -36.22 -20.72
O3 NAG K . 28.65 -35.17 -22.20
O4 NAG K . 30.14 -37.53 -23.30
O5 NAG K . 29.05 -38.51 -19.92
O6 NAG K . 31.10 -39.88 -19.84
O7 NAG K . 26.28 -34.67 -19.10
C1 BMA K . 30.92 -36.54 -23.90
C2 BMA K . 31.98 -37.16 -24.82
C3 BMA K . 32.79 -35.99 -25.37
C4 BMA K . 31.95 -34.87 -26.01
C5 BMA K . 30.69 -34.53 -25.19
C6 BMA K . 29.68 -33.91 -26.13
O2 BMA K . 31.37 -37.92 -25.86
O3 BMA K . 33.83 -36.37 -26.31
O4 BMA K . 32.79 -33.72 -26.06
O5 BMA K . 30.06 -35.72 -24.69
O6 BMA K . 29.03 -32.77 -25.54
C1 MAN K . 34.02 -37.68 -26.76
C2 MAN K . 35.37 -38.19 -26.26
C3 MAN K . 36.49 -37.28 -26.81
C4 MAN K . 36.43 -37.21 -28.34
C5 MAN K . 35.01 -36.88 -28.82
C6 MAN K . 34.85 -37.04 -30.32
O2 MAN K . 35.55 -39.51 -26.73
O3 MAN K . 37.76 -37.77 -26.40
O4 MAN K . 37.33 -36.21 -28.81
O5 MAN K . 34.03 -37.75 -28.19
O6 MAN K . 35.03 -35.81 -30.98
C1 NAG L . 3.88 -59.33 10.31
C2 NAG L . 3.66 -58.13 9.39
C3 NAG L . 4.95 -57.30 9.26
C4 NAG L . 5.55 -56.97 10.61
C5 NAG L . 5.63 -58.19 11.52
C6 NAG L . 6.00 -57.78 12.94
C7 NAG L . 1.98 -58.33 7.66
C8 NAG L . 1.58 -58.72 6.24
N2 NAG L . 3.22 -58.59 8.07
O1 NAG L . 2.69 -60.01 10.51
O3 NAG L . 4.59 -56.06 8.66
O4 NAG L . 6.86 -56.46 10.39
O5 NAG L . 4.34 -58.87 11.59
O6 NAG L . 4.96 -57.03 13.57
O7 NAG L . 1.14 -57.78 8.40
C1 GAL L . 5.48 -55.44 7.82
C2 GAL L . 4.62 -54.64 6.84
C3 GAL L . 5.45 -53.69 5.99
C4 GAL L . 6.28 -52.81 6.92
C5 GAL L . 7.12 -53.69 7.86
C6 GAL L . 7.99 -52.92 8.82
O2 GAL L . 3.90 -55.57 6.02
O3 GAL L . 4.55 -52.86 5.25
O4 GAL L . 5.40 -51.96 7.68
O5 GAL L . 6.27 -54.55 8.64
O6 GAL L . 8.91 -53.78 9.48
C1 SIA L . 3.74 -51.54 3.44
C2 SIA L . 4.84 -52.48 3.94
C3 SIA L . 4.99 -53.66 2.99
C4 SIA L . 5.27 -53.13 1.59
C5 SIA L . 6.53 -52.30 1.63
C6 SIA L . 6.40 -51.18 2.68
C7 SIA L . 7.67 -50.38 2.85
C8 SIA L . 7.48 -49.52 4.10
C9 SIA L . 8.54 -48.43 4.23
C10 SIA L . 7.99 -51.45 -0.08
C11 SIA L . 8.20 -50.71 -1.40
N5 SIA L . 6.75 -51.72 0.32
O1A SIA L . 2.73 -52.03 2.85
O1B SIA L . 3.89 -50.33 3.62
O4 SIA L . 5.47 -54.22 0.72
O6 SIA L . 6.05 -51.73 3.97
O7 SIA L . 8.78 -51.25 3.02
O8 SIA L . 6.19 -48.94 4.02
O9 SIA L . 8.34 -47.74 5.46
O10 SIA L . 8.96 -51.76 0.59
C1 NAG M . 9.02 -45.93 18.60
C2 NAG M . 8.85 -47.42 18.34
C3 NAG M . 7.57 -47.73 17.58
C4 NAG M . 6.39 -46.94 18.14
C5 NAG M . 6.73 -45.48 18.34
C6 NAG M . 5.58 -44.73 18.99
C7 NAG M . 10.52 -49.02 17.68
C8 NAG M . 11.17 -49.60 16.43
N2 NAG M . 9.97 -47.82 17.53
O3 NAG M . 7.28 -49.12 17.67
O4 NAG M . 5.29 -47.03 17.26
O5 NAG M . 7.86 -45.38 19.21
O6 NAG M . 5.37 -45.16 20.32
O7 NAG M . 10.53 -49.65 18.75
C1 NAG M . 4.23 -47.76 17.75
C2 NAG M . 2.94 -47.14 17.26
C3 NAG M . 1.75 -48.01 17.61
C4 NAG M . 1.95 -49.42 17.08
C5 NAG M . 3.27 -49.98 17.61
C6 NAG M . 3.54 -51.30 16.95
C7 NAG M . 2.79 -44.77 17.01
C8 NAG M . 2.04 -43.52 17.43
N2 NAG M . 2.78 -45.82 17.83
O3 NAG M . 0.60 -47.44 17.01
O4 NAG M . 0.86 -50.23 17.51
O5 NAG M . 4.37 -49.10 17.25
O6 NAG M . 4.85 -51.76 17.23
O7 NAG M . 3.38 -44.79 15.93
C1 BMA M . -0.10 -50.51 16.57
C2 BMA M . -0.46 -51.99 16.73
C3 BMA M . -1.52 -52.35 15.67
C4 BMA M . -2.73 -51.41 15.92
C5 BMA M . -2.36 -49.91 15.95
C6 BMA M . -3.48 -48.96 16.42
O2 BMA M . -0.98 -52.26 18.03
O3 BMA M . -1.87 -53.72 15.89
O4 BMA M . -3.82 -51.61 15.03
O5 BMA M . -1.23 -49.65 16.80
O6 BMA M . -4.39 -48.64 15.37
C1 MAN M . -0.74 -54.57 15.88
C2 MAN M . -0.95 -55.68 14.82
C3 MAN M . -2.10 -56.57 15.27
C4 MAN M . -2.01 -57.09 16.73
C5 MAN M . -1.70 -55.91 17.64
C6 MAN M . -1.51 -56.31 19.11
O2 MAN M . 0.21 -56.46 14.55
O3 MAN M . -2.26 -57.60 14.33
O4 MAN M . -3.28 -57.61 17.09
O5 MAN M . -0.53 -55.13 17.16
O6 MAN M . -2.62 -55.86 19.90
C1 GAL N . 37.38 -29.54 29.74
C2 GAL N . 35.99 -28.95 30.05
C3 GAL N . 34.94 -29.32 28.98
C4 GAL N . 35.51 -29.05 27.58
C5 GAL N . 36.84 -29.75 27.44
C6 GAL N . 37.39 -29.42 26.10
O1 GAL N . 38.35 -29.01 30.58
O2 GAL N . 35.57 -29.43 31.32
O3 GAL N . 33.78 -28.49 29.20
O4 GAL N . 35.65 -27.66 27.30
O5 GAL N . 37.77 -29.23 28.40
O6 GAL N . 37.45 -30.55 25.27
C1 SIA N . 31.49 -27.91 29.51
C2 SIA N . 32.53 -29.06 29.44
C3 SIA N . 32.51 -29.86 30.75
C4 SIA N . 31.09 -30.41 30.94
C5 SIA N . 30.62 -31.19 29.69
C6 SIA N . 30.88 -30.42 28.39
C7 SIA N . 30.61 -31.22 27.12
C8 SIA N . 31.09 -30.39 25.93
C9 SIA N . 30.90 -31.08 24.58
C10 SIA N . 28.64 -32.60 29.50
C11 SIA N . 27.13 -32.71 29.44
N5 SIA N . 29.18 -31.42 29.82
O1A SIA N . 31.22 -27.40 30.62
O1B SIA N . 30.95 -27.53 28.44
O4 SIA N . 31.04 -31.26 32.07
O6 SIA N . 32.23 -29.93 28.35
O7 SIA N . 31.28 -32.47 27.16
O8 SIA N . 30.41 -29.13 25.91
O9 SIA N . 31.08 -30.12 23.55
O10 SIA N . 29.29 -33.58 29.24
C1 NAG O . -0.68 25.58 -20.40
C2 NAG O . -0.01 26.47 -21.46
C3 NAG O . 1.51 26.30 -21.40
C4 NAG O . 2.02 26.59 -19.97
C5 NAG O . 1.27 25.69 -18.98
C6 NAG O . 1.68 25.95 -17.54
C7 NAG O . -0.24 26.95 -23.80
C8 NAG O . 0.64 26.40 -24.93
N2 NAG O . -0.50 26.13 -22.78
O3 NAG O . 2.12 27.20 -22.33
O4 NAG O . 3.43 26.36 -19.86
O5 NAG O . -0.17 25.90 -19.09
O6 NAG O . 0.57 26.01 -16.67
O7 NAG O . -0.66 28.10 -23.85
C1 NAG P . -9.44 55.33 -16.32
C2 NAG P . -8.03 55.91 -16.16
C3 NAG P . -8.06 57.44 -16.18
C4 NAG P . -8.76 57.92 -17.46
C5 NAG P . -10.16 57.27 -17.54
C6 NAG P . -10.88 57.64 -18.83
C7 NAG P . -6.33 54.65 -15.05
C8 NAG P . -5.09 55.03 -14.27
N2 NAG P . -7.39 55.44 -14.95
O3 NAG P . -6.73 57.96 -16.14
O4 NAG P . -8.87 59.33 -17.47
O5 NAG P . -10.05 55.83 -17.52
O6 NAG P . -10.23 57.09 -19.96
O7 NAG P . -6.33 53.64 -15.76
C1 NAG Q . -32.37 7.40 -6.56
C2 NAG Q . -31.69 6.34 -7.43
C3 NAG Q . -32.22 6.39 -8.91
C4 NAG Q . -33.75 6.51 -9.00
C5 NAG Q . -34.23 7.62 -8.02
C6 NAG Q . -35.71 8.07 -8.16
C7 NAG Q . -29.42 6.10 -8.14
C8 NAG Q . -28.54 6.95 -9.04
N2 NAG Q . -30.32 6.78 -7.44
O3 NAG Q . -31.85 5.21 -9.62
O4 NAG Q . -34.13 6.84 -10.33
O5 NAG Q . -33.81 7.33 -6.62
O6 NAG Q . -35.84 9.20 -9.01
O7 NAG Q . -29.29 4.90 -8.06
C1 NAG R . -3.49 -37.80 -19.30
C2 NAG R . -2.31 -37.69 -20.28
C3 NAG R . -2.42 -38.63 -21.49
C4 NAG R . -2.70 -40.08 -21.06
C5 NAG R . -3.95 -40.03 -20.15
C6 NAG R . -4.56 -41.39 -19.74
C7 NAG R . -1.48 -35.93 -21.71
C8 NAG R . -2.17 -35.77 -23.04
N2 NAG R . -2.28 -36.30 -20.76
O3 NAG R . -1.20 -38.58 -22.20
O4 NAG R . -2.91 -40.91 -22.21
O5 NAG R . -3.69 -39.19 -18.97
O6 NAG R . -5.75 -41.22 -18.97
O7 NAG R . -0.30 -35.62 -21.60
C1 NAG S . -44.22 30.36 -23.00
C2 NAG S . -44.37 29.51 -24.26
C3 NAG S . -45.16 30.29 -25.33
C4 NAG S . -46.50 30.76 -24.75
C5 NAG S . -46.24 31.58 -23.48
C6 NAG S . -47.51 32.05 -22.80
C7 NAG S . -42.58 27.93 -24.60
C8 NAG S . -41.40 27.52 -25.48
N2 NAG S . -43.06 29.16 -24.77
O3 NAG S . -45.38 29.48 -26.47
O4 NAG S . -47.19 31.54 -25.72
O5 NAG S . -45.51 30.77 -22.52
O6 NAG S . -48.12 31.00 -22.06
O7 NAG S . -43.04 27.14 -23.76
C1 NAG T . -5.09 28.06 16.53
C2 NAG T . -4.68 26.91 17.51
C3 NAG T . -3.29 27.08 18.06
C4 NAG T . -2.42 27.26 16.91
C5 NAG T . -2.66 28.55 16.17
C6 NAG T . -1.79 28.30 14.96
C7 NAG T . -5.69 25.87 19.36
C8 NAG T . -4.95 25.79 20.70
N2 NAG T . -5.57 26.96 18.64
O3 NAG T . -2.95 25.86 18.68
O4 NAG T . -1.05 27.05 17.24
O5 NAG T . -4.02 28.57 15.66
O6 NAG T . -2.28 27.13 14.28
O7 NAG T . -6.31 24.89 18.95
C1 NAG U . 4.21 -23.09 35.05
C2 NAG U . 4.37 -23.71 36.40
C3 NAG U . 3.71 -25.07 36.32
C4 NAG U . 2.21 -24.93 35.89
C5 NAG U . 2.08 -24.19 34.58
C6 NAG U . 0.61 -23.82 34.29
C7 NAG U . 6.27 -22.98 37.64
C8 NAG U . 7.74 -22.69 37.61
N2 NAG U . 5.80 -23.79 36.70
O3 NAG U . 3.75 -25.71 37.57
O4 NAG U . 1.55 -26.19 35.82
O5 NAG U . 2.81 -22.96 34.70
O6 NAG U . 0.44 -23.47 32.92
O7 NAG U . 5.54 -22.41 38.45
C1 NAG V . 12.79 7.57 17.90
C2 NAG V . 13.69 8.77 17.60
C3 NAG V . 14.59 8.49 16.41
C4 NAG V . 15.44 7.26 16.67
C5 NAG V . 14.42 6.13 16.80
C6 NAG V . 15.09 4.74 16.87
C7 NAG V . 12.05 10.46 18.16
C8 NAG V . 10.58 10.58 17.79
N2 NAG V . 12.86 9.91 17.26
O3 NAG V . 15.44 9.58 16.15
O4 NAG V . 16.35 7.08 15.59
O5 NAG V . 13.59 6.36 17.98
O6 NAG V . 14.15 3.67 16.82
O7 NAG V . 12.44 10.86 19.25
C1 NAG W . -34.70 43.62 17.14
C2 NAG W . -35.59 42.79 18.15
C3 NAG W . -36.83 43.59 18.58
C4 NAG W . -36.37 44.93 19.11
C5 NAG W . -35.51 45.71 18.05
C6 NAG W . -34.98 47.01 18.59
C7 NAG W . -35.45 40.36 18.01
C8 NAG W . -36.25 39.03 18.01
N2 NAG W . -36.01 41.51 17.59
O3 NAG W . -37.59 42.88 19.56
O4 NAG W . -37.51 45.68 19.51
O5 NAG W . -34.36 44.92 17.68
O6 NAG W . -33.82 46.71 19.35
O7 NAG W . -34.29 40.33 18.41
#